data_6A6E
#
_entry.id   6A6E
#
_cell.length_a   106.302
_cell.length_b   218.716
_cell.length_c   89.630
_cell.angle_alpha   90.00
_cell.angle_beta   90.00
_cell.angle_gamma   90.00
#
_symmetry.space_group_name_H-M   'P 21 21 2'
#
loop_
_entity.id
_entity.type
_entity.pdbx_description
1 polymer 'Cysteine desulfurase'
2 non-polymer "PYRIDOXAL-5'-PHOSPHATE"
3 non-polymer GLYCEROL
4 non-polymer 'CITRIC ACID'
5 non-polymer DI(HYDROXYETHYL)ETHER
6 water water
#
_entity_poly.entity_id   1
_entity_poly.type   'polypeptide(L)'
_entity_poly.pdbx_seq_one_letter_code
;SSGHMRSTVFSDEEFSNILNDFPALKRNINGKRLVYLDNAASTLKCKSVIEKMTDFYLYHYSNIHRAVHTLASEATVAYE
QAREKVANFLNASSEEIIFTSGTTMGINFLVNSLAKSGILKTEDTVLISQVEHHANLVPWVRLSKFYGFKVAYITADEKG
VITNESILKTKESIPNPKVVSITGQSNVTGQEMPIELIRETFKNATLIVDGAQLVPHKKVDVKKLDVDFLVFSGHKILGP
TGIGVLYGKKALLEQLEPFLYGGEMIDKVTFEDVTFNVLPYRFEAGTQHITGAVGLGYTIDYLESIGFEKVEKHVEELSN
YLLEKMMELDFVEVYGPIDSSHKSLVSFNVKGVHPHDVSHILDENFGVATRSGHH(CSS)AQPLMGVLAKGSKIDFPNST
VRASVYLYNTKEDIDVLIEGLKYIRRWFE
;
_entity_poly.pdbx_strand_id   A,B,C,D
#
# COMPACT_ATOMS: atom_id res chain seq x y z
N HIS A 4 33.51 -22.87 44.26
CA HIS A 4 32.26 -23.38 44.90
C HIS A 4 31.26 -22.23 45.10
N MET A 5 30.08 -22.39 44.52
CA MET A 5 29.03 -21.35 44.58
C MET A 5 28.44 -21.13 45.97
N ARG A 6 28.85 -21.95 46.93
CA ARG A 6 28.52 -21.82 48.34
C ARG A 6 27.10 -22.31 48.68
N SER A 7 26.71 -23.43 48.06
CA SER A 7 25.42 -24.10 48.33
C SER A 7 25.58 -25.37 49.17
N THR A 8 24.78 -25.51 50.21
CA THR A 8 24.69 -26.79 50.92
C THR A 8 23.72 -27.78 50.17
N VAL A 9 23.08 -27.33 49.09
CA VAL A 9 21.93 -28.02 48.49
C VAL A 9 22.29 -28.59 47.14
N PHE A 10 22.94 -27.79 46.29
CA PHE A 10 23.20 -28.15 44.91
C PHE A 10 24.70 -28.27 44.70
N SER A 11 25.14 -29.24 43.89
CA SER A 11 26.52 -29.33 43.46
C SER A 11 26.86 -28.12 42.58
N ASP A 12 28.12 -27.87 42.34
CA ASP A 12 28.47 -26.73 41.48
C ASP A 12 28.01 -26.97 40.06
N GLU A 13 27.96 -28.23 39.65
CA GLU A 13 27.44 -28.56 38.34
C GLU A 13 25.90 -28.44 38.18
N GLU A 14 25.13 -28.95 39.15
CA GLU A 14 23.68 -28.84 39.06
C GLU A 14 23.32 -27.35 39.04
N PHE A 15 23.95 -26.59 39.94
CA PHE A 15 23.62 -25.22 40.12
C PHE A 15 24.02 -24.44 38.89
N SER A 16 25.16 -24.77 38.36
CA SER A 16 25.61 -24.13 37.16
C SER A 16 24.64 -24.37 35.99
N ASN A 17 24.14 -25.60 35.90
CA ASN A 17 23.13 -25.98 34.91
C ASN A 17 21.81 -25.19 35.08
N ILE A 18 21.38 -25.05 36.32
CA ILE A 18 20.22 -24.22 36.62
C ILE A 18 20.41 -22.79 36.13
N LEU A 19 21.48 -22.11 36.53
CA LEU A 19 21.70 -20.76 36.08
C LEU A 19 21.72 -20.67 34.56
N ASN A 20 22.26 -21.68 33.89
CA ASN A 20 22.29 -21.58 32.43
C ASN A 20 20.88 -21.68 31.79
N ASP A 21 19.88 -22.13 32.54
CA ASP A 21 18.49 -22.21 32.06
C ASP A 21 17.85 -20.80 31.92
N PHE A 22 18.45 -19.75 32.52
CA PHE A 22 17.86 -18.39 32.54
C PHE A 22 18.63 -17.36 31.76
N PRO A 23 18.30 -17.21 30.48
CA PRO A 23 19.11 -16.38 29.66
C PRO A 23 19.22 -14.94 30.12
N ALA A 24 18.23 -14.40 30.83
CA ALA A 24 18.33 -13.02 31.25
C ALA A 24 19.59 -12.78 32.11
N LEU A 25 20.09 -13.82 32.78
CA LEU A 25 21.23 -13.68 33.63
C LEU A 25 22.52 -13.23 32.85
N LYS A 26 22.54 -13.41 31.54
CA LYS A 26 23.63 -12.94 30.67
C LYS A 26 23.54 -11.49 30.31
N ARG A 27 22.47 -10.80 30.71
CA ARG A 27 22.30 -9.40 30.41
C ARG A 27 23.36 -8.64 31.27
N ASN A 28 23.93 -7.57 30.72
CA ASN A 28 24.77 -6.64 31.50
C ASN A 28 24.12 -5.28 31.54
N ILE A 29 24.20 -4.62 32.70
CA ILE A 29 23.75 -3.22 32.88
C ILE A 29 25.00 -2.39 33.14
N ASN A 30 25.31 -1.48 32.22
CA ASN A 30 26.53 -0.70 32.31
C ASN A 30 27.76 -1.49 32.56
N GLY A 31 27.90 -2.64 31.92
CA GLY A 31 29.06 -3.49 32.11
C GLY A 31 29.09 -4.36 33.35
N LYS A 32 28.02 -4.40 34.15
CA LYS A 32 27.92 -5.37 35.26
C LYS A 32 26.78 -6.39 35.01
N ARG A 33 27.02 -7.65 35.38
CA ARG A 33 26.02 -8.67 35.18
C ARG A 33 24.77 -8.33 36.00
N LEU A 34 23.66 -8.78 35.45
CA LEU A 34 22.35 -8.62 36.07
C LEU A 34 22.33 -9.39 37.35
N VAL A 35 22.05 -8.70 38.42
CA VAL A 35 21.80 -9.33 39.69
C VAL A 35 20.30 -9.13 40.01
N TYR A 36 19.49 -10.15 39.76
CA TYR A 36 18.01 -9.98 39.79
C TYR A 36 17.46 -10.32 41.15
N LEU A 37 17.13 -9.26 41.89
CA LEU A 37 16.58 -9.39 43.24
C LEU A 37 15.17 -8.75 43.40
N ASP A 38 14.36 -8.84 42.34
CA ASP A 38 12.96 -8.37 42.37
C ASP A 38 11.99 -9.54 42.10
N ASN A 39 12.37 -10.69 42.65
CA ASN A 39 11.63 -11.96 42.46
C ASN A 39 10.22 -11.96 43.04
N ALA A 40 10.02 -11.15 44.07
CA ALA A 40 8.76 -10.98 44.72
C ALA A 40 7.72 -10.24 43.86
N ALA A 41 8.17 -9.49 42.87
CA ALA A 41 7.32 -8.87 41.90
C ALA A 41 7.02 -9.81 40.72
N SER A 42 8.04 -10.45 40.16
CA SER A 42 7.87 -11.50 39.19
C SER A 42 9.19 -12.24 38.99
N THR A 43 9.14 -13.41 38.39
CA THR A 43 10.38 -14.20 38.20
C THR A 43 10.81 -14.33 36.77
N LEU A 44 12.06 -14.71 36.61
CA LEU A 44 12.67 -14.85 35.28
C LEU A 44 12.26 -16.20 34.71
N LYS A 45 12.33 -16.33 33.39
CA LYS A 45 11.82 -17.51 32.69
C LYS A 45 12.90 -18.46 32.21
N CYS A 46 12.54 -19.74 32.29
CA CYS A 46 13.39 -20.84 31.95
C CYS A 46 13.31 -21.12 30.46
N LYS A 47 14.45 -21.19 29.78
CA LYS A 47 14.45 -21.35 28.33
C LYS A 47 13.78 -22.64 27.89
N SER A 48 14.03 -23.75 28.58
CA SER A 48 13.46 -25.02 28.12
C SER A 48 11.95 -25.02 28.29
N VAL A 49 11.44 -24.36 29.35
CA VAL A 49 9.98 -24.29 29.55
C VAL A 49 9.37 -23.45 28.45
N ILE A 50 9.97 -22.32 28.16
CA ILE A 50 9.42 -21.44 27.16
C ILE A 50 9.45 -22.08 25.77
N GLU A 51 10.50 -22.88 25.47
CA GLU A 51 10.58 -23.64 24.21
C GLU A 51 9.46 -24.64 24.10
N LYS A 52 9.10 -25.27 25.20
CA LYS A 52 7.99 -26.17 25.13
C LYS A 52 6.65 -25.48 24.86
N MET A 53 6.43 -24.32 25.45
CA MET A 53 5.25 -23.50 25.09
C MET A 53 5.20 -23.07 23.67
N THR A 54 6.36 -22.71 23.14
CA THR A 54 6.52 -22.37 21.73
C THR A 54 6.14 -23.55 20.79
N ASP A 55 6.64 -24.75 21.09
CA ASP A 55 6.29 -25.96 20.36
C ASP A 55 4.76 -26.23 20.43
N PHE A 56 4.18 -26.01 21.61
CA PHE A 56 2.77 -26.15 21.76
C PHE A 56 1.97 -25.16 20.87
N TYR A 57 2.30 -23.86 20.93
CA TYR A 57 1.66 -22.84 20.11
C TYR A 57 1.78 -23.14 18.63
N LEU A 58 2.96 -23.65 18.23
CA LEU A 58 3.24 -23.72 16.78
C LEU A 58 2.75 -25.06 16.20
N TYR A 59 2.68 -26.12 16.98
CA TYR A 59 2.41 -27.45 16.43
C TYR A 59 1.22 -28.22 17.06
N HIS A 60 0.77 -27.81 18.25
CA HIS A 60 -0.23 -28.63 18.96
C HIS A 60 -1.45 -27.84 19.41
N TYR A 61 -1.76 -26.78 18.70
CA TYR A 61 -2.66 -25.74 19.24
C TYR A 61 -3.98 -25.69 18.50
N SER A 62 -5.07 -25.58 19.26
CA SER A 62 -6.38 -25.25 18.78
C SER A 62 -7.22 -25.00 20.01
N ASN A 63 -8.47 -24.59 19.84
CA ASN A 63 -9.33 -24.38 21.00
C ASN A 63 -9.75 -25.74 21.52
N ILE A 64 -10.09 -25.79 22.78
CA ILE A 64 -10.20 -27.06 23.47
C ILE A 64 -11.63 -27.40 23.88
N HIS A 65 -11.82 -28.63 24.32
CA HIS A 65 -13.14 -29.23 24.66
C HIS A 65 -13.94 -29.48 23.34
N ARG A 66 -14.91 -30.40 23.39
CA ARG A 66 -15.73 -30.75 22.17
C ARG A 66 -14.78 -31.03 21.03
N ALA A 67 -13.76 -31.82 21.32
CA ALA A 67 -12.62 -31.90 20.42
C ALA A 67 -12.91 -33.04 19.44
N VAL A 68 -13.02 -32.77 18.16
CA VAL A 68 -13.11 -33.87 17.25
C VAL A 68 -11.88 -33.93 16.35
N HIS A 69 -11.39 -32.80 15.91
CA HIS A 69 -10.24 -32.87 15.09
C HIS A 69 -8.91 -33.05 15.88
N THR A 70 -7.87 -33.38 15.14
CA THR A 70 -6.61 -33.84 15.72
C THR A 70 -5.92 -32.78 16.59
N LEU A 71 -5.73 -31.56 16.08
CA LEU A 71 -5.17 -30.51 16.95
C LEU A 71 -6.03 -30.21 18.18
N ALA A 72 -7.34 -30.14 18.03
CA ALA A 72 -8.18 -29.88 19.18
C ALA A 72 -8.06 -30.96 20.22
N SER A 73 -7.94 -32.24 19.83
CA SER A 73 -7.67 -33.33 20.82
C SER A 73 -6.35 -33.18 21.54
N GLU A 74 -5.29 -32.91 20.82
CA GLU A 74 -3.98 -32.72 21.38
C GLU A 74 -4.02 -31.57 22.40
N ALA A 75 -4.67 -30.46 22.03
CA ALA A 75 -4.64 -29.27 22.87
C ALA A 75 -5.47 -29.59 24.11
N THR A 76 -6.59 -30.28 23.94
CA THR A 76 -7.44 -30.59 25.05
C THR A 76 -6.77 -31.52 26.07
N VAL A 77 -6.16 -32.55 25.56
CA VAL A 77 -5.37 -33.49 26.41
C VAL A 77 -4.24 -32.75 27.15
N ALA A 78 -3.53 -31.88 26.46
CA ALA A 78 -2.42 -31.19 27.10
C ALA A 78 -2.92 -30.29 28.21
N TYR A 79 -4.03 -29.59 27.97
CA TYR A 79 -4.63 -28.72 28.99
C TYR A 79 -5.07 -29.48 30.24
N GLU A 80 -5.84 -30.54 30.06
CA GLU A 80 -6.23 -31.35 31.23
C GLU A 80 -5.03 -32.02 31.93
N GLN A 81 -3.98 -32.43 31.19
CA GLN A 81 -2.74 -32.92 31.79
C GLN A 81 -2.13 -31.82 32.66
N ALA A 82 -2.17 -30.55 32.21
CA ALA A 82 -1.63 -29.47 33.02
C ALA A 82 -2.42 -29.32 34.34
N ARG A 83 -3.75 -29.43 34.29
CA ARG A 83 -4.57 -29.30 35.48
C ARG A 83 -4.12 -30.35 36.52
N GLU A 84 -3.85 -31.55 36.00
CA GLU A 84 -3.42 -32.66 36.87
C GLU A 84 -2.04 -32.43 37.52
N LYS A 85 -1.11 -31.90 36.76
CA LYS A 85 0.20 -31.55 37.33
C LYS A 85 0.07 -30.53 38.47
N VAL A 86 -0.85 -29.57 38.33
CA VAL A 86 -1.04 -28.56 39.35
C VAL A 86 -1.72 -29.24 40.58
N ALA A 87 -2.71 -30.08 40.34
CA ALA A 87 -3.39 -30.78 41.41
C ALA A 87 -2.35 -31.64 42.16
N ASN A 88 -1.48 -32.35 41.46
CA ASN A 88 -0.50 -33.20 42.18
C ASN A 88 0.47 -32.33 42.96
N PHE A 89 0.84 -31.18 42.43
CA PHE A 89 1.76 -30.28 43.13
C PHE A 89 1.22 -29.75 44.44
N LEU A 90 -0.11 -29.58 44.54
CA LEU A 90 -0.75 -29.06 45.76
C LEU A 90 -1.38 -30.19 46.62
N ASN A 91 -1.31 -31.43 46.17
CA ASN A 91 -2.09 -32.54 46.77
C ASN A 91 -3.59 -32.32 46.76
N ALA A 92 -4.10 -31.83 45.63
CA ALA A 92 -5.54 -31.67 45.44
C ALA A 92 -5.99 -32.65 44.45
N SER A 93 -7.31 -32.72 44.29
CA SER A 93 -7.79 -33.53 43.23
C SER A 93 -8.00 -32.57 42.00
N SER A 94 -7.90 -33.12 40.79
CA SER A 94 -7.96 -32.29 39.56
C SER A 94 -9.24 -31.45 39.45
N GLU A 95 -10.38 -31.93 39.94
CA GLU A 95 -11.62 -31.16 39.85
C GLU A 95 -11.69 -29.99 40.86
N GLU A 96 -10.71 -29.89 41.77
CA GLU A 96 -10.57 -28.80 42.71
C GLU A 96 -9.63 -27.65 42.22
N ILE A 97 -9.04 -27.85 41.05
CA ILE A 97 -8.17 -26.87 40.44
C ILE A 97 -8.91 -26.11 39.32
N ILE A 98 -9.03 -24.80 39.50
CA ILE A 98 -9.58 -23.91 38.53
C ILE A 98 -8.52 -22.97 38.02
N PHE A 99 -8.35 -22.91 36.69
CA PHE A 99 -7.42 -21.95 36.08
C PHE A 99 -8.10 -20.57 35.98
N THR A 100 -7.35 -19.56 36.43
CA THR A 100 -7.72 -18.16 36.34
C THR A 100 -6.64 -17.32 35.65
N SER A 101 -6.81 -16.00 35.67
CA SER A 101 -5.81 -15.05 35.13
C SER A 101 -4.72 -14.71 36.14
N GLY A 102 -4.92 -15.10 37.42
CA GLY A 102 -3.94 -14.73 38.48
C GLY A 102 -4.51 -14.75 39.89
N THR A 103 -3.65 -14.50 40.86
CA THR A 103 -4.08 -14.36 42.24
C THR A 103 -5.21 -13.33 42.38
N THR A 104 -4.99 -12.13 41.85
CA THR A 104 -5.95 -11.07 41.96
C THR A 104 -7.33 -11.50 41.49
N MET A 105 -7.42 -12.08 40.30
CA MET A 105 -8.74 -12.57 39.82
C MET A 105 -9.34 -13.58 40.81
N GLY A 106 -8.54 -14.55 41.23
CA GLY A 106 -8.97 -15.51 42.26
C GLY A 106 -9.62 -14.94 43.49
N ILE A 107 -9.04 -13.91 44.09
CA ILE A 107 -9.62 -13.27 45.24
C ILE A 107 -10.93 -12.61 44.86
N ASN A 108 -10.94 -11.90 43.74
CA ASN A 108 -12.18 -11.26 43.31
C ASN A 108 -13.29 -12.30 43.08
N PHE A 109 -12.93 -13.44 42.50
CA PHE A 109 -13.83 -14.55 42.24
C PHE A 109 -14.48 -14.96 43.59
N LEU A 110 -13.67 -15.11 44.61
CA LEU A 110 -14.18 -15.58 45.91
C LEU A 110 -15.15 -14.57 46.57
N VAL A 111 -14.79 -13.30 46.62
CA VAL A 111 -15.62 -12.33 47.28
C VAL A 111 -17.00 -12.30 46.60
N ASN A 112 -16.99 -12.16 45.28
CA ASN A 112 -18.21 -12.08 44.53
C ASN A 112 -18.99 -13.40 44.60
N SER A 113 -18.33 -14.54 44.42
CA SER A 113 -19.06 -15.80 44.48
C SER A 113 -19.58 -16.06 45.91
N LEU A 114 -18.80 -15.81 46.94
CA LEU A 114 -19.35 -16.02 48.32
C LEU A 114 -20.62 -15.17 48.58
N ALA A 115 -20.66 -13.94 48.10
CA ALA A 115 -21.81 -13.08 48.31
C ALA A 115 -23.03 -13.52 47.49
N LYS A 116 -22.79 -13.94 46.25
CA LYS A 116 -23.90 -14.36 45.39
C LYS A 116 -24.45 -15.69 45.78
N SER A 117 -23.64 -16.52 46.42
CA SER A 117 -24.08 -17.79 46.85
C SER A 117 -24.87 -17.72 48.18
N GLY A 118 -24.92 -16.54 48.78
CA GLY A 118 -25.54 -16.39 50.07
C GLY A 118 -24.75 -16.84 51.28
N ILE A 119 -23.44 -17.04 51.16
CA ILE A 119 -22.63 -17.49 52.24
C ILE A 119 -22.09 -16.26 53.00
N LEU A 120 -21.60 -15.26 52.28
CA LEU A 120 -21.15 -14.03 52.90
C LEU A 120 -22.27 -13.03 52.83
N LYS A 121 -22.93 -12.74 53.96
CA LYS A 121 -24.12 -11.85 54.01
C LYS A 121 -23.86 -10.50 54.61
N THR A 122 -24.81 -9.58 54.45
CA THR A 122 -24.73 -8.26 55.08
C THR A 122 -24.50 -8.48 56.56
N GLU A 123 -23.64 -7.68 57.17
CA GLU A 123 -23.35 -7.88 58.59
C GLU A 123 -22.66 -9.19 59.05
N ASP A 124 -22.34 -10.12 58.13
CA ASP A 124 -21.25 -11.06 58.41
C ASP A 124 -19.95 -10.27 58.45
N THR A 125 -18.94 -10.87 59.01
CA THR A 125 -17.61 -10.22 59.06
C THR A 125 -16.63 -11.08 58.31
N VAL A 126 -15.78 -10.40 57.53
CA VAL A 126 -14.63 -10.96 56.91
C VAL A 126 -13.46 -10.46 57.70
N LEU A 127 -12.62 -11.37 58.15
CA LEU A 127 -11.40 -11.04 58.85
C LEU A 127 -10.18 -11.23 57.93
N ILE A 128 -9.41 -10.16 57.76
CA ILE A 128 -8.12 -10.22 57.04
C ILE A 128 -6.99 -9.73 57.95
N SER A 129 -5.76 -9.65 57.47
CA SER A 129 -4.71 -9.13 58.29
C SER A 129 -4.27 -7.74 57.82
N GLN A 130 -3.59 -6.99 58.72
CA GLN A 130 -3.09 -5.68 58.39
C GLN A 130 -1.96 -5.70 57.35
N VAL A 131 -1.30 -6.82 57.15
CA VAL A 131 -0.22 -6.83 56.21
C VAL A 131 -0.63 -7.31 54.80
N GLU A 132 -1.92 -7.45 54.52
CA GLU A 132 -2.34 -7.97 53.17
C GLU A 132 -1.93 -7.02 52.02
N HIS A 133 -1.51 -7.65 50.95
CA HIS A 133 -1.43 -7.08 49.63
C HIS A 133 -2.81 -6.54 49.21
N HIS A 134 -2.80 -5.44 48.43
CA HIS A 134 -4.04 -4.84 47.92
C HIS A 134 -4.99 -5.88 47.30
N ALA A 135 -4.43 -6.89 46.67
CA ALA A 135 -5.26 -7.97 46.04
C ALA A 135 -6.15 -8.75 47.00
N ASN A 136 -5.67 -8.86 48.24
CA ASN A 136 -6.44 -9.49 49.34
C ASN A 136 -6.92 -8.46 50.37
N LEU A 137 -7.17 -7.22 49.93
CA LEU A 137 -7.61 -6.16 50.81
C LEU A 137 -8.65 -5.31 50.09
N VAL A 138 -8.29 -4.74 48.96
CA VAL A 138 -9.21 -3.86 48.26
C VAL A 138 -10.49 -4.53 47.82
N PRO A 139 -10.48 -5.79 47.36
CA PRO A 139 -11.79 -6.31 47.01
C PRO A 139 -12.76 -6.36 48.22
N TRP A 140 -12.27 -6.80 49.36
CA TRP A 140 -13.07 -6.89 50.57
C TRP A 140 -13.56 -5.49 51.01
N VAL A 141 -12.67 -4.52 51.07
CA VAL A 141 -13.04 -3.20 51.56
C VAL A 141 -13.99 -2.53 50.60
N ARG A 142 -13.71 -2.56 49.30
CA ARG A 142 -14.64 -1.96 48.35
C ARG A 142 -15.97 -2.72 48.22
N LEU A 143 -15.93 -4.04 48.08
CA LEU A 143 -17.17 -4.74 47.94
C LEU A 143 -18.05 -4.76 49.22
N SER A 144 -17.47 -4.50 50.40
CA SER A 144 -18.29 -4.35 51.64
C SER A 144 -19.33 -3.23 51.44
N LYS A 145 -18.99 -2.22 50.65
CA LYS A 145 -19.91 -1.12 50.35
C LYS A 145 -21.06 -1.53 49.45
N PHE A 146 -20.98 -2.62 48.69
CA PHE A 146 -22.06 -3.07 47.81
C PHE A 146 -22.83 -4.20 48.45
N TYR A 147 -22.18 -5.10 49.18
CA TYR A 147 -22.86 -6.24 49.70
C TYR A 147 -23.19 -6.13 51.21
N GLY A 148 -22.63 -5.15 51.91
CA GLY A 148 -22.91 -4.88 53.32
C GLY A 148 -22.13 -5.62 54.42
N PHE A 149 -21.18 -6.50 54.06
CA PHE A 149 -20.46 -7.25 55.11
C PHE A 149 -19.49 -6.26 55.73
N LYS A 150 -18.86 -6.65 56.83
CA LYS A 150 -17.91 -5.81 57.53
C LYS A 150 -16.55 -6.45 57.38
N VAL A 151 -15.53 -5.64 57.46
CA VAL A 151 -14.17 -6.13 57.39
C VAL A 151 -13.46 -5.82 58.71
N ALA A 152 -12.75 -6.80 59.24
CA ALA A 152 -11.98 -6.65 60.51
C ALA A 152 -10.59 -7.15 60.26
N TYR A 153 -9.63 -6.68 61.05
CA TYR A 153 -8.22 -7.01 60.82
C TYR A 153 -7.55 -7.68 62.00
N ILE A 154 -6.69 -8.67 61.76
CA ILE A 154 -5.70 -9.12 62.73
C ILE A 154 -4.57 -8.10 62.72
N THR A 155 -4.21 -7.54 63.87
CA THR A 155 -3.27 -6.41 63.87
C THR A 155 -1.84 -6.89 63.89
N ALA A 156 -0.96 -6.10 63.27
CA ALA A 156 0.43 -6.39 63.22
C ALA A 156 1.14 -5.50 64.22
N ASP A 157 2.36 -5.88 64.62
CA ASP A 157 3.10 -5.07 65.55
C ASP A 157 3.87 -4.01 64.73
N GLU A 158 4.75 -3.30 65.42
CA GLU A 158 5.28 -2.07 64.88
C GLU A 158 6.42 -2.38 63.93
N LYS A 159 6.84 -3.64 63.87
CA LYS A 159 7.76 -4.15 62.85
C LYS A 159 6.99 -4.89 61.68
N GLY A 160 5.66 -4.89 61.75
CA GLY A 160 4.83 -5.56 60.78
C GLY A 160 4.59 -7.04 61.00
N VAL A 161 4.89 -7.55 62.19
CA VAL A 161 4.81 -8.99 62.49
C VAL A 161 3.42 -9.31 62.96
N ILE A 162 2.86 -10.41 62.44
CA ILE A 162 1.61 -10.97 62.95
C ILE A 162 2.01 -12.09 63.96
N THR A 163 1.90 -11.83 65.26
CA THR A 163 2.33 -12.80 66.28
C THR A 163 1.22 -13.79 66.52
N ASN A 164 1.60 -14.98 66.99
CA ASN A 164 0.62 -15.98 67.44
C ASN A 164 -0.34 -15.42 68.45
N GLU A 165 0.19 -14.59 69.35
CA GLU A 165 -0.67 -13.92 70.35
C GLU A 165 -1.69 -13.01 69.73
N SER A 166 -1.27 -12.21 68.73
CA SER A 166 -2.26 -11.36 68.02
C SER A 166 -3.37 -12.22 67.43
N ILE A 167 -3.01 -13.36 66.87
CA ILE A 167 -4.04 -14.25 66.28
C ILE A 167 -5.07 -14.78 67.29
N LEU A 168 -4.55 -15.34 68.38
CA LEU A 168 -5.39 -15.72 69.56
C LEU A 168 -6.17 -14.58 70.19
N LYS A 169 -5.56 -13.40 70.34
CA LYS A 169 -6.32 -12.22 70.83
C LYS A 169 -7.45 -11.74 69.91
N THR A 170 -7.19 -11.75 68.60
CA THR A 170 -8.27 -11.39 67.67
C THR A 170 -9.52 -12.25 67.84
N LYS A 171 -9.35 -13.53 68.10
CA LYS A 171 -10.47 -14.47 68.28
C LYS A 171 -11.38 -14.14 69.45
N GLU A 172 -10.83 -13.52 70.48
CA GLU A 172 -11.66 -13.04 71.60
C GLU A 172 -12.56 -11.95 71.15
N SER A 173 -11.98 -11.01 70.42
CA SER A 173 -12.66 -9.84 69.88
C SER A 173 -13.59 -10.07 68.64
N ILE A 174 -13.16 -10.95 67.72
CA ILE A 174 -13.97 -11.31 66.55
C ILE A 174 -14.13 -12.80 66.60
N PRO A 175 -15.09 -13.30 67.40
CA PRO A 175 -15.04 -14.76 67.64
C PRO A 175 -15.54 -15.68 66.54
N ASN A 176 -16.46 -15.20 65.71
CA ASN A 176 -17.11 -16.04 64.70
C ASN A 176 -17.11 -15.39 63.29
N PRO A 177 -15.93 -15.11 62.74
CA PRO A 177 -15.94 -14.56 61.39
C PRO A 177 -16.49 -15.53 60.35
N LYS A 178 -17.29 -15.04 59.42
CA LYS A 178 -17.83 -15.87 58.38
C LYS A 178 -16.69 -16.31 57.41
N VAL A 179 -15.77 -15.39 57.15
CA VAL A 179 -14.62 -15.64 56.23
C VAL A 179 -13.35 -15.09 56.87
N VAL A 180 -12.26 -15.85 56.75
CA VAL A 180 -10.94 -15.40 57.13
C VAL A 180 -10.08 -15.48 55.82
N SER A 181 -9.48 -14.39 55.40
CA SER A 181 -8.60 -14.40 54.23
C SER A 181 -7.28 -13.86 54.63
N ILE A 182 -6.24 -14.65 54.50
CA ILE A 182 -4.98 -14.19 54.96
C ILE A 182 -3.87 -14.62 54.02
N THR A 183 -2.78 -13.86 54.01
CA THR A 183 -1.63 -14.18 53.21
C THR A 183 -0.90 -15.39 53.79
N GLY A 184 -0.40 -16.23 52.92
CA GLY A 184 0.42 -17.34 53.31
C GLY A 184 1.83 -16.84 53.62
N GLN A 185 2.20 -15.70 53.04
CA GLN A 185 3.49 -15.05 53.33
C GLN A 185 3.47 -13.64 52.78
N SER A 186 3.88 -12.65 53.60
CA SER A 186 3.86 -11.24 53.23
C SER A 186 4.91 -10.97 52.20
N ASN A 187 4.51 -10.19 51.20
CA ASN A 187 5.37 -9.68 50.15
C ASN A 187 6.23 -8.48 50.63
N VAL A 188 6.03 -8.04 51.87
CA VAL A 188 6.82 -6.92 52.48
C VAL A 188 7.63 -7.35 53.72
N THR A 189 6.99 -8.03 54.67
CA THR A 189 7.70 -8.50 55.85
C THR A 189 8.45 -9.78 55.66
N GLY A 190 8.08 -10.56 54.63
CA GLY A 190 8.71 -11.89 54.39
C GLY A 190 8.16 -12.97 55.34
N GLN A 191 7.23 -12.62 56.21
CA GLN A 191 6.79 -13.56 57.24
C GLN A 191 5.88 -14.67 56.66
N GLU A 192 6.34 -15.92 56.74
CA GLU A 192 5.44 -17.06 56.52
C GLU A 192 4.46 -17.21 57.68
N MET A 193 3.16 -17.23 57.37
CA MET A 193 2.14 -17.22 58.38
C MET A 193 1.82 -18.63 58.92
N PRO A 194 1.39 -18.69 60.17
CA PRO A 194 1.03 -19.93 60.83
C PRO A 194 -0.38 -20.35 60.38
N ILE A 195 -0.48 -20.84 59.15
CA ILE A 195 -1.78 -21.20 58.58
C ILE A 195 -2.61 -22.23 59.41
N GLU A 196 -1.97 -23.29 59.88
CA GLU A 196 -2.70 -24.29 60.73
C GLU A 196 -3.21 -23.73 62.05
N LEU A 197 -2.42 -22.86 62.67
CA LEU A 197 -2.89 -22.19 63.90
C LEU A 197 -4.12 -21.34 63.55
N ILE A 198 -4.07 -20.66 62.39
CA ILE A 198 -5.26 -19.89 61.98
C ILE A 198 -6.44 -20.79 61.69
N ARG A 199 -6.19 -21.92 61.03
CA ARG A 199 -7.29 -22.81 60.68
C ARG A 199 -8.02 -23.32 61.96
N GLU A 200 -7.25 -23.69 62.99
CA GLU A 200 -7.89 -24.15 64.30
C GLU A 200 -8.47 -23.06 65.11
N THR A 201 -7.86 -21.87 65.10
CA THR A 201 -8.43 -20.75 65.85
C THR A 201 -9.79 -20.32 65.28
N PHE A 202 -9.93 -20.34 63.95
CA PHE A 202 -11.18 -19.91 63.33
C PHE A 202 -11.77 -21.10 62.61
N LYS A 203 -12.21 -22.03 63.44
CA LYS A 203 -12.55 -23.36 62.99
C LYS A 203 -13.78 -23.41 62.08
N ASN A 204 -14.74 -22.51 62.31
CA ASN A 204 -15.95 -22.40 61.51
C ASN A 204 -15.88 -21.45 60.33
N ALA A 205 -14.76 -20.79 60.11
CA ALA A 205 -14.69 -19.79 59.02
C ALA A 205 -14.42 -20.48 57.70
N THR A 206 -14.87 -19.87 56.62
CA THR A 206 -14.33 -20.19 55.28
C THR A 206 -12.97 -19.56 55.26
N LEU A 207 -11.96 -20.40 55.19
CA LEU A 207 -10.57 -19.95 55.18
C LEU A 207 -9.92 -19.92 53.74
N ILE A 208 -9.51 -18.70 53.36
CA ILE A 208 -8.80 -18.43 52.12
C ILE A 208 -7.36 -18.03 52.43
N VAL A 209 -6.43 -18.63 51.67
CA VAL A 209 -5.07 -18.23 51.74
C VAL A 209 -4.60 -17.66 50.42
N ASP A 210 -4.03 -16.45 50.50
CA ASP A 210 -3.30 -15.84 49.44
C ASP A 210 -1.89 -16.38 49.45
N GLY A 211 -1.66 -17.25 48.49
CA GLY A 211 -0.46 -18.02 48.36
C GLY A 211 0.57 -17.47 47.40
N ALA A 212 0.38 -16.23 46.92
CA ALA A 212 1.22 -15.76 45.76
C ALA A 212 2.72 -15.83 46.02
N GLN A 213 3.14 -15.48 47.25
CA GLN A 213 4.57 -15.44 47.60
C GLN A 213 5.05 -16.78 48.17
N LEU A 214 4.13 -17.54 48.78
CA LEU A 214 4.47 -18.80 49.46
C LEU A 214 4.68 -19.96 48.50
N VAL A 215 3.74 -20.11 47.57
CA VAL A 215 3.71 -21.33 46.73
C VAL A 215 4.96 -21.51 45.90
N PRO A 216 5.58 -20.42 45.42
CA PRO A 216 6.77 -20.59 44.60
C PRO A 216 7.99 -21.23 45.25
N HIS A 217 8.10 -21.16 46.56
CA HIS A 217 9.37 -21.63 47.19
C HIS A 217 9.13 -22.56 48.36
N LYS A 218 7.88 -22.85 48.69
CA LYS A 218 7.65 -23.75 49.77
C LYS A 218 6.55 -24.74 49.47
N LYS A 219 6.80 -25.98 49.85
CA LYS A 219 5.82 -27.02 49.71
C LYS A 219 4.46 -26.69 50.36
N VAL A 220 3.40 -26.88 49.57
CA VAL A 220 2.04 -26.59 50.02
C VAL A 220 1.20 -27.86 49.78
N ASP A 221 0.58 -28.38 50.85
CA ASP A 221 -0.26 -29.55 50.80
C ASP A 221 -1.58 -29.10 51.37
N VAL A 222 -2.57 -28.90 50.47
CA VAL A 222 -3.82 -28.22 50.87
C VAL A 222 -4.64 -29.05 51.87
N LYS A 223 -4.45 -30.35 51.85
CA LYS A 223 -5.16 -31.26 52.78
C LYS A 223 -4.62 -31.20 54.20
N LYS A 224 -3.30 -31.15 54.33
CA LYS A 224 -2.68 -30.87 55.61
C LYS A 224 -3.02 -29.52 56.19
N LEU A 225 -2.97 -28.49 55.35
CA LEU A 225 -3.30 -27.14 55.83
C LEU A 225 -4.80 -27.05 56.14
N ASP A 226 -5.60 -27.84 55.43
CA ASP A 226 -7.06 -27.83 55.56
C ASP A 226 -7.75 -26.48 55.23
N VAL A 227 -7.08 -25.71 54.38
CA VAL A 227 -7.67 -24.50 53.85
C VAL A 227 -8.87 -24.82 53.01
N ASP A 228 -9.82 -23.90 52.96
CA ASP A 228 -10.95 -24.00 52.05
C ASP A 228 -10.64 -23.58 50.61
N PHE A 229 -9.88 -22.52 50.46
CA PHE A 229 -9.48 -22.01 49.18
C PHE A 229 -8.05 -21.55 49.30
N LEU A 230 -7.29 -21.73 48.20
CA LEU A 230 -5.97 -21.14 48.03
C LEU A 230 -5.82 -20.57 46.58
N VAL A 231 -5.13 -19.43 46.46
CA VAL A 231 -4.85 -18.83 45.17
C VAL A 231 -3.36 -18.55 44.99
N PHE A 232 -2.86 -18.64 43.76
CA PHE A 232 -1.52 -18.17 43.46
C PHE A 232 -1.41 -17.79 41.96
N SER A 233 -0.27 -17.20 41.58
CA SER A 233 -0.03 -16.71 40.24
C SER A 233 1.14 -17.45 39.62
N GLY A 234 0.97 -17.81 38.35
CA GLY A 234 1.99 -18.50 37.58
C GLY A 234 3.30 -17.74 37.43
N HIS A 235 3.21 -16.42 37.26
CA HIS A 235 4.39 -15.60 36.85
C HIS A 235 5.43 -15.48 37.97
N LYS A 236 5.00 -15.74 39.21
CA LYS A 236 5.86 -15.79 40.37
C LYS A 236 6.55 -17.11 40.67
N ILE A 237 6.27 -18.15 39.88
CA ILE A 237 6.90 -19.42 40.00
C ILE A 237 7.57 -19.86 38.71
N LEU A 238 8.28 -18.94 38.05
CA LEU A 238 8.90 -19.17 36.74
C LEU A 238 7.94 -19.32 35.58
N GLY A 239 6.65 -19.11 35.82
CA GLY A 239 5.65 -19.42 34.82
C GLY A 239 5.24 -18.31 33.91
N PRO A 240 4.41 -18.64 32.94
CA PRO A 240 3.84 -17.66 32.02
C PRO A 240 3.08 -16.56 32.76
N THR A 241 2.91 -15.43 32.09
CA THR A 241 1.98 -14.45 32.58
C THR A 241 0.57 -14.85 32.17
N GLY A 242 -0.39 -14.21 32.81
CA GLY A 242 -1.80 -14.35 32.44
C GLY A 242 -2.49 -15.60 32.98
N ILE A 243 -1.80 -16.39 33.81
CA ILE A 243 -2.28 -17.66 34.33
C ILE A 243 -2.17 -17.70 35.84
N GLY A 244 -3.27 -18.03 36.49
CA GLY A 244 -3.27 -18.31 37.93
C GLY A 244 -4.06 -19.58 38.21
N VAL A 245 -4.12 -19.91 39.49
CA VAL A 245 -4.78 -21.08 40.02
C VAL A 245 -5.64 -20.73 41.17
N LEU A 246 -6.81 -21.33 41.18
CA LEU A 246 -7.68 -21.30 42.38
C LEU A 246 -7.96 -22.72 42.74
N TYR A 247 -7.64 -23.05 43.99
CA TYR A 247 -7.94 -24.35 44.58
C TYR A 247 -9.11 -24.15 45.47
N GLY A 248 -10.09 -25.04 45.44
CA GLY A 248 -11.08 -25.09 46.49
C GLY A 248 -11.53 -26.50 46.80
N LYS A 249 -11.89 -26.72 48.07
CA LYS A 249 -12.54 -27.97 48.48
C LYS A 249 -13.72 -28.29 47.63
N LYS A 250 -13.73 -29.50 47.10
CA LYS A 250 -14.80 -29.94 46.18
C LYS A 250 -16.18 -29.67 46.74
N ALA A 251 -16.41 -30.02 48.01
CA ALA A 251 -17.74 -29.83 48.64
C ALA A 251 -18.12 -28.39 48.69
N LEU A 252 -17.14 -27.48 48.81
CA LEU A 252 -17.51 -26.07 48.83
C LEU A 252 -17.75 -25.52 47.41
N LEU A 253 -16.87 -25.88 46.48
CA LEU A 253 -17.00 -25.44 45.08
C LEU A 253 -18.35 -25.87 44.54
N GLU A 254 -18.85 -27.06 44.92
CA GLU A 254 -20.12 -27.53 44.42
C GLU A 254 -21.31 -26.67 44.79
N GLN A 255 -21.20 -25.86 45.83
CA GLN A 255 -22.27 -25.00 46.28
CA GLN A 255 -22.31 -24.99 46.27
C GLN A 255 -22.12 -23.51 45.85
N LEU A 256 -21.06 -23.21 45.09
CA LEU A 256 -20.73 -21.81 44.85
C LEU A 256 -21.34 -21.40 43.55
N GLU A 257 -22.03 -20.25 43.51
CA GLU A 257 -22.40 -19.58 42.26
C GLU A 257 -21.11 -19.23 41.40
N PRO A 258 -21.13 -19.50 40.09
CA PRO A 258 -19.94 -19.14 39.26
C PRO A 258 -19.70 -17.67 39.36
N PHE A 259 -18.44 -17.26 39.29
CA PHE A 259 -18.10 -15.84 39.21
C PHE A 259 -18.46 -15.24 37.80
N LEU A 260 -17.81 -15.75 36.78
CA LEU A 260 -18.01 -15.41 35.41
C LEU A 260 -18.88 -16.44 34.67
N TYR A 261 -19.57 -15.94 33.63
CA TYR A 261 -20.43 -16.75 32.80
C TYR A 261 -20.12 -16.65 31.35
N GLY A 262 -20.42 -17.72 30.61
CA GLY A 262 -20.18 -17.79 29.19
C GLY A 262 -20.13 -19.24 28.76
N GLY A 263 -19.35 -19.49 27.73
CA GLY A 263 -19.24 -20.79 27.19
C GLY A 263 -18.45 -21.70 28.05
N GLU A 264 -18.66 -22.99 27.77
CA GLU A 264 -18.08 -24.16 28.47
C GLU A 264 -18.56 -24.38 29.91
N MET A 265 -18.75 -23.33 30.67
CA MET A 265 -19.19 -23.48 32.04
C MET A 265 -20.68 -23.80 32.19
N ILE A 266 -21.43 -23.72 31.09
CA ILE A 266 -22.84 -24.04 31.08
C ILE A 266 -23.05 -25.53 30.79
N ASP A 267 -24.26 -25.96 31.07
CA ASP A 267 -24.74 -27.30 30.64
C ASP A 267 -25.86 -26.98 29.62
N LYS A 268 -26.98 -26.38 30.09
CA LYS A 268 -28.07 -25.99 29.17
C LYS A 268 -28.37 -24.52 29.23
N VAL A 269 -28.53 -23.92 28.07
CA VAL A 269 -28.87 -22.55 28.02
C VAL A 269 -30.14 -22.37 27.17
N THR A 270 -31.10 -21.61 27.65
CA THR A 270 -32.28 -21.19 26.87
C THR A 270 -32.23 -19.68 26.94
N PHE A 271 -33.16 -19.04 26.24
CA PHE A 271 -33.30 -17.60 26.27
C PHE A 271 -33.59 -17.06 27.66
N GLU A 272 -34.16 -17.89 28.54
CA GLU A 272 -34.58 -17.43 29.87
C GLU A 272 -33.85 -17.98 31.12
N ASP A 273 -33.21 -19.14 31.01
CA ASP A 273 -32.53 -19.81 32.12
C ASP A 273 -31.25 -20.51 31.68
N VAL A 274 -30.37 -20.72 32.64
CA VAL A 274 -29.16 -21.52 32.42
C VAL A 274 -28.86 -22.50 33.54
N THR A 275 -28.27 -23.63 33.22
CA THR A 275 -27.71 -24.50 34.22
C THR A 275 -26.20 -24.68 33.88
N PHE A 276 -25.46 -25.23 34.83
CA PHE A 276 -24.00 -25.19 34.79
C PHE A 276 -23.40 -26.55 34.62
N ASN A 277 -22.22 -26.60 34.06
CA ASN A 277 -21.45 -27.81 33.86
C ASN A 277 -20.95 -28.33 35.24
N VAL A 278 -20.37 -29.51 35.23
CA VAL A 278 -19.71 -30.09 36.42
C VAL A 278 -18.38 -29.40 36.72
N LEU A 279 -17.76 -29.76 37.85
CA LEU A 279 -16.45 -29.25 38.28
C LEU A 279 -15.40 -29.88 37.43
N PRO A 280 -14.32 -29.19 37.08
CA PRO A 280 -13.99 -27.79 37.41
C PRO A 280 -14.52 -26.77 36.40
N TYR A 281 -15.12 -27.29 35.34
CA TYR A 281 -15.49 -26.54 34.14
C TYR A 281 -16.53 -25.49 34.42
N ARG A 282 -17.36 -25.76 35.43
CA ARG A 282 -18.27 -24.75 35.97
C ARG A 282 -17.68 -23.36 36.23
N PHE A 283 -16.39 -23.32 36.59
CA PHE A 283 -15.75 -22.08 36.98
C PHE A 283 -14.74 -21.56 35.98
N GLU A 284 -14.77 -22.12 34.77
CA GLU A 284 -13.99 -21.64 33.60
C GLU A 284 -14.87 -21.17 32.44
N ALA A 285 -15.09 -19.86 32.38
CA ALA A 285 -15.93 -19.23 31.39
C ALA A 285 -15.14 -18.79 30.18
N GLY A 286 -15.53 -19.30 29.03
CA GLY A 286 -14.88 -18.98 27.75
C GLY A 286 -13.48 -19.58 27.62
N THR A 287 -12.79 -19.18 26.61
CA THR A 287 -11.45 -19.75 26.35
C THR A 287 -10.46 -19.27 27.43
N GLN A 288 -9.86 -20.23 28.10
CA GLN A 288 -8.91 -19.92 29.13
C GLN A 288 -7.54 -19.62 28.49
N HIS A 289 -6.55 -19.33 29.32
CA HIS A 289 -5.17 -19.18 28.85
C HIS A 289 -4.56 -20.55 28.64
N ILE A 290 -4.98 -21.16 27.52
CA ILE A 290 -4.70 -22.56 27.27
C ILE A 290 -3.19 -22.80 27.31
N THR A 291 -2.41 -21.97 26.61
CA THR A 291 -1.02 -22.22 26.55
C THR A 291 -0.34 -21.83 27.87
N GLY A 292 -0.91 -20.88 28.60
CA GLY A 292 -0.37 -20.48 29.93
C GLY A 292 -0.51 -21.61 30.94
N ALA A 293 -1.66 -22.27 30.90
CA ALA A 293 -1.89 -23.45 31.72
C ALA A 293 -0.87 -24.59 31.39
N VAL A 294 -0.74 -24.92 30.12
CA VAL A 294 0.20 -25.93 29.66
C VAL A 294 1.62 -25.55 30.07
N GLY A 295 1.98 -24.29 29.86
CA GLY A 295 3.27 -23.74 30.31
C GLY A 295 3.49 -23.83 31.80
N LEU A 296 2.48 -23.52 32.57
CA LEU A 296 2.57 -23.68 34.00
C LEU A 296 2.87 -25.14 34.40
N GLY A 297 2.16 -26.05 33.77
CA GLY A 297 2.41 -27.48 33.90
C GLY A 297 3.86 -27.85 33.62
N TYR A 298 4.42 -27.29 32.55
CA TYR A 298 5.82 -27.52 32.22
C TYR A 298 6.81 -26.89 33.21
N THR A 299 6.43 -25.73 33.78
CA THR A 299 7.17 -25.12 34.88
C THR A 299 7.23 -26.01 36.10
N ILE A 300 6.09 -26.53 36.48
CA ILE A 300 6.04 -27.48 37.56
C ILE A 300 6.88 -28.74 37.22
N ASP A 301 6.82 -29.28 35.98
CA ASP A 301 7.69 -30.40 35.64
C ASP A 301 9.17 -30.03 35.86
N TYR A 302 9.57 -28.84 35.45
CA TYR A 302 10.94 -28.36 35.63
C TYR A 302 11.35 -28.31 37.11
N LEU A 303 10.51 -27.73 37.93
CA LEU A 303 10.82 -27.64 39.33
C LEU A 303 10.93 -29.05 39.94
N GLU A 304 10.08 -29.98 39.56
CA GLU A 304 10.09 -31.30 40.16
C GLU A 304 11.30 -32.08 39.64
N SER A 305 11.80 -31.80 38.43
CA SER A 305 13.02 -32.42 37.94
C SER A 305 14.28 -31.97 38.72
N ILE A 306 14.40 -30.70 39.07
CA ILE A 306 15.42 -30.23 39.96
C ILE A 306 15.21 -30.86 41.31
N GLY A 307 13.95 -30.90 41.71
CA GLY A 307 13.55 -31.37 43.01
C GLY A 307 13.13 -30.22 43.88
N PHE A 308 11.86 -30.21 44.25
CA PHE A 308 11.30 -29.00 44.79
C PHE A 308 11.69 -28.80 46.25
N GLU A 309 12.00 -29.89 46.97
CA GLU A 309 12.63 -29.80 48.31
C GLU A 309 14.00 -29.13 48.26
N LYS A 310 14.81 -29.42 47.26
CA LYS A 310 15.99 -28.68 47.08
C LYS A 310 15.72 -27.19 46.77
N VAL A 311 14.67 -26.89 45.99
CA VAL A 311 14.37 -25.50 45.66
C VAL A 311 14.10 -24.76 46.96
N GLU A 312 13.28 -25.36 47.81
CA GLU A 312 12.90 -24.81 49.02
C GLU A 312 14.06 -24.59 49.98
N LYS A 313 14.92 -25.60 50.12
CA LYS A 313 16.15 -25.47 50.94
C LYS A 313 17.09 -24.41 50.42
N HIS A 314 17.31 -24.36 49.10
CA HIS A 314 18.19 -23.36 48.52
C HIS A 314 17.69 -21.95 48.83
N VAL A 315 16.41 -21.71 48.56
CA VAL A 315 15.83 -20.42 48.89
C VAL A 315 15.92 -20.09 50.39
N GLU A 316 15.72 -21.11 51.23
CA GLU A 316 15.88 -20.97 52.66
C GLU A 316 17.30 -20.52 53.02
N GLU A 317 18.31 -21.13 52.43
CA GLU A 317 19.68 -20.76 52.80
C GLU A 317 20.03 -19.37 52.23
N LEU A 318 19.52 -19.04 51.05
CA LEU A 318 19.73 -17.70 50.54
C LEU A 318 19.08 -16.68 51.43
N SER A 319 17.87 -16.98 51.90
CA SER A 319 17.13 -16.07 52.77
C SER A 319 17.83 -15.79 54.08
N ASN A 320 18.34 -16.85 54.72
CA ASN A 320 19.08 -16.71 55.97
C ASN A 320 20.32 -15.86 55.75
N TYR A 321 21.10 -16.14 54.73
CA TYR A 321 22.25 -15.31 54.37
C TYR A 321 21.90 -13.82 54.05
N LEU A 322 20.84 -13.59 53.30
CA LEU A 322 20.42 -12.21 52.99
C LEU A 322 20.06 -11.52 54.31
N LEU A 323 19.23 -12.14 55.13
CA LEU A 323 18.82 -11.48 56.34
C LEU A 323 20.04 -11.25 57.32
N GLU A 324 20.95 -12.22 57.43
CA GLU A 324 22.20 -12.07 58.23
C GLU A 324 23.04 -10.89 57.79
N LYS A 325 23.33 -10.80 56.49
CA LYS A 325 24.15 -9.74 55.98
C LYS A 325 23.47 -8.38 56.15
N MET A 326 22.14 -8.33 56.04
CA MET A 326 21.43 -7.08 56.15
C MET A 326 21.45 -6.61 57.58
N MET A 327 21.25 -7.52 58.51
CA MET A 327 21.25 -7.19 59.93
C MET A 327 22.61 -6.68 60.44
N GLU A 328 23.70 -6.92 59.73
CA GLU A 328 25.03 -6.49 60.17
C GLU A 328 25.26 -5.02 59.84
N LEU A 329 24.49 -4.45 58.90
CA LEU A 329 24.70 -3.07 58.44
C LEU A 329 24.07 -2.12 59.43
N ASP A 330 24.86 -1.17 59.91
CA ASP A 330 24.43 -0.31 61.00
C ASP A 330 23.63 0.87 60.46
N PHE A 331 23.78 1.17 59.16
CA PHE A 331 23.05 2.26 58.47
C PHE A 331 21.73 1.84 57.73
N VAL A 332 21.19 0.65 58.03
CA VAL A 332 19.84 0.22 57.47
C VAL A 332 18.84 -0.09 58.56
N GLU A 333 17.56 0.22 58.33
CA GLU A 333 16.43 -0.24 59.17
C GLU A 333 15.68 -1.40 58.40
N VAL A 334 15.55 -2.58 59.02
CA VAL A 334 14.95 -3.79 58.44
C VAL A 334 13.54 -4.02 59.00
N TYR A 335 12.56 -4.38 58.15
CA TYR A 335 11.20 -4.64 58.63
C TYR A 335 10.90 -6.12 58.64
N GLY A 336 9.94 -6.52 59.46
CA GLY A 336 9.53 -7.91 59.54
C GLY A 336 10.19 -8.64 60.73
N PRO A 337 9.87 -9.93 60.91
CA PRO A 337 10.37 -10.74 62.01
C PRO A 337 11.84 -11.08 61.82
N ILE A 338 12.58 -11.16 62.91
CA ILE A 338 13.98 -11.56 62.83
C ILE A 338 13.97 -12.92 63.48
N ASP A 339 13.54 -13.90 62.72
CA ASP A 339 13.29 -15.24 63.22
C ASP A 339 13.09 -16.12 61.98
N SER A 340 12.83 -17.40 62.13
CA SER A 340 12.93 -18.32 60.98
C SER A 340 11.64 -18.32 60.13
N SER A 341 10.60 -17.65 60.61
CA SER A 341 9.43 -17.34 59.77
C SER A 341 9.76 -16.36 58.60
N HIS A 342 10.88 -15.65 58.67
CA HIS A 342 11.19 -14.62 57.67
C HIS A 342 11.86 -15.28 56.50
N LYS A 343 11.24 -15.29 55.33
CA LYS A 343 11.84 -15.93 54.16
C LYS A 343 11.71 -15.09 52.92
N SER A 344 12.52 -15.37 51.92
CA SER A 344 12.37 -14.91 50.51
C SER A 344 12.85 -13.50 50.26
N LEU A 345 12.57 -12.59 51.19
CA LEU A 345 12.75 -11.18 50.95
C LEU A 345 12.97 -10.35 52.19
N VAL A 346 13.62 -9.19 51.99
CA VAL A 346 13.91 -8.23 53.02
C VAL A 346 13.54 -6.86 52.56
N SER A 347 12.62 -6.25 53.27
CA SER A 347 12.24 -4.88 53.04
C SER A 347 13.03 -4.05 54.07
N PHE A 348 13.52 -2.90 53.63
CA PHE A 348 14.51 -2.09 54.41
C PHE A 348 14.59 -0.65 53.87
N ASN A 349 15.17 0.24 54.68
CA ASN A 349 15.53 1.61 54.29
C ASN A 349 16.99 1.93 54.68
N VAL A 350 17.67 2.70 53.84
CA VAL A 350 19.01 3.16 54.12
C VAL A 350 18.82 4.51 54.80
N LYS A 351 19.36 4.66 56.02
CA LYS A 351 19.28 5.94 56.78
C LYS A 351 19.73 7.10 55.96
N GLY A 352 18.82 8.04 55.82
CA GLY A 352 19.10 9.30 55.19
C GLY A 352 18.97 9.26 53.70
N VAL A 353 18.55 8.11 53.11
CA VAL A 353 18.49 8.02 51.64
C VAL A 353 17.11 7.58 51.18
N HIS A 354 16.56 8.30 50.22
CA HIS A 354 15.22 7.99 49.69
C HIS A 354 15.21 6.57 49.06
N PRO A 355 14.13 5.79 49.26
CA PRO A 355 14.11 4.44 48.66
C PRO A 355 14.35 4.39 47.15
N HIS A 356 13.73 5.25 46.38
CA HIS A 356 13.98 5.28 44.91
C HIS A 356 15.40 5.57 44.51
N ASP A 357 16.12 6.42 45.27
CA ASP A 357 17.57 6.59 45.03
C ASP A 357 18.34 5.31 45.30
N VAL A 358 17.98 4.56 46.34
CA VAL A 358 18.67 3.24 46.61
C VAL A 358 18.51 2.31 45.41
N SER A 359 17.26 2.14 44.93
CA SER A 359 17.01 1.25 43.83
C SER A 359 17.65 1.81 42.53
N HIS A 360 17.66 3.13 42.37
CA HIS A 360 18.18 3.68 41.15
C HIS A 360 19.70 3.38 41.07
N ILE A 361 20.43 3.67 42.14
CA ILE A 361 21.91 3.52 42.14
C ILE A 361 22.26 2.03 42.07
N LEU A 362 21.54 1.21 42.81
CA LEU A 362 21.75 -0.28 42.72
C LEU A 362 21.67 -0.80 41.31
N ASP A 363 20.65 -0.32 40.60
CA ASP A 363 20.46 -0.72 39.21
C ASP A 363 21.50 -0.11 38.20
N GLU A 364 21.72 1.19 38.24
CA GLU A 364 22.56 1.80 37.23
C GLU A 364 24.04 1.46 37.48
N ASN A 365 24.47 1.49 38.73
CA ASN A 365 25.89 1.36 39.08
C ASN A 365 26.28 -0.02 39.54
N PHE A 366 25.33 -0.91 39.86
CA PHE A 366 25.68 -2.28 40.27
C PHE A 366 24.92 -3.41 39.58
N GLY A 367 24.03 -3.05 38.64
CA GLY A 367 23.24 -4.04 37.88
C GLY A 367 22.21 -4.84 38.71
N VAL A 368 21.95 -4.36 39.91
CA VAL A 368 21.13 -5.01 40.90
C VAL A 368 19.69 -4.44 40.74
N ALA A 369 18.75 -5.37 40.49
CA ALA A 369 17.30 -5.08 40.39
C ALA A 369 16.63 -5.26 41.71
N THR A 370 16.10 -4.17 42.28
CA THR A 370 15.31 -4.17 43.49
C THR A 370 14.12 -3.29 43.26
N ARG A 371 13.22 -3.23 44.25
CA ARG A 371 12.03 -2.42 44.12
C ARG A 371 11.86 -1.50 45.30
N SER A 372 11.42 -0.29 45.03
CA SER A 372 11.15 0.67 46.05
C SER A 372 9.71 1.06 45.93
N GLY A 373 9.11 1.48 47.05
CA GLY A 373 7.75 2.00 47.09
C GLY A 373 6.95 1.36 48.18
N HIS A 374 5.62 1.32 48.00
CA HIS A 374 4.71 0.74 49.03
C HIS A 374 4.48 -0.80 48.79
N HIS A 375 4.97 -1.35 47.66
CA HIS A 375 4.79 -2.80 47.35
C HIS A 375 3.31 -3.26 47.40
N ALA A 377 0.97 -2.42 49.37
CA ALA A 377 0.54 -2.61 50.77
C ALA A 377 0.60 -1.29 51.53
N GLN A 378 -0.19 -0.34 51.05
CA GLN A 378 -0.18 1.04 51.55
C GLN A 378 -0.56 1.05 53.01
N PRO A 379 -1.63 0.35 53.42
CA PRO A 379 -1.93 0.42 54.84
C PRO A 379 -0.80 -0.16 55.73
N LEU A 380 -0.07 -1.18 55.26
CA LEU A 380 1.06 -1.69 56.03
C LEU A 380 2.11 -0.60 56.27
N MET A 381 2.32 0.29 55.32
CA MET A 381 3.31 1.31 55.51
C MET A 381 3.02 2.17 56.74
N GLY A 382 1.77 2.50 56.98
CA GLY A 382 1.40 3.27 58.15
C GLY A 382 1.72 2.58 59.46
N VAL A 383 1.50 1.26 59.53
CA VAL A 383 1.96 0.44 60.63
C VAL A 383 3.47 0.50 60.80
N LEU A 384 4.25 0.36 59.72
CA LEU A 384 5.71 0.38 59.87
C LEU A 384 6.29 1.75 60.32
N ALA A 385 5.59 2.81 59.95
CA ALA A 385 5.99 4.15 60.29
C ALA A 385 6.04 4.31 61.81
N LYS A 386 5.05 3.78 62.53
CA LYS A 386 5.06 3.87 63.99
C LYS A 386 6.27 3.24 64.64
N GLY A 387 6.80 2.15 64.12
CA GLY A 387 8.01 1.58 64.68
C GLY A 387 9.33 2.05 64.10
N SER A 388 9.30 2.88 63.08
CA SER A 388 10.54 3.34 62.53
C SER A 388 11.32 4.21 63.56
N LYS A 389 12.65 4.15 63.49
CA LYS A 389 13.56 4.96 64.29
C LYS A 389 14.31 5.95 63.40
N ILE A 390 13.84 6.16 62.19
CA ILE A 390 14.47 7.10 61.27
C ILE A 390 13.37 8.00 60.77
N ASP A 391 13.70 8.86 59.82
CA ASP A 391 12.71 9.66 59.20
C ASP A 391 12.08 8.76 58.11
N PHE A 392 10.95 8.13 58.44
CA PHE A 392 10.38 7.06 57.62
C PHE A 392 9.72 7.64 56.37
N PRO A 393 10.19 7.21 55.20
CA PRO A 393 9.74 7.76 53.94
C PRO A 393 8.44 7.23 53.44
N ASN A 394 7.72 6.44 54.23
CA ASN A 394 6.39 5.88 53.82
C ASN A 394 6.43 4.91 52.66
N SER A 395 7.57 4.26 52.56
CA SER A 395 7.90 3.32 51.53
C SER A 395 9.17 2.64 51.96
N THR A 396 9.56 1.58 51.22
CA THR A 396 10.78 0.85 51.52
C THR A 396 11.43 0.36 50.26
N VAL A 397 12.64 -0.13 50.40
CA VAL A 397 13.34 -0.81 49.38
C VAL A 397 13.09 -2.31 49.68
N ARG A 398 13.12 -3.13 48.65
CA ARG A 398 12.92 -4.59 48.83
C ARG A 398 13.79 -5.39 47.87
N ALA A 399 14.55 -6.31 48.48
CA ALA A 399 15.37 -7.31 47.80
C ALA A 399 14.77 -8.70 48.10
N SER A 400 14.57 -9.47 47.03
CA SER A 400 13.91 -10.77 47.14
C SER A 400 14.66 -11.81 46.32
N VAL A 401 14.80 -13.02 46.87
CA VAL A 401 15.63 -14.07 46.28
C VAL A 401 14.77 -15.22 45.76
N TYR A 402 15.33 -15.93 44.78
CA TYR A 402 14.69 -17.13 44.26
C TYR A 402 15.75 -18.08 43.67
N LEU A 403 15.31 -19.07 42.91
CA LEU A 403 16.07 -20.25 42.56
C LEU A 403 17.47 -20.00 42.02
N TYR A 404 17.54 -19.12 41.03
CA TYR A 404 18.72 -18.83 40.25
C TYR A 404 19.59 -17.72 40.95
N ASN A 405 19.28 -17.33 42.17
CA ASN A 405 20.14 -16.39 42.89
C ASN A 405 21.27 -17.13 43.65
N THR A 406 22.33 -16.39 43.97
CA THR A 406 23.52 -16.93 44.65
C THR A 406 23.90 -16.07 45.84
N LYS A 407 24.78 -16.59 46.67
CA LYS A 407 25.32 -15.77 47.73
C LYS A 407 26.15 -14.65 47.20
N GLU A 408 26.82 -14.87 46.09
CA GLU A 408 27.51 -13.77 45.44
C GLU A 408 26.60 -12.60 45.02
N ASP A 409 25.41 -12.91 44.48
CA ASP A 409 24.38 -11.88 44.18
C ASP A 409 24.12 -11.03 45.40
N ILE A 410 23.92 -11.69 46.50
CA ILE A 410 23.67 -10.99 47.73
C ILE A 410 24.88 -10.09 48.14
N ASP A 411 26.11 -10.61 47.97
CA ASP A 411 27.34 -9.83 48.27
C ASP A 411 27.44 -8.59 47.38
N VAL A 412 27.02 -8.70 46.11
CA VAL A 412 26.91 -7.50 45.29
C VAL A 412 25.90 -6.49 45.84
N LEU A 413 24.73 -6.97 46.32
CA LEU A 413 23.75 -6.07 46.90
C LEU A 413 24.39 -5.30 48.06
N ILE A 414 25.08 -6.03 48.93
CA ILE A 414 25.70 -5.44 50.17
C ILE A 414 26.76 -4.40 49.79
N GLU A 415 27.63 -4.74 48.83
CA GLU A 415 28.65 -3.84 48.31
C GLU A 415 27.97 -2.56 47.78
N GLY A 416 26.88 -2.75 47.03
CA GLY A 416 26.10 -1.63 46.54
C GLY A 416 25.57 -0.71 47.60
N LEU A 417 25.02 -1.28 48.67
CA LEU A 417 24.44 -0.48 49.70
C LEU A 417 25.53 0.35 50.43
N LYS A 418 26.69 -0.28 50.66
CA LYS A 418 27.81 0.41 51.33
C LYS A 418 28.23 1.63 50.56
N TYR A 419 28.37 1.46 49.23
CA TYR A 419 28.64 2.51 48.28
C TYR A 419 27.65 3.63 48.37
N ILE A 420 26.36 3.27 48.47
CA ILE A 420 25.31 4.29 48.52
C ILE A 420 25.44 5.08 49.84
N ARG A 421 25.80 4.42 50.93
CA ARG A 421 26.00 5.17 52.20
C ARG A 421 27.17 6.15 52.06
N ARG A 422 28.32 5.70 51.55
CA ARG A 422 29.50 6.55 51.35
C ARG A 422 29.24 7.69 50.37
N TRP A 423 28.40 7.49 49.35
CA TRP A 423 28.09 8.53 48.38
C TRP A 423 27.21 9.66 48.94
N PHE A 424 26.23 9.34 49.78
CA PHE A 424 25.44 10.39 50.45
C PHE A 424 26.10 10.79 51.78
N GLU A 425 27.25 10.16 52.08
CA GLU A 425 28.45 10.77 52.73
C GLU A 425 29.53 9.77 53.17
N HIS B 4 -0.31 -22.07 -9.56
CA HIS B 4 -1.00 -20.81 -9.18
C HIS B 4 -2.09 -21.05 -8.12
N MET B 5 -1.94 -20.35 -6.97
CA MET B 5 -2.81 -20.46 -5.76
C MET B 5 -4.21 -19.79 -5.80
N ARG B 6 -4.57 -19.17 -6.94
CA ARG B 6 -5.93 -18.64 -7.25
C ARG B 6 -6.44 -17.46 -6.36
N SER B 7 -5.53 -16.52 -6.08
CA SER B 7 -5.81 -15.34 -5.25
C SER B 7 -5.81 -14.18 -6.21
N THR B 8 -6.86 -13.37 -6.16
CA THR B 8 -6.84 -12.06 -6.80
C THR B 8 -6.10 -11.01 -5.92
N VAL B 9 -5.62 -11.42 -4.73
CA VAL B 9 -5.12 -10.50 -3.69
C VAL B 9 -3.62 -10.56 -3.49
N PHE B 10 -3.06 -11.76 -3.38
CA PHE B 10 -1.62 -11.97 -3.14
C PHE B 10 -0.99 -12.61 -4.35
N SER B 11 0.22 -12.21 -4.69
CA SER B 11 1.04 -13.00 -5.64
C SER B 11 1.42 -14.33 -5.03
N ASP B 12 1.78 -15.26 -5.91
CA ASP B 12 2.13 -16.60 -5.51
C ASP B 12 3.31 -16.52 -4.54
N GLU B 13 4.19 -15.57 -4.80
CA GLU B 13 5.32 -15.31 -3.93
C GLU B 13 4.94 -14.93 -2.49
N GLU B 14 4.21 -13.82 -2.35
CA GLU B 14 3.76 -13.33 -1.05
C GLU B 14 2.94 -14.39 -0.32
N PHE B 15 2.01 -15.01 -1.04
CA PHE B 15 1.12 -15.99 -0.42
C PHE B 15 1.94 -17.12 0.13
N SER B 16 2.97 -17.51 -0.61
CA SER B 16 3.73 -18.67 -0.14
C SER B 16 4.63 -18.28 1.03
N ASN B 17 5.04 -17.02 1.13
CA ASN B 17 5.76 -16.59 2.33
C ASN B 17 4.84 -16.55 3.56
N ILE B 18 3.60 -16.13 3.33
CA ILE B 18 2.60 -16.08 4.41
C ILE B 18 2.38 -17.49 4.93
N LEU B 19 2.08 -18.45 4.03
CA LEU B 19 1.94 -19.83 4.46
C LEU B 19 3.12 -20.35 5.24
N ASN B 20 4.31 -19.94 4.84
CA ASN B 20 5.48 -20.44 5.56
C ASN B 20 5.60 -19.90 7.00
N ASP B 21 4.87 -18.84 7.35
CA ASP B 21 4.87 -18.31 8.73
C ASP B 21 4.19 -19.19 9.73
N PHE B 22 3.48 -20.20 9.25
CA PHE B 22 2.61 -21.01 10.17
C PHE B 22 3.02 -22.46 10.14
N PRO B 23 3.87 -22.87 11.08
CA PRO B 23 4.43 -24.21 10.97
C PRO B 23 3.41 -25.32 11.14
N ALA B 24 2.25 -25.04 11.72
CA ALA B 24 1.24 -26.10 11.88
C ALA B 24 0.83 -26.69 10.53
N LEU B 25 0.89 -25.87 9.49
CA LEU B 25 0.53 -26.27 8.19
C LEU B 25 1.42 -27.41 7.60
N LYS B 26 2.58 -27.65 8.19
CA LYS B 26 3.41 -28.81 7.82
C LYS B 26 2.92 -30.12 8.44
N ARG B 27 1.93 -30.10 9.34
CA ARG B 27 1.54 -31.32 9.99
C ARG B 27 0.78 -32.16 8.96
N ASN B 28 0.78 -33.47 9.15
CA ASN B 28 0.04 -34.40 8.28
C ASN B 28 -0.74 -35.26 9.20
N ILE B 29 -2.00 -35.57 8.82
CA ILE B 29 -2.89 -36.39 9.53
C ILE B 29 -3.18 -37.59 8.62
N ASN B 30 -2.69 -38.76 9.04
CA ASN B 30 -2.77 -40.03 8.24
C ASN B 30 -2.36 -39.79 6.80
N GLY B 31 -1.23 -39.15 6.64
CA GLY B 31 -0.66 -38.77 5.34
C GLY B 31 -1.25 -37.58 4.64
N LYS B 32 -2.33 -37.00 5.13
CA LYS B 32 -2.89 -35.80 4.48
C LYS B 32 -2.36 -34.48 5.13
N ARG B 33 -1.96 -33.50 4.32
CA ARG B 33 -1.68 -32.17 4.85
C ARG B 33 -2.87 -31.57 5.69
N LEU B 34 -2.52 -30.90 6.77
CA LEU B 34 -3.53 -30.17 7.59
C LEU B 34 -4.29 -29.15 6.76
N VAL B 35 -5.59 -29.26 6.76
CA VAL B 35 -6.46 -28.28 6.13
C VAL B 35 -7.28 -27.71 7.27
N TYR B 36 -6.77 -26.59 7.78
CA TYR B 36 -7.27 -26.00 9.04
C TYR B 36 -8.43 -25.03 8.76
N LEU B 37 -9.64 -25.52 9.00
CA LEU B 37 -10.88 -24.73 8.83
C LEU B 37 -11.74 -24.63 10.06
N ASP B 38 -11.10 -24.42 11.20
CA ASP B 38 -11.75 -24.20 12.47
C ASP B 38 -11.21 -22.86 13.12
N ASN B 39 -10.98 -21.93 12.23
CA ASN B 39 -10.56 -20.57 12.57
C ASN B 39 -11.50 -19.78 13.46
N ALA B 40 -12.77 -20.10 13.40
CA ALA B 40 -13.77 -19.48 14.19
C ALA B 40 -13.71 -19.92 15.66
N ALA B 41 -13.10 -21.09 15.92
CA ALA B 41 -12.75 -21.53 17.29
C ALA B 41 -11.48 -20.84 17.82
N SER B 42 -10.40 -20.94 17.05
CA SER B 42 -9.13 -20.29 17.30
C SER B 42 -8.24 -20.39 16.13
N THR B 43 -7.26 -19.51 16.07
CA THR B 43 -6.41 -19.41 14.91
C THR B 43 -5.00 -19.97 15.16
N LEU B 44 -4.38 -20.45 14.09
CA LEU B 44 -2.96 -20.85 14.13
C LEU B 44 -2.01 -19.66 14.42
N LYS B 45 -0.78 -19.95 14.89
CA LYS B 45 0.19 -18.94 15.33
C LYS B 45 1.37 -18.84 14.34
N CYS B 46 1.81 -17.59 14.17
CA CYS B 46 2.88 -17.18 13.31
C CYS B 46 4.20 -17.38 14.05
N LYS B 47 5.17 -17.98 13.40
CA LYS B 47 6.45 -18.28 14.06
C LYS B 47 7.22 -16.99 14.45
N SER B 48 7.25 -16.01 13.58
CA SER B 48 8.03 -14.80 13.89
C SER B 48 7.43 -14.06 15.07
N VAL B 49 6.09 -14.14 15.20
CA VAL B 49 5.43 -13.53 16.33
C VAL B 49 5.79 -14.22 17.63
N ILE B 50 5.67 -15.55 17.64
CA ILE B 50 5.97 -16.31 18.81
C ILE B 50 7.46 -16.18 19.21
N GLU B 51 8.37 -16.10 18.22
CA GLU B 51 9.81 -15.80 18.51
C GLU B 51 10.01 -14.44 19.24
N LYS B 52 9.26 -13.42 18.87
CA LYS B 52 9.31 -12.15 19.57
C LYS B 52 8.81 -12.24 20.99
N MET B 53 7.75 -13.00 21.18
CA MET B 53 7.28 -13.26 22.54
C MET B 53 8.28 -14.00 23.38
N THR B 54 8.91 -14.99 22.76
CA THR B 54 9.99 -15.73 23.39
C THR B 54 11.17 -14.78 23.81
N ASP B 55 11.60 -13.96 22.89
CA ASP B 55 12.68 -12.96 23.18
C ASP B 55 12.28 -12.04 24.34
N PHE B 56 11.00 -11.60 24.37
CA PHE B 56 10.50 -10.79 25.47
C PHE B 56 10.60 -11.54 26.77
N TYR B 57 10.06 -12.76 26.82
CA TYR B 57 10.00 -13.51 28.07
C TYR B 57 11.41 -13.76 28.64
N LEU B 58 12.36 -14.05 27.77
CA LEU B 58 13.74 -14.48 28.21
C LEU B 58 14.68 -13.30 28.45
N TYR B 59 14.44 -12.18 27.79
CA TYR B 59 15.44 -11.11 27.82
C TYR B 59 14.94 -9.75 28.23
N HIS B 60 13.63 -9.48 28.29
CA HIS B 60 13.16 -8.14 28.58
C HIS B 60 11.98 -8.16 29.58
N TYR B 61 11.99 -9.15 30.43
CA TYR B 61 10.85 -9.44 31.29
C TYR B 61 11.02 -8.97 32.74
N SER B 62 9.96 -8.34 33.29
CA SER B 62 9.79 -8.04 34.67
C SER B 62 8.37 -7.53 34.88
N ASN B 63 7.98 -7.30 36.11
CA ASN B 63 6.68 -6.68 36.37
C ASN B 63 6.77 -5.15 36.06
N ILE B 64 5.62 -4.51 35.84
CA ILE B 64 5.53 -3.29 35.12
C ILE B 64 4.88 -2.12 35.84
N HIS B 65 5.03 -0.95 35.24
CA HIS B 65 4.40 0.28 35.66
C HIS B 65 5.12 1.06 36.77
N ARG B 66 6.26 0.54 37.24
CA ARG B 66 7.15 1.31 38.20
C ARG B 66 8.56 1.26 37.64
N ALA B 67 9.10 2.45 37.44
CA ALA B 67 10.44 2.60 36.82
C ALA B 67 11.54 2.33 37.89
N VAL B 68 11.67 1.08 38.35
CA VAL B 68 12.53 0.79 39.51
C VAL B 68 13.85 0.11 39.11
N HIS B 69 13.91 -0.51 37.94
CA HIS B 69 15.14 -1.09 37.44
C HIS B 69 15.03 -1.26 35.96
N THR B 70 16.15 -1.65 35.35
CA THR B 70 16.25 -1.68 33.94
C THR B 70 15.21 -2.62 33.23
N LEU B 71 15.09 -3.88 33.63
CA LEU B 71 14.12 -4.77 33.00
C LEU B 71 12.70 -4.31 33.24
N ALA B 72 12.39 -3.77 34.42
CA ALA B 72 11.03 -3.19 34.72
C ALA B 72 10.59 -2.08 33.76
N SER B 73 11.51 -1.18 33.44
CA SER B 73 11.28 -0.15 32.44
C SER B 73 11.15 -0.68 31.07
N GLU B 74 12.01 -1.61 30.68
CA GLU B 74 11.85 -2.22 29.39
C GLU B 74 10.45 -2.89 29.23
N ALA B 75 10.07 -3.69 30.21
CA ALA B 75 8.86 -4.43 30.13
C ALA B 75 7.68 -3.47 30.09
N THR B 76 7.75 -2.37 30.87
CA THR B 76 6.68 -1.37 30.89
C THR B 76 6.49 -0.73 29.56
N VAL B 77 7.61 -0.31 28.96
CA VAL B 77 7.54 0.32 27.65
C VAL B 77 6.98 -0.64 26.62
N ALA B 78 7.42 -1.87 26.65
CA ALA B 78 6.90 -2.82 25.63
C ALA B 78 5.35 -3.05 25.75
N TYR B 79 4.88 -3.24 26.96
CA TYR B 79 3.46 -3.45 27.22
C TYR B 79 2.64 -2.27 26.81
N GLU B 80 3.07 -1.07 27.16
CA GLU B 80 2.35 0.14 26.80
C GLU B 80 2.40 0.50 25.33
N GLN B 81 3.50 0.21 24.65
CA GLN B 81 3.50 0.32 23.19
C GLN B 81 2.59 -0.68 22.55
N ALA B 82 2.40 -1.84 23.18
CA ALA B 82 1.43 -2.78 22.65
C ALA B 82 -0.01 -2.20 22.76
N ARG B 83 -0.32 -1.56 23.88
CA ARG B 83 -1.62 -0.89 24.04
C ARG B 83 -1.84 0.16 22.91
N GLU B 84 -0.80 0.92 22.57
CA GLU B 84 -0.89 1.87 21.46
C GLU B 84 -1.16 1.20 20.15
N LYS B 85 -0.53 0.04 19.92
CA LYS B 85 -0.71 -0.67 18.67
C LYS B 85 -2.16 -1.09 18.55
N VAL B 86 -2.75 -1.59 19.63
CA VAL B 86 -4.17 -1.92 19.59
C VAL B 86 -5.08 -0.69 19.37
N ALA B 87 -4.82 0.42 20.07
CA ALA B 87 -5.60 1.60 19.93
C ALA B 87 -5.58 2.07 18.45
N ASN B 88 -4.40 2.14 17.88
CA ASN B 88 -4.25 2.57 16.48
C ASN B 88 -5.01 1.60 15.55
N PHE B 89 -4.96 0.29 15.82
CA PHE B 89 -5.69 -0.65 14.96
C PHE B 89 -7.23 -0.41 14.90
N LEU B 90 -7.80 0.02 16.01
CA LEU B 90 -9.26 0.28 16.15
C LEU B 90 -9.68 1.76 15.98
N ASN B 91 -8.68 2.62 15.83
CA ASN B 91 -8.80 4.11 15.76
C ASN B 91 -9.36 4.66 17.08
N ALA B 92 -8.87 4.11 18.20
CA ALA B 92 -9.23 4.54 19.54
C ALA B 92 -8.08 5.31 20.14
N SER B 93 -8.31 6.09 21.20
CA SER B 93 -7.15 6.56 22.04
C SER B 93 -6.68 5.44 22.95
N SER B 94 -5.42 5.50 23.36
CA SER B 94 -4.83 4.40 24.12
C SER B 94 -5.40 4.30 25.53
N GLU B 95 -5.86 5.40 26.13
CA GLU B 95 -6.56 5.32 27.46
C GLU B 95 -7.91 4.65 27.42
N GLU B 96 -8.46 4.46 26.21
CA GLU B 96 -9.73 3.78 26.01
C GLU B 96 -9.63 2.25 25.74
N ILE B 97 -8.40 1.75 25.75
CA ILE B 97 -8.06 0.35 25.54
C ILE B 97 -7.64 -0.29 26.87
N ILE B 98 -8.42 -1.30 27.27
CA ILE B 98 -8.24 -2.10 28.46
C ILE B 98 -7.91 -3.56 28.07
N PHE B 99 -6.83 -4.11 28.63
CA PHE B 99 -6.46 -5.51 28.44
C PHE B 99 -7.23 -6.33 29.44
N THR B 100 -7.78 -7.44 28.98
CA THR B 100 -8.52 -8.35 29.74
C THR B 100 -7.99 -9.78 29.41
N SER B 101 -8.64 -10.81 29.93
CA SER B 101 -8.34 -12.22 29.58
C SER B 101 -9.03 -12.71 28.31
N GLY B 102 -9.92 -11.93 27.70
CA GLY B 102 -10.67 -12.38 26.55
C GLY B 102 -12.03 -11.68 26.41
N THR B 103 -12.73 -11.99 25.34
CA THR B 103 -14.04 -11.46 25.04
C THR B 103 -14.99 -11.77 26.22
N THR B 104 -14.93 -12.99 26.73
CA THR B 104 -15.88 -13.44 27.75
C THR B 104 -15.72 -12.58 29.03
N MET B 105 -14.51 -12.41 29.49
CA MET B 105 -14.29 -11.58 30.67
C MET B 105 -14.78 -10.17 30.40
N GLY B 106 -14.47 -9.66 29.21
CA GLY B 106 -15.00 -8.35 28.79
C GLY B 106 -16.51 -8.10 28.92
N ILE B 107 -17.32 -9.06 28.51
CA ILE B 107 -18.80 -8.91 28.62
C ILE B 107 -19.19 -8.95 30.10
N ASN B 108 -18.59 -9.90 30.84
CA ASN B 108 -18.88 -10.05 32.27
C ASN B 108 -18.49 -8.77 32.98
N PHE B 109 -17.39 -8.17 32.59
CA PHE B 109 -17.00 -6.87 33.16
C PHE B 109 -18.11 -5.83 32.96
N LEU B 110 -18.59 -5.72 31.75
CA LEU B 110 -19.59 -4.74 31.42
C LEU B 110 -20.90 -4.97 32.20
N VAL B 111 -21.37 -6.20 32.26
CA VAL B 111 -22.62 -6.45 32.93
C VAL B 111 -22.56 -6.07 34.42
N ASN B 112 -21.53 -6.56 35.13
CA ASN B 112 -21.34 -6.23 36.54
C ASN B 112 -21.09 -4.75 36.76
N SER B 113 -20.21 -4.16 35.95
CA SER B 113 -19.93 -2.78 36.10
C SER B 113 -21.11 -1.83 35.78
N LEU B 114 -21.87 -2.12 34.72
CA LEU B 114 -23.01 -1.30 34.39
C LEU B 114 -24.03 -1.34 35.54
N ALA B 115 -24.28 -2.54 36.11
CA ALA B 115 -25.20 -2.73 37.27
C ALA B 115 -24.63 -2.00 38.52
N LYS B 116 -23.36 -2.25 38.86
CA LYS B 116 -22.82 -1.64 40.07
C LYS B 116 -22.80 -0.13 39.97
N SER B 117 -22.70 0.43 38.77
CA SER B 117 -22.54 1.84 38.56
C SER B 117 -23.90 2.54 38.56
N GLY B 118 -24.98 1.80 38.62
CA GLY B 118 -26.33 2.37 38.61
C GLY B 118 -26.85 2.66 37.21
N ILE B 119 -26.12 2.22 36.18
CA ILE B 119 -26.54 2.45 34.80
C ILE B 119 -27.61 1.46 34.35
N LEU B 120 -27.42 0.18 34.64
CA LEU B 120 -28.39 -0.82 34.32
C LEU B 120 -29.03 -1.24 35.62
N LYS B 121 -30.28 -0.81 35.80
CA LYS B 121 -31.02 -0.97 37.04
C LYS B 121 -32.21 -1.89 36.86
N THR B 122 -32.91 -2.15 37.97
CA THR B 122 -34.07 -3.02 37.94
C THR B 122 -35.12 -2.60 36.94
N GLU B 123 -35.35 -1.32 36.80
CA GLU B 123 -36.34 -0.86 35.77
C GLU B 123 -35.93 -1.13 34.27
N ASP B 124 -34.66 -1.42 34.03
CA ASP B 124 -34.08 -1.24 32.68
C ASP B 124 -34.10 -2.51 31.87
N THR B 125 -34.00 -2.35 30.57
CA THR B 125 -33.90 -3.45 29.67
C THR B 125 -32.53 -3.43 28.92
N VAL B 126 -31.93 -4.63 28.79
CA VAL B 126 -30.83 -4.82 27.87
C VAL B 126 -31.39 -5.61 26.70
N LEU B 127 -31.12 -5.10 25.52
CA LEU B 127 -31.49 -5.77 24.30
C LEU B 127 -30.28 -6.47 23.64
N ILE B 128 -30.42 -7.77 23.45
CA ILE B 128 -29.45 -8.65 22.76
C ILE B 128 -30.16 -9.31 21.60
N SER B 129 -29.53 -10.27 20.92
CA SER B 129 -30.16 -10.87 19.71
C SER B 129 -30.26 -12.33 19.96
N GLN B 130 -31.06 -13.03 19.16
CA GLN B 130 -31.19 -14.45 19.37
C GLN B 130 -30.01 -15.22 18.87
N VAL B 131 -29.10 -14.58 18.14
CA VAL B 131 -28.03 -15.33 17.57
C VAL B 131 -26.76 -15.26 18.46
N GLU B 132 -26.82 -14.57 19.63
CA GLU B 132 -25.62 -14.34 20.42
C GLU B 132 -24.92 -15.67 20.84
N HIS B 133 -23.59 -15.63 20.84
CA HIS B 133 -22.77 -16.62 21.57
C HIS B 133 -23.15 -16.57 23.04
N HIS B 134 -22.94 -17.67 23.77
CA HIS B 134 -23.09 -17.71 25.23
C HIS B 134 -22.37 -16.61 26.02
N ALA B 135 -21.20 -16.18 25.52
CA ALA B 135 -20.48 -15.07 26.15
C ALA B 135 -21.26 -13.75 26.25
N ASN B 136 -22.11 -13.50 25.24
CA ASN B 136 -22.91 -12.32 25.17
C ASN B 136 -24.43 -12.63 25.37
N LEU B 137 -24.72 -13.68 26.13
CA LEU B 137 -26.11 -14.12 26.40
C LEU B 137 -26.16 -14.55 27.84
N VAL B 138 -25.31 -15.50 28.23
CA VAL B 138 -25.39 -16.07 29.58
C VAL B 138 -25.16 -15.05 30.69
N PRO B 139 -24.17 -14.17 30.56
CA PRO B 139 -24.01 -13.21 31.65
C PRO B 139 -25.28 -12.29 31.88
N TRP B 140 -25.88 -11.80 30.81
CA TRP B 140 -27.15 -11.02 30.87
C TRP B 140 -28.27 -11.82 31.53
N VAL B 141 -28.46 -13.05 31.13
CA VAL B 141 -29.62 -13.81 31.60
C VAL B 141 -29.42 -14.16 33.07
N ARG B 142 -28.20 -14.63 33.41
CA ARG B 142 -27.97 -15.05 34.74
C ARG B 142 -27.92 -13.86 35.68
N LEU B 143 -27.26 -12.77 35.29
CA LEU B 143 -27.19 -11.71 36.22
C LEU B 143 -28.48 -10.90 36.33
N SER B 144 -29.37 -11.02 35.35
CA SER B 144 -30.66 -10.31 35.47
C SER B 144 -31.38 -10.89 36.72
N LYS B 145 -31.08 -12.13 37.14
CA LYS B 145 -31.74 -12.72 38.32
C LYS B 145 -31.16 -12.18 39.64
N PHE B 146 -29.96 -11.59 39.63
CA PHE B 146 -29.35 -10.99 40.82
C PHE B 146 -29.59 -9.51 40.86
N TYR B 147 -29.63 -8.84 39.71
CA TYR B 147 -29.69 -7.37 39.67
C TYR B 147 -31.07 -6.87 39.26
N GLY B 148 -31.93 -7.73 38.71
CA GLY B 148 -33.31 -7.32 38.42
C GLY B 148 -33.60 -6.64 37.09
N PHE B 149 -32.61 -6.41 36.22
CA PHE B 149 -32.93 -5.85 34.92
C PHE B 149 -33.57 -6.90 34.02
N LYS B 150 -34.13 -6.46 32.91
CA LYS B 150 -34.82 -7.30 31.96
C LYS B 150 -33.96 -7.53 30.72
N VAL B 151 -34.15 -8.68 30.11
CA VAL B 151 -33.45 -9.00 28.87
C VAL B 151 -34.43 -9.11 27.73
N ALA B 152 -34.23 -8.39 26.66
CA ALA B 152 -35.07 -8.57 25.48
C ALA B 152 -34.21 -9.04 24.27
N TYR B 153 -34.88 -9.53 23.22
CA TYR B 153 -34.21 -10.14 22.06
C TYR B 153 -34.67 -9.63 20.71
N ILE B 154 -33.73 -9.23 19.85
CA ILE B 154 -34.00 -9.06 18.43
C ILE B 154 -34.16 -10.50 17.89
N THR B 155 -35.24 -10.77 17.16
CA THR B 155 -35.53 -12.12 16.71
C THR B 155 -34.85 -12.47 15.39
N ALA B 156 -34.45 -13.73 15.27
CA ALA B 156 -33.85 -14.23 14.05
C ALA B 156 -34.94 -15.01 13.24
N ASP B 157 -34.87 -15.02 11.93
CA ASP B 157 -35.70 -15.92 11.14
C ASP B 157 -35.26 -17.39 11.21
N GLU B 158 -35.91 -18.24 10.45
CA GLU B 158 -35.73 -19.67 10.63
C GLU B 158 -34.41 -20.26 10.06
N LYS B 159 -33.70 -19.48 9.27
CA LYS B 159 -32.30 -19.71 8.88
C LYS B 159 -31.24 -18.98 9.78
N GLY B 160 -31.72 -18.31 10.83
CA GLY B 160 -30.87 -17.57 11.77
C GLY B 160 -30.51 -16.14 11.39
N VAL B 161 -31.19 -15.59 10.38
CA VAL B 161 -30.84 -14.28 9.84
C VAL B 161 -31.50 -13.20 10.67
N ILE B 162 -30.73 -12.15 11.01
CA ILE B 162 -31.27 -10.95 11.66
C ILE B 162 -31.48 -9.94 10.54
N THR B 163 -32.76 -9.69 10.17
CA THR B 163 -33.04 -8.77 9.02
C THR B 163 -33.08 -7.33 9.52
N ASN B 164 -32.84 -6.38 8.64
CA ASN B 164 -33.08 -4.94 8.99
C ASN B 164 -34.51 -4.68 9.53
N GLU B 165 -35.47 -5.37 8.95
CA GLU B 165 -36.88 -5.28 9.36
C GLU B 165 -37.08 -5.85 10.78
N SER B 166 -36.40 -6.97 11.12
CA SER B 166 -36.54 -7.44 12.52
C SER B 166 -36.00 -6.40 13.51
N ILE B 167 -34.92 -5.73 13.15
CA ILE B 167 -34.33 -4.73 14.05
C ILE B 167 -35.40 -3.59 14.30
N LEU B 168 -36.05 -3.20 13.22
CA LEU B 168 -37.09 -2.12 13.29
C LEU B 168 -38.30 -2.53 14.09
N LYS B 169 -38.72 -3.77 13.91
CA LYS B 169 -39.85 -4.32 14.64
C LYS B 169 -39.56 -4.41 16.13
N THR B 170 -38.33 -4.83 16.50
CA THR B 170 -37.98 -4.80 17.90
C THR B 170 -38.07 -3.38 18.43
N LYS B 171 -37.64 -2.41 17.65
CA LYS B 171 -37.68 -0.99 18.10
C LYS B 171 -39.12 -0.51 18.38
N GLU B 172 -40.09 -1.05 17.66
CA GLU B 172 -41.54 -0.75 17.94
C GLU B 172 -41.90 -1.25 19.32
N SER B 173 -41.50 -2.45 19.73
CA SER B 173 -41.83 -2.91 21.11
C SER B 173 -40.90 -2.38 22.19
N ILE B 174 -39.63 -2.08 21.87
CA ILE B 174 -38.64 -1.72 22.92
C ILE B 174 -37.95 -0.51 22.37
N PRO B 175 -38.59 0.63 22.50
CA PRO B 175 -38.05 1.77 21.78
C PRO B 175 -36.80 2.35 22.42
N ASN B 176 -36.69 2.24 23.74
CA ASN B 176 -35.59 2.92 24.45
C ASN B 176 -34.79 1.94 25.39
N PRO B 177 -34.30 0.80 24.87
CA PRO B 177 -33.42 -0.08 25.72
C PRO B 177 -32.29 0.68 26.40
N LYS B 178 -32.06 0.45 27.69
CA LYS B 178 -30.93 1.15 28.33
C LYS B 178 -29.59 0.69 27.70
N VAL B 179 -29.51 -0.61 27.35
CA VAL B 179 -28.24 -1.19 26.87
C VAL B 179 -28.62 -2.02 25.67
N VAL B 180 -27.81 -1.96 24.60
CA VAL B 180 -27.94 -2.88 23.47
C VAL B 180 -26.59 -3.60 23.33
N SER B 181 -26.60 -4.93 23.36
CA SER B 181 -25.37 -5.69 23.25
C SER B 181 -25.55 -6.68 22.11
N ILE B 182 -24.76 -6.55 21.07
CA ILE B 182 -25.00 -7.29 19.86
C ILE B 182 -23.72 -7.79 19.19
N THR B 183 -23.80 -8.91 18.52
CA THR B 183 -22.64 -9.47 17.87
C THR B 183 -22.30 -8.64 16.67
N GLY B 184 -21.00 -8.50 16.43
CA GLY B 184 -20.52 -7.92 15.22
C GLY B 184 -20.67 -8.88 14.05
N GLN B 185 -20.58 -10.17 14.36
CA GLN B 185 -20.67 -11.19 13.35
C GLN B 185 -20.91 -12.49 14.09
N SER B 186 -21.95 -13.25 13.73
CA SER B 186 -22.29 -14.45 14.41
C SER B 186 -21.26 -15.53 14.04
N ASN B 187 -20.91 -16.29 15.06
CA ASN B 187 -19.99 -17.45 14.95
C ASN B 187 -20.70 -18.70 14.41
N VAL B 188 -21.99 -18.59 14.08
CA VAL B 188 -22.72 -19.71 13.48
C VAL B 188 -23.28 -19.35 12.07
N THR B 189 -23.90 -18.19 11.95
CA THR B 189 -24.52 -17.84 10.65
C THR B 189 -23.56 -17.10 9.71
N GLY B 190 -22.46 -16.63 10.27
CA GLY B 190 -21.45 -15.82 9.60
C GLY B 190 -21.92 -14.40 9.28
N GLN B 191 -23.13 -14.04 9.70
CA GLN B 191 -23.70 -12.79 9.28
C GLN B 191 -22.99 -11.65 9.98
N GLU B 192 -22.35 -10.81 9.22
CA GLU B 192 -21.90 -9.50 9.71
C GLU B 192 -23.02 -8.53 9.97
N MET B 193 -23.17 -8.08 11.20
CA MET B 193 -24.39 -7.33 11.55
C MET B 193 -24.28 -5.87 11.11
N PRO B 194 -25.43 -5.22 10.81
CA PRO B 194 -25.37 -3.81 10.32
C PRO B 194 -25.23 -2.85 11.50
N ILE B 195 -24.03 -2.70 12.02
CA ILE B 195 -23.80 -1.96 13.24
C ILE B 195 -24.24 -0.49 13.11
N GLU B 196 -24.03 0.13 11.96
CA GLU B 196 -24.46 1.52 11.77
C GLU B 196 -26.00 1.65 11.89
N LEU B 197 -26.74 0.72 11.31
CA LEU B 197 -28.17 0.71 11.45
C LEU B 197 -28.57 0.64 12.93
N ILE B 198 -27.92 -0.25 13.65
CA ILE B 198 -28.26 -0.47 15.08
C ILE B 198 -27.92 0.77 15.85
N ARG B 199 -26.77 1.36 15.56
CA ARG B 199 -26.35 2.56 16.28
C ARG B 199 -27.37 3.74 16.08
N GLU B 200 -27.90 3.87 14.87
CA GLU B 200 -28.82 4.96 14.51
C GLU B 200 -30.26 4.72 14.97
N THR B 201 -30.62 3.45 15.08
CA THR B 201 -31.90 3.04 15.52
C THR B 201 -32.02 3.07 17.03
N PHE B 202 -30.93 2.81 17.77
CA PHE B 202 -30.97 2.94 19.21
C PHE B 202 -29.92 3.94 19.66
N LYS B 203 -30.14 5.19 19.26
CA LYS B 203 -29.15 6.23 19.42
C LYS B 203 -28.86 6.63 20.89
N ASN B 204 -29.77 6.38 21.80
CA ASN B 204 -29.52 6.72 23.20
C ASN B 204 -29.17 5.54 24.06
N ALA B 205 -29.14 4.33 23.53
CA ALA B 205 -28.64 3.19 24.28
C ALA B 205 -27.12 3.17 24.42
N THR B 206 -26.64 2.44 25.40
CA THR B 206 -25.21 2.15 25.52
C THR B 206 -25.04 0.96 24.64
N LEU B 207 -24.32 1.12 23.52
CA LEU B 207 -24.16 0.07 22.53
C LEU B 207 -22.82 -0.67 22.68
N ILE B 208 -22.90 -1.97 22.90
CA ILE B 208 -21.74 -2.87 23.12
C ILE B 208 -21.74 -3.78 21.89
N VAL B 209 -20.58 -3.93 21.23
CA VAL B 209 -20.43 -4.89 20.15
C VAL B 209 -19.46 -6.02 20.59
N ASP B 210 -19.93 -7.25 20.49
CA ASP B 210 -19.11 -8.43 20.64
C ASP B 210 -18.42 -8.66 19.26
N GLY B 211 -17.21 -8.20 19.14
CA GLY B 211 -16.48 -8.27 17.89
C GLY B 211 -15.57 -9.46 17.75
N ALA B 212 -15.76 -10.51 18.55
CA ALA B 212 -14.77 -11.59 18.55
C ALA B 212 -14.57 -12.29 17.16
N GLN B 213 -15.62 -12.44 16.35
CA GLN B 213 -15.48 -13.00 15.01
C GLN B 213 -15.13 -11.96 13.96
N LEU B 214 -15.52 -10.71 14.18
CA LEU B 214 -15.40 -9.64 13.23
C LEU B 214 -14.02 -9.02 13.13
N VAL B 215 -13.50 -8.57 14.27
CA VAL B 215 -12.22 -7.86 14.35
C VAL B 215 -11.04 -8.60 13.66
N PRO B 216 -11.01 -9.96 13.68
CA PRO B 216 -9.87 -10.64 13.03
C PRO B 216 -9.72 -10.39 11.54
N HIS B 217 -10.79 -10.07 10.87
CA HIS B 217 -10.73 -10.00 9.42
C HIS B 217 -11.39 -8.79 8.78
N LYS B 218 -11.95 -7.88 9.54
CA LYS B 218 -12.55 -6.68 8.96
C LYS B 218 -12.15 -5.42 9.76
N LYS B 219 -11.77 -4.38 9.06
CA LYS B 219 -11.43 -3.10 9.69
C LYS B 219 -12.61 -2.62 10.53
N VAL B 220 -12.26 -2.21 11.73
CA VAL B 220 -13.21 -1.70 12.65
C VAL B 220 -12.67 -0.34 13.09
N ASP B 221 -13.44 0.73 12.85
CA ASP B 221 -13.08 2.08 13.29
C ASP B 221 -14.11 2.48 14.35
N VAL B 222 -13.70 2.42 15.61
CA VAL B 222 -14.68 2.52 16.69
C VAL B 222 -15.31 3.93 16.69
N LYS B 223 -14.59 4.94 16.17
CA LYS B 223 -15.07 6.36 16.19
C LYS B 223 -16.11 6.55 15.15
N LYS B 224 -15.83 6.09 13.96
CA LYS B 224 -16.82 6.00 12.87
C LYS B 224 -18.05 5.20 13.18
N LEU B 225 -17.92 4.03 13.77
CA LEU B 225 -19.09 3.24 14.14
C LEU B 225 -19.86 3.88 15.31
N ASP B 226 -19.14 4.63 16.12
CA ASP B 226 -19.73 5.31 17.27
C ASP B 226 -20.29 4.35 18.35
N VAL B 227 -19.69 3.17 18.43
CA VAL B 227 -20.03 2.24 19.52
C VAL B 227 -19.54 2.73 20.85
N ASP B 228 -20.25 2.42 21.91
CA ASP B 228 -19.86 2.74 23.28
C ASP B 228 -18.79 1.79 23.86
N PHE B 229 -18.91 0.50 23.57
CA PHE B 229 -17.93 -0.54 23.96
C PHE B 229 -17.74 -1.55 22.83
N LEU B 230 -16.54 -2.13 22.78
CA LEU B 230 -16.31 -3.21 21.86
C LEU B 230 -15.37 -4.20 22.54
N VAL B 231 -15.61 -5.50 22.36
CA VAL B 231 -14.74 -6.53 22.95
C VAL B 231 -14.21 -7.50 21.88
N PHE B 232 -12.97 -8.00 22.02
CA PHE B 232 -12.51 -9.11 21.19
C PHE B 232 -11.37 -9.90 21.90
N SER B 233 -11.08 -11.06 21.37
CA SER B 233 -10.05 -11.98 21.93
C SER B 233 -8.82 -12.11 21.05
N GLY B 234 -7.64 -12.05 21.67
CA GLY B 234 -6.40 -12.26 20.96
C GLY B 234 -6.26 -13.54 20.13
N HIS B 235 -6.76 -14.65 20.64
CA HIS B 235 -6.40 -15.97 20.10
C HIS B 235 -7.07 -16.22 18.78
N LYS B 236 -8.06 -15.38 18.46
CA LYS B 236 -8.74 -15.44 17.19
C LYS B 236 -8.20 -14.54 16.10
N ILE B 237 -7.15 -13.77 16.40
CA ILE B 237 -6.50 -12.91 15.41
C ILE B 237 -5.00 -13.22 15.39
N LEU B 238 -4.69 -14.53 15.37
CA LEU B 238 -3.30 -15.05 15.37
C LEU B 238 -2.57 -14.84 16.65
N GLY B 239 -3.26 -14.39 17.69
CA GLY B 239 -2.61 -13.93 18.88
C GLY B 239 -2.45 -14.97 19.98
N PRO B 240 -1.78 -14.58 21.05
CA PRO B 240 -1.61 -15.41 22.24
C PRO B 240 -2.98 -15.76 22.84
N THR B 241 -3.04 -16.85 23.61
CA THR B 241 -4.21 -17.09 24.49
C THR B 241 -4.10 -16.22 25.73
N GLY B 242 -5.21 -16.12 26.45
CA GLY B 242 -5.33 -15.43 27.71
C GLY B 242 -5.38 -13.93 27.68
N ILE B 243 -5.47 -13.35 26.49
CA ILE B 243 -5.42 -11.90 26.32
C ILE B 243 -6.68 -11.48 25.46
N GLY B 244 -7.37 -10.46 25.92
CA GLY B 244 -8.46 -9.82 25.15
C GLY B 244 -8.40 -8.31 25.34
N VAL B 245 -9.28 -7.61 24.66
CA VAL B 245 -9.35 -6.17 24.62
C VAL B 245 -10.80 -5.79 24.87
N LEU B 246 -10.94 -4.73 25.63
CA LEU B 246 -12.18 -4.01 25.81
C LEU B 246 -11.90 -2.54 25.45
N TYR B 247 -12.64 -2.04 24.49
CA TYR B 247 -12.61 -0.66 24.13
C TYR B 247 -13.85 -0.03 24.77
N GLY B 248 -13.67 1.16 25.38
CA GLY B 248 -14.84 1.96 25.79
C GLY B 248 -14.54 3.45 25.59
N LYS B 249 -15.60 4.20 25.26
CA LYS B 249 -15.51 5.66 25.15
C LYS B 249 -15.01 6.26 26.44
N LYS B 250 -14.08 7.16 26.34
CA LYS B 250 -13.48 7.73 27.55
C LYS B 250 -14.49 8.28 28.53
N ALA B 251 -15.46 9.04 28.02
CA ALA B 251 -16.49 9.66 28.88
C ALA B 251 -17.29 8.65 29.65
N LEU B 252 -17.50 7.45 29.07
CA LEU B 252 -18.22 6.38 29.79
C LEU B 252 -17.28 5.62 30.77
N LEU B 253 -16.05 5.34 30.36
CA LEU B 253 -15.13 4.60 31.23
C LEU B 253 -14.94 5.39 32.53
N GLU B 254 -14.83 6.72 32.39
CA GLU B 254 -14.62 7.55 33.56
C GLU B 254 -15.70 7.49 34.60
N GLN B 255 -16.93 7.08 34.27
CA GLN B 255 -18.02 6.99 35.22
C GLN B 255 -18.30 5.56 35.75
N LEU B 256 -17.57 4.55 35.27
CA LEU B 256 -17.91 3.17 35.58
C LEU B 256 -17.24 2.70 36.80
N GLU B 257 -17.94 2.00 37.64
CA GLU B 257 -17.24 1.33 38.76
C GLU B 257 -16.33 0.22 38.24
N PRO B 258 -15.16 0.05 38.81
CA PRO B 258 -14.31 -1.05 38.27
C PRO B 258 -14.97 -2.42 38.52
N PHE B 259 -14.73 -3.41 37.66
CA PHE B 259 -15.25 -4.76 37.88
C PHE B 259 -14.42 -5.50 38.94
N LEU B 260 -13.11 -5.56 38.69
CA LEU B 260 -12.14 -6.25 39.59
C LEU B 260 -11.31 -5.23 40.40
N TYR B 261 -10.92 -5.57 41.63
CA TYR B 261 -10.10 -4.74 42.47
C TYR B 261 -8.79 -5.40 42.85
N GLY B 262 -7.80 -4.56 43.08
CA GLY B 262 -6.51 -4.99 43.52
C GLY B 262 -5.45 -3.97 43.25
N GLY B 263 -4.20 -4.43 43.03
CA GLY B 263 -3.10 -3.55 42.78
C GLY B 263 -3.20 -2.82 41.46
N GLU B 264 -2.51 -1.65 41.42
CA GLU B 264 -2.34 -0.79 40.25
C GLU B 264 -3.61 -0.06 39.86
N MET B 265 -4.76 -0.71 39.93
CA MET B 265 -6.02 -0.02 39.67
C MET B 265 -6.44 0.99 40.74
N ILE B 266 -5.79 0.95 41.92
CA ILE B 266 -6.02 1.90 42.99
C ILE B 266 -5.12 3.10 42.85
N ASP B 267 -5.50 4.18 43.51
CA ASP B 267 -4.58 5.31 43.72
C ASP B 267 -4.18 5.31 45.20
N LYS B 268 -5.14 5.51 46.11
CA LYS B 268 -4.88 5.50 47.55
C LYS B 268 -5.64 4.39 48.19
N VAL B 269 -4.99 3.64 49.08
CA VAL B 269 -5.68 2.60 49.85
C VAL B 269 -5.53 2.85 51.37
N THR B 270 -6.62 2.86 52.12
CA THR B 270 -6.52 2.77 53.58
C THR B 270 -7.22 1.48 54.04
N PHE B 271 -7.16 1.18 55.34
CA PHE B 271 -7.91 0.05 55.89
C PHE B 271 -9.42 0.16 55.67
N GLU B 272 -9.94 1.37 55.47
CA GLU B 272 -11.36 1.59 55.34
C GLU B 272 -11.84 2.09 53.97
N ASP B 273 -10.97 2.67 53.16
CA ASP B 273 -11.45 3.28 51.87
C ASP B 273 -10.42 3.14 50.78
N VAL B 274 -10.88 3.25 49.53
CA VAL B 274 -10.00 3.25 48.38
C VAL B 274 -10.39 4.27 47.39
N THR B 275 -9.41 4.82 46.68
CA THR B 275 -9.69 5.59 45.47
C THR B 275 -8.99 4.95 44.28
N PHE B 276 -9.37 5.32 43.05
CA PHE B 276 -8.94 4.55 41.86
C PHE B 276 -7.95 5.31 41.04
N ASN B 277 -7.12 4.57 40.30
CA ASN B 277 -6.12 5.14 39.43
C ASN B 277 -6.77 5.77 38.19
N VAL B 278 -5.98 6.44 37.38
CA VAL B 278 -6.47 6.99 36.12
C VAL B 278 -6.76 5.83 35.09
N LEU B 279 -7.45 6.17 34.03
CA LEU B 279 -7.62 5.36 32.85
C LEU B 279 -6.25 5.17 32.20
N PRO B 280 -5.97 3.99 31.68
CA PRO B 280 -6.87 2.82 31.63
C PRO B 280 -6.72 1.89 32.84
N TYR B 281 -5.77 2.18 33.69
CA TYR B 281 -5.40 1.30 34.80
C TYR B 281 -6.46 1.05 35.83
N ARG B 282 -7.41 1.97 35.93
CA ARG B 282 -8.60 1.80 36.77
C ARG B 282 -9.26 0.43 36.57
N PHE B 283 -9.16 -0.06 35.34
CA PHE B 283 -9.81 -1.33 34.97
C PHE B 283 -8.86 -2.53 34.74
N GLU B 284 -7.59 -2.40 35.14
CA GLU B 284 -6.58 -3.47 35.10
C GLU B 284 -6.10 -3.78 36.50
N ALA B 285 -6.78 -4.73 37.15
CA ALA B 285 -6.48 -5.18 38.50
C ALA B 285 -5.36 -6.21 38.55
N GLY B 286 -4.29 -5.86 39.23
CA GLY B 286 -3.17 -6.77 39.37
C GLY B 286 -2.40 -7.05 38.06
N THR B 287 -1.50 -8.00 38.13
CA THR B 287 -0.64 -8.28 36.97
C THR B 287 -1.44 -8.88 35.82
N GLN B 288 -1.39 -8.19 34.68
CA GLN B 288 -2.12 -8.56 33.50
C GLN B 288 -1.28 -9.59 32.69
N HIS B 289 -1.77 -9.96 31.55
CA HIS B 289 -1.08 -10.94 30.77
C HIS B 289 -0.01 -10.17 29.98
N ILE B 290 1.07 -9.82 30.67
CA ILE B 290 2.06 -8.88 30.10
C ILE B 290 2.56 -9.33 28.72
N THR B 291 3.04 -10.55 28.67
CA THR B 291 3.58 -11.07 27.44
C THR B 291 2.51 -11.31 26.38
N GLY B 292 1.30 -11.60 26.83
CA GLY B 292 0.19 -11.69 25.93
C GLY B 292 -0.17 -10.40 25.20
N ALA B 293 -0.09 -9.32 25.91
CA ALA B 293 -0.37 -8.03 25.33
C ALA B 293 0.73 -7.68 24.33
N VAL B 294 1.99 -7.95 24.68
CA VAL B 294 3.13 -7.68 23.82
C VAL B 294 3.02 -8.48 22.58
N GLY B 295 2.64 -9.75 22.75
CA GLY B 295 2.42 -10.66 21.61
C GLY B 295 1.32 -10.17 20.71
N LEU B 296 0.20 -9.72 21.29
CA LEU B 296 -0.88 -9.25 20.48
C LEU B 296 -0.44 -8.00 19.68
N GLY B 297 0.34 -7.11 20.31
CA GLY B 297 0.93 -6.00 19.56
C GLY B 297 1.75 -6.46 18.33
N TYR B 298 2.58 -7.48 18.51
CA TYR B 298 3.43 -8.01 17.46
C TYR B 298 2.56 -8.71 16.41
N THR B 299 1.39 -9.18 16.81
CA THR B 299 0.47 -9.79 15.88
C THR B 299 -0.15 -8.76 15.01
N ILE B 300 -0.55 -7.68 15.64
CA ILE B 300 -1.00 -6.51 14.91
C ILE B 300 0.08 -5.94 13.92
N ASP B 301 1.32 -5.74 14.37
CA ASP B 301 2.45 -5.43 13.49
C ASP B 301 2.51 -6.37 12.28
N TYR B 302 2.38 -7.67 12.53
CA TYR B 302 2.46 -8.66 11.46
C TYR B 302 1.35 -8.50 10.46
N LEU B 303 0.12 -8.36 10.91
CA LEU B 303 -0.97 -8.16 9.99
C LEU B 303 -0.86 -6.88 9.17
N GLU B 304 -0.41 -5.82 9.83
CA GLU B 304 -0.14 -4.58 9.15
C GLU B 304 1.02 -4.62 8.19
N SER B 305 2.07 -5.41 8.44
CA SER B 305 3.12 -5.58 7.43
C SER B 305 2.63 -6.30 6.19
N ILE B 306 1.72 -7.27 6.30
CA ILE B 306 1.08 -7.86 5.13
C ILE B 306 0.16 -6.89 4.42
N GLY B 307 -0.60 -6.17 5.21
CA GLY B 307 -1.57 -5.25 4.72
C GLY B 307 -2.94 -5.68 5.12
N PHE B 308 -3.54 -5.00 6.10
CA PHE B 308 -4.77 -5.51 6.65
C PHE B 308 -5.92 -5.46 5.67
N GLU B 309 -5.92 -4.48 4.80
CA GLU B 309 -6.90 -4.44 3.73
C GLU B 309 -6.83 -5.68 2.80
N LYS B 310 -5.63 -6.14 2.54
CA LYS B 310 -5.45 -7.41 1.78
C LYS B 310 -5.94 -8.65 2.52
N VAL B 311 -5.67 -8.68 3.83
CA VAL B 311 -6.22 -9.73 4.69
C VAL B 311 -7.70 -9.77 4.55
N GLU B 312 -8.33 -8.61 4.70
CA GLU B 312 -9.75 -8.51 4.63
C GLU B 312 -10.26 -8.99 3.24
N LYS B 313 -9.63 -8.54 2.15
CA LYS B 313 -10.11 -8.93 0.82
C LYS B 313 -9.87 -10.43 0.54
N HIS B 314 -8.76 -10.95 1.02
CA HIS B 314 -8.49 -12.40 0.91
C HIS B 314 -9.57 -13.24 1.64
N VAL B 315 -9.91 -12.88 2.87
CA VAL B 315 -10.98 -13.58 3.57
C VAL B 315 -12.33 -13.46 2.90
N GLU B 316 -12.63 -12.29 2.36
CA GLU B 316 -13.84 -12.11 1.53
C GLU B 316 -13.86 -13.03 0.34
N GLU B 317 -12.77 -13.08 -0.41
CA GLU B 317 -12.74 -13.94 -1.63
C GLU B 317 -12.88 -15.40 -1.21
N LEU B 318 -12.17 -15.80 -0.12
CA LEU B 318 -12.33 -17.18 0.41
C LEU B 318 -13.74 -17.48 0.86
N SER B 319 -14.38 -16.53 1.57
CA SER B 319 -15.75 -16.68 2.12
C SER B 319 -16.77 -16.88 1.00
N ASN B 320 -16.66 -16.11 -0.06
CA ASN B 320 -17.59 -16.19 -1.14
C ASN B 320 -17.42 -17.54 -1.88
N TYR B 321 -16.17 -18.00 -2.07
CA TYR B 321 -15.93 -19.31 -2.70
C TYR B 321 -16.51 -20.47 -1.84
N LEU B 322 -16.24 -20.43 -0.54
CA LEU B 322 -16.72 -21.44 0.38
C LEU B 322 -18.25 -21.53 0.28
N LEU B 323 -18.94 -20.39 0.42
CA LEU B 323 -20.37 -20.38 0.45
C LEU B 323 -20.93 -20.86 -0.90
N GLU B 324 -20.37 -20.44 -2.03
CA GLU B 324 -20.92 -20.87 -3.31
C GLU B 324 -20.72 -22.36 -3.57
N LYS B 325 -19.59 -22.92 -3.14
CA LYS B 325 -19.33 -24.36 -3.30
C LYS B 325 -20.26 -25.19 -2.41
N MET B 326 -20.51 -24.70 -1.21
CA MET B 326 -21.49 -25.36 -0.30
C MET B 326 -22.91 -25.27 -0.86
N MET B 327 -23.24 -24.17 -1.48
CA MET B 327 -24.57 -24.01 -2.07
C MET B 327 -24.82 -24.97 -3.25
N GLU B 328 -23.77 -25.45 -3.90
CA GLU B 328 -23.91 -26.39 -4.95
C GLU B 328 -24.27 -27.78 -4.51
N LEU B 329 -24.11 -28.10 -3.24
CA LEU B 329 -24.22 -29.49 -2.80
C LEU B 329 -25.65 -29.76 -2.37
N ASP B 330 -26.34 -30.71 -3.03
CA ASP B 330 -27.77 -30.86 -2.76
C ASP B 330 -28.07 -31.69 -1.50
N PHE B 331 -27.04 -32.26 -0.90
CA PHE B 331 -27.17 -33.10 0.26
C PHE B 331 -26.82 -32.37 1.57
N VAL B 332 -26.56 -31.06 1.52
CA VAL B 332 -26.27 -30.30 2.74
C VAL B 332 -27.32 -29.25 3.00
N GLU B 333 -27.66 -29.06 4.26
CA GLU B 333 -28.48 -27.96 4.69
C GLU B 333 -27.57 -26.82 5.29
N VAL B 334 -27.56 -25.62 4.68
CA VAL B 334 -26.74 -24.48 5.06
C VAL B 334 -27.48 -23.46 5.92
N TYR B 335 -26.87 -22.93 6.96
CA TYR B 335 -27.50 -21.97 7.87
C TYR B 335 -26.99 -20.60 7.63
N GLY B 336 -27.82 -19.61 7.96
CA GLY B 336 -27.46 -18.23 7.82
C GLY B 336 -27.92 -17.60 6.48
N PRO B 337 -27.59 -16.31 6.27
CA PRO B 337 -28.00 -15.59 5.05
C PRO B 337 -27.19 -15.95 3.82
N ILE B 338 -27.84 -16.03 2.67
CA ILE B 338 -27.14 -16.38 1.43
C ILE B 338 -27.00 -15.11 0.64
N ASP B 339 -26.11 -14.25 1.08
CA ASP B 339 -25.90 -12.93 0.48
C ASP B 339 -24.56 -12.47 1.01
N SER B 340 -24.16 -11.24 0.68
CA SER B 340 -22.76 -10.83 0.90
C SER B 340 -22.51 -10.40 2.36
N SER B 341 -23.52 -10.31 3.19
CA SER B 341 -23.35 -10.20 4.62
C SER B 341 -22.73 -11.47 5.27
N HIS B 342 -22.80 -12.63 4.59
CA HIS B 342 -22.27 -13.89 5.12
C HIS B 342 -20.77 -13.98 4.88
N LYS B 343 -19.98 -13.93 5.95
CA LYS B 343 -18.53 -14.02 5.83
C LYS B 343 -17.91 -15.09 6.74
N SER B 344 -16.68 -15.50 6.47
CA SER B 344 -15.78 -16.25 7.39
C SER B 344 -16.07 -17.73 7.56
N LEU B 345 -17.33 -18.10 7.63
CA LEU B 345 -17.69 -19.42 8.10
C LEU B 345 -19.00 -19.86 7.55
N VAL B 346 -19.14 -21.18 7.38
CA VAL B 346 -20.39 -21.75 6.95
C VAL B 346 -20.74 -22.92 7.94
N SER B 347 -21.88 -22.79 8.59
CA SER B 347 -22.48 -23.85 9.40
C SER B 347 -23.49 -24.61 8.51
N PHE B 348 -23.45 -25.90 8.65
CA PHE B 348 -24.23 -26.81 7.78
C PHE B 348 -24.42 -28.17 8.45
N ASN B 349 -25.36 -28.94 7.92
CA ASN B 349 -25.48 -30.34 8.23
C ASN B 349 -25.51 -31.19 6.92
N VAL B 350 -25.00 -32.41 7.03
CA VAL B 350 -25.05 -33.36 5.91
C VAL B 350 -26.23 -34.25 6.17
N LYS B 351 -27.13 -34.33 5.21
CA LYS B 351 -28.37 -35.08 5.46
C LYS B 351 -28.12 -36.53 5.76
N GLY B 352 -28.75 -37.04 6.82
CA GLY B 352 -28.53 -38.41 7.28
C GLY B 352 -27.21 -38.70 7.99
N VAL B 353 -26.35 -37.70 8.27
CA VAL B 353 -25.06 -37.94 8.98
C VAL B 353 -24.97 -36.99 10.17
N HIS B 354 -24.75 -37.54 11.35
CA HIS B 354 -24.51 -36.72 12.56
C HIS B 354 -23.31 -35.83 12.40
N PRO B 355 -23.40 -34.59 12.88
CA PRO B 355 -22.31 -33.65 12.70
C PRO B 355 -20.97 -34.17 13.24
N HIS B 356 -20.94 -34.82 14.38
CA HIS B 356 -19.66 -35.34 14.93
C HIS B 356 -19.00 -36.39 14.04
N ASP B 357 -19.80 -37.19 13.35
CA ASP B 357 -19.24 -38.13 12.38
C ASP B 357 -18.69 -37.41 11.17
N VAL B 358 -19.38 -36.36 10.73
CA VAL B 358 -18.84 -35.57 9.59
C VAL B 358 -17.43 -35.05 9.94
N SER B 359 -17.35 -34.43 11.10
CA SER B 359 -16.08 -33.84 11.55
C SER B 359 -15.01 -34.91 11.69
N HIS B 360 -15.38 -36.07 12.24
CA HIS B 360 -14.41 -37.12 12.46
C HIS B 360 -13.86 -37.65 11.11
N ILE B 361 -14.76 -37.97 10.18
CA ILE B 361 -14.38 -38.45 8.87
C ILE B 361 -13.56 -37.43 8.12
N LEU B 362 -13.95 -36.16 8.19
CA LEU B 362 -13.14 -35.13 7.52
C LEU B 362 -11.73 -35.09 8.09
N ASP B 363 -11.61 -35.18 9.41
CA ASP B 363 -10.29 -35.15 10.03
C ASP B 363 -9.45 -36.43 9.70
N GLU B 364 -10.04 -37.60 9.87
CA GLU B 364 -9.29 -38.86 9.78
C GLU B 364 -8.95 -39.28 8.33
N ASN B 365 -9.72 -38.77 7.34
CA ASN B 365 -9.49 -39.08 5.93
C ASN B 365 -9.00 -37.96 5.03
N PHE B 366 -9.15 -36.67 5.44
CA PHE B 366 -8.85 -35.54 4.51
C PHE B 366 -7.97 -34.48 5.16
N GLY B 367 -7.62 -34.71 6.43
CA GLY B 367 -6.80 -33.81 7.22
C GLY B 367 -7.52 -32.49 7.60
N VAL B 368 -8.82 -32.49 7.44
CA VAL B 368 -9.63 -31.23 7.48
C VAL B 368 -10.12 -31.07 8.91
N ALA B 369 -9.78 -29.91 9.49
CA ALA B 369 -10.26 -29.51 10.80
C ALA B 369 -11.57 -28.69 10.72
N THR B 370 -12.68 -29.25 11.22
CA THR B 370 -13.92 -28.56 11.40
C THR B 370 -14.38 -28.79 12.81
N ARG B 371 -15.38 -28.02 13.22
CA ARG B 371 -15.98 -28.19 14.55
C ARG B 371 -17.43 -28.60 14.41
N SER B 372 -17.91 -29.45 15.31
CA SER B 372 -19.30 -29.83 15.37
C SER B 372 -19.79 -29.57 16.79
N GLY B 373 -21.07 -29.48 16.99
CA GLY B 373 -21.67 -29.14 18.26
C GLY B 373 -22.60 -27.95 18.13
N HIS B 374 -22.91 -27.36 19.26
CA HIS B 374 -23.79 -26.20 19.35
C HIS B 374 -23.05 -24.85 19.15
N HIS B 375 -21.72 -24.90 19.06
CA HIS B 375 -20.91 -23.69 18.90
C HIS B 375 -21.23 -22.62 19.96
N ALA B 377 -23.95 -21.73 21.13
CA ALA B 377 -25.14 -20.96 20.81
C ALA B 377 -26.41 -21.82 20.82
N GLN B 378 -26.74 -22.37 21.98
CA GLN B 378 -27.83 -23.35 22.13
C GLN B 378 -29.23 -22.76 21.79
N PRO B 379 -29.52 -21.54 22.20
CA PRO B 379 -30.82 -20.97 21.79
C PRO B 379 -30.94 -20.79 20.27
N LEU B 380 -29.84 -20.40 19.61
CA LEU B 380 -29.85 -20.30 18.17
C LEU B 380 -30.11 -21.66 17.53
N MET B 381 -29.56 -22.72 18.10
CA MET B 381 -29.83 -24.07 17.62
C MET B 381 -31.33 -24.36 17.59
N GLY B 382 -32.05 -23.95 18.64
CA GLY B 382 -33.49 -24.13 18.72
C GLY B 382 -34.20 -23.37 17.61
N VAL B 383 -33.73 -22.17 17.27
CA VAL B 383 -34.25 -21.35 16.18
C VAL B 383 -34.05 -22.07 14.85
N LEU B 384 -32.83 -22.58 14.63
CA LEU B 384 -32.54 -23.22 13.38
C LEU B 384 -33.34 -24.52 13.27
N ALA B 385 -33.64 -25.18 14.39
CA ALA B 385 -34.40 -26.44 14.35
C ALA B 385 -35.76 -26.27 13.66
N LYS B 386 -36.40 -25.13 13.82
CA LYS B 386 -37.71 -24.91 13.24
C LYS B 386 -37.67 -24.68 11.78
N GLY B 387 -36.56 -24.22 11.26
CA GLY B 387 -36.43 -24.05 9.83
C GLY B 387 -35.80 -25.21 9.10
N SER B 388 -35.41 -26.26 9.83
CA SER B 388 -34.65 -27.32 9.22
C SER B 388 -35.64 -28.21 8.45
N LYS B 389 -35.19 -28.76 7.34
CA LYS B 389 -35.94 -29.72 6.56
C LYS B 389 -35.46 -31.15 6.80
N ILE B 390 -34.49 -31.35 7.67
CA ILE B 390 -33.96 -32.69 7.93
C ILE B 390 -34.27 -33.00 9.34
N ASP B 391 -33.81 -34.15 9.80
CA ASP B 391 -33.92 -34.49 11.20
C ASP B 391 -32.82 -33.71 12.00
N PHE B 392 -33.15 -32.53 12.51
CA PHE B 392 -32.13 -31.61 12.97
C PHE B 392 -31.46 -32.11 14.24
N PRO B 393 -30.13 -32.31 14.22
CA PRO B 393 -29.43 -32.87 15.41
C PRO B 393 -29.07 -31.93 16.54
N ASN B 394 -29.68 -30.75 16.59
CA ASN B 394 -29.44 -29.70 17.59
C ASN B 394 -28.00 -29.29 17.67
N SER B 395 -27.33 -29.38 16.53
CA SER B 395 -25.93 -29.02 16.33
C SER B 395 -25.68 -28.93 14.83
N THR B 396 -24.50 -28.43 14.46
CA THR B 396 -24.11 -28.32 13.07
C THR B 396 -22.63 -28.60 12.98
N VAL B 397 -22.17 -28.86 11.75
CA VAL B 397 -20.81 -28.77 11.36
C VAL B 397 -20.47 -27.31 11.00
N ARG B 398 -19.24 -26.86 11.26
CA ARG B 398 -18.84 -25.51 10.80
C ARG B 398 -17.44 -25.55 10.24
N ALA B 399 -17.30 -25.01 9.03
CA ALA B 399 -15.98 -24.72 8.44
C ALA B 399 -15.75 -23.21 8.35
N SER B 400 -14.55 -22.75 8.67
CA SER B 400 -14.26 -21.29 8.82
C SER B 400 -12.87 -20.99 8.27
N VAL B 401 -12.74 -19.90 7.52
CA VAL B 401 -11.53 -19.60 6.79
C VAL B 401 -10.84 -18.36 7.39
N TYR B 402 -9.53 -18.31 7.25
CA TYR B 402 -8.75 -17.19 7.66
C TYR B 402 -7.53 -17.03 6.73
N LEU B 403 -6.58 -16.19 7.12
CA LEU B 403 -5.55 -15.67 6.22
C LEU B 403 -4.78 -16.76 5.44
N TYR B 404 -4.41 -17.86 6.13
CA TYR B 404 -3.45 -18.84 5.60
C TYR B 404 -4.21 -19.92 4.85
N ASN B 405 -5.52 -19.73 4.64
CA ASN B 405 -6.29 -20.70 3.89
C ASN B 405 -6.36 -20.33 2.38
N THR B 406 -6.70 -21.34 1.57
CA THR B 406 -6.67 -21.26 0.11
C THR B 406 -7.91 -21.85 -0.49
N LYS B 407 -8.16 -21.52 -1.74
CA LYS B 407 -9.28 -22.13 -2.43
C LYS B 407 -9.11 -23.67 -2.52
N GLU B 408 -7.86 -24.12 -2.66
CA GLU B 408 -7.59 -25.55 -2.62
C GLU B 408 -8.03 -26.21 -1.30
N ASP B 409 -7.82 -25.57 -0.15
CA ASP B 409 -8.32 -26.07 1.15
C ASP B 409 -9.81 -26.28 1.10
N ILE B 410 -10.51 -25.30 0.52
CA ILE B 410 -11.91 -25.40 0.47
C ILE B 410 -12.29 -26.61 -0.44
N ASP B 411 -11.58 -26.77 -1.55
CA ASP B 411 -11.83 -27.90 -2.43
C ASP B 411 -11.61 -29.27 -1.73
N VAL B 412 -10.63 -29.38 -0.83
CA VAL B 412 -10.49 -30.61 -0.01
C VAL B 412 -11.71 -30.85 0.86
N LEU B 413 -12.24 -29.81 1.51
CA LEU B 413 -13.48 -29.94 2.28
C LEU B 413 -14.63 -30.48 1.39
N ILE B 414 -14.80 -29.89 0.23
CA ILE B 414 -15.87 -30.27 -0.66
C ILE B 414 -15.73 -31.76 -1.06
N GLU B 415 -14.54 -32.16 -1.47
CA GLU B 415 -14.21 -33.55 -1.76
C GLU B 415 -14.54 -34.47 -0.59
N GLY B 416 -14.18 -34.08 0.65
CA GLY B 416 -14.54 -34.90 1.81
C GLY B 416 -16.01 -35.00 2.00
N LEU B 417 -16.75 -33.91 1.80
CA LEU B 417 -18.19 -33.97 1.97
C LEU B 417 -18.83 -34.92 0.89
N LYS B 418 -18.32 -34.91 -0.32
CA LYS B 418 -18.82 -35.80 -1.38
C LYS B 418 -18.45 -37.29 -1.13
N TYR B 419 -17.32 -37.53 -0.47
CA TYR B 419 -16.92 -38.85 -0.07
C TYR B 419 -17.93 -39.37 0.95
N ILE B 420 -18.30 -38.53 1.93
CA ILE B 420 -19.27 -38.95 2.89
C ILE B 420 -20.63 -39.28 2.25
N ARG B 421 -21.02 -38.49 1.25
CA ARG B 421 -22.30 -38.65 0.64
C ARG B 421 -22.31 -39.91 -0.21
N ARG B 422 -21.28 -40.07 -1.00
CA ARG B 422 -21.18 -41.15 -1.91
C ARG B 422 -21.05 -42.51 -1.23
N TRP B 423 -20.46 -42.58 -0.03
CA TRP B 423 -20.05 -43.87 0.49
C TRP B 423 -20.51 -44.18 1.83
N PHE B 424 -20.99 -43.19 2.56
CA PHE B 424 -21.33 -43.48 3.90
C PHE B 424 -22.59 -42.90 4.60
N GLU B 425 -23.77 -42.75 3.99
CA GLU B 425 -24.00 -42.58 2.55
C GLU B 425 -25.22 -41.65 2.37
N HIS C 4 1.34 13.50 9.94
CA HIS C 4 1.35 15.02 9.87
C HIS C 4 1.03 15.62 8.47
N MET C 5 1.30 14.90 7.37
CA MET C 5 0.79 15.30 6.02
C MET C 5 -0.57 14.67 5.65
N ARG C 6 -1.18 14.03 6.66
CA ARG C 6 -2.55 13.56 6.61
C ARG C 6 -2.74 12.58 5.47
N SER C 7 -1.74 11.73 5.29
CA SER C 7 -1.78 10.68 4.29
C SER C 7 -1.93 9.34 5.01
N THR C 8 -2.82 8.49 4.53
CA THR C 8 -2.90 7.15 5.07
C THR C 8 -2.02 6.16 4.26
N VAL C 9 -1.22 6.67 3.29
CA VAL C 9 -0.49 5.84 2.29
C VAL C 9 1.03 5.93 2.44
N PHE C 10 1.53 7.14 2.59
CA PHE C 10 2.95 7.40 2.69
C PHE C 10 3.27 7.92 4.07
N SER C 11 4.35 7.44 4.64
CA SER C 11 4.92 8.01 5.84
C SER C 11 5.41 9.42 5.55
N ASP C 12 5.57 10.20 6.62
CA ASP C 12 5.99 11.60 6.50
C ASP C 12 7.31 11.69 5.74
N GLU C 13 8.18 10.71 5.97
CA GLU C 13 9.50 10.70 5.34
C GLU C 13 9.47 10.29 3.87
N GLU C 14 8.70 9.25 3.55
CA GLU C 14 8.53 8.86 2.16
C GLU C 14 7.93 10.02 1.41
N PHE C 15 6.95 10.69 2.03
CA PHE C 15 6.21 11.69 1.32
C PHE C 15 7.06 12.91 1.06
N SER C 16 7.92 13.26 2.01
CA SER C 16 8.78 14.41 1.83
C SER C 16 9.79 14.13 0.75
N ASN C 17 10.29 12.91 0.69
CA ASN C 17 11.19 12.52 -0.41
C ASN C 17 10.46 12.69 -1.77
N ILE C 18 9.17 12.33 -1.82
CA ILE C 18 8.41 12.44 -3.07
C ILE C 18 8.35 13.91 -3.43
N LEU C 19 7.98 14.74 -2.46
CA LEU C 19 7.76 16.13 -2.74
C LEU C 19 9.03 16.78 -3.21
N ASN C 20 10.15 16.39 -2.60
CA ASN C 20 11.45 16.90 -2.97
C ASN C 20 11.92 16.52 -4.39
N ASP C 21 11.33 15.48 -4.98
CA ASP C 21 11.57 15.16 -6.40
C ASP C 21 11.12 16.23 -7.40
N PHE C 22 10.23 17.16 -7.00
CA PHE C 22 9.60 18.06 -7.95
C PHE C 22 9.97 19.51 -7.65
N PRO C 23 11.01 20.01 -8.29
CA PRO C 23 11.47 21.32 -7.91
C PRO C 23 10.47 22.43 -8.14
N ALA C 24 9.48 22.26 -9.01
CA ALA C 24 8.60 23.37 -9.30
C ALA C 24 7.79 23.72 -8.06
N LEU C 25 7.68 22.79 -7.16
CA LEU C 25 6.94 23.02 -5.92
C LEU C 25 7.60 24.08 -5.03
N LYS C 26 8.86 24.46 -5.32
CA LYS C 26 9.55 25.48 -4.54
C LYS C 26 9.24 26.84 -5.09
N ARG C 27 8.54 26.96 -6.21
CA ARG C 27 8.18 28.28 -6.75
C ARG C 27 7.21 29.00 -5.79
N ASN C 28 7.24 30.33 -5.87
CA ASN C 28 6.36 31.19 -5.12
C ASN C 28 5.73 32.13 -6.08
N ILE C 29 4.44 32.38 -5.92
CA ILE C 29 3.68 33.33 -6.72
C ILE C 29 3.19 34.42 -5.74
N ASN C 30 3.69 35.63 -5.93
CA ASN C 30 3.46 36.73 -5.04
C ASN C 30 3.47 36.35 -3.65
N GLY C 31 4.52 35.66 -3.21
CA GLY C 31 4.63 35.37 -1.83
C GLY C 31 4.00 34.11 -1.34
N LYS C 32 3.29 33.38 -2.21
CA LYS C 32 2.70 32.12 -1.77
C LYS C 32 3.25 30.93 -2.51
N ARG C 33 3.32 29.82 -1.81
CA ARG C 33 3.87 28.61 -2.42
C ARG C 33 2.92 28.13 -3.56
N LEU C 34 3.51 27.61 -4.60
CA LEU C 34 2.74 27.01 -5.68
C LEU C 34 1.90 25.82 -5.18
N VAL C 35 0.60 25.89 -5.47
CA VAL C 35 -0.34 24.81 -5.21
C VAL C 35 -0.84 24.40 -6.60
N TYR C 36 -0.22 23.35 -7.13
CA TYR C 36 -0.41 23.03 -8.55
C TYR C 36 -1.58 22.06 -8.62
N LEU C 37 -2.73 22.54 -9.11
CA LEU C 37 -3.95 21.67 -9.22
C LEU C 37 -4.43 21.70 -10.63
N ASP C 38 -3.47 21.68 -11.56
CA ASP C 38 -3.83 21.57 -12.99
C ASP C 38 -3.20 20.37 -13.68
N ASN C 39 -3.16 19.32 -12.91
CA ASN C 39 -2.69 18.01 -13.33
C ASN C 39 -3.41 17.35 -14.46
N ALA C 40 -4.67 17.72 -14.67
CA ALA C 40 -5.45 17.15 -15.75
C ALA C 40 -5.02 17.73 -17.11
N ALA C 41 -4.39 18.91 -17.10
CA ALA C 41 -3.85 19.51 -18.31
C ALA C 41 -2.45 18.98 -18.61
N SER C 42 -1.58 18.99 -17.60
CA SER C 42 -0.26 18.32 -17.69
C SER C 42 0.32 18.23 -16.32
N THR C 43 1.30 17.37 -16.15
CA THR C 43 1.90 17.12 -14.83
C THR C 43 3.32 17.67 -14.73
N LEU C 44 3.74 17.92 -13.51
CA LEU C 44 5.07 18.48 -13.25
C LEU C 44 6.14 17.36 -13.42
N LYS C 45 7.42 17.71 -13.52
CA LYS C 45 8.47 16.72 -13.83
C LYS C 45 9.41 16.48 -12.64
N CYS C 46 9.81 15.21 -12.53
CA CYS C 46 10.69 14.70 -11.53
C CYS C 46 12.14 14.91 -11.95
N LYS C 47 12.95 15.45 -11.04
CA LYS C 47 14.32 15.82 -11.32
C LYS C 47 15.16 14.57 -11.63
N SER C 48 15.01 13.50 -10.88
CA SER C 48 15.82 12.33 -11.16
C SER C 48 15.46 11.73 -12.54
N VAL C 49 14.18 11.78 -12.97
CA VAL C 49 13.83 11.29 -14.30
C VAL C 49 14.40 12.18 -15.40
N ILE C 50 14.27 13.49 -15.25
CA ILE C 50 14.84 14.42 -16.22
C ILE C 50 16.42 14.30 -16.29
N GLU C 51 17.08 14.13 -15.16
CA GLU C 51 18.50 13.87 -15.13
C GLU C 51 18.87 12.63 -15.96
N LYS C 52 18.15 11.53 -15.83
CA LYS C 52 18.48 10.41 -16.70
C LYS C 52 18.30 10.69 -18.16
N MET C 53 17.29 11.48 -18.52
CA MET C 53 17.11 11.88 -19.90
C MET C 53 18.24 12.72 -20.46
N THR C 54 18.74 13.63 -19.65
CA THR C 54 19.88 14.45 -19.94
C THR C 54 21.14 13.56 -20.15
N ASP C 55 21.34 12.62 -19.26
CA ASP C 55 22.44 11.66 -19.40
C ASP C 55 22.33 10.94 -20.75
N PHE C 56 21.10 10.57 -21.13
CA PHE C 56 20.86 9.88 -22.40
C PHE C 56 21.18 10.75 -23.56
N TYR C 57 20.66 11.97 -23.57
CA TYR C 57 20.94 12.86 -24.66
C TYR C 57 22.43 13.20 -24.89
N LEU C 58 23.14 13.35 -23.80
CA LEU C 58 24.50 13.82 -23.83
C LEU C 58 25.52 12.66 -24.04
N TYR C 59 25.21 11.45 -23.59
CA TYR C 59 26.20 10.35 -23.55
C TYR C 59 25.79 9.12 -24.33
N HIS C 60 24.50 8.94 -24.61
CA HIS C 60 24.04 7.65 -25.15
C HIS C 60 23.17 7.78 -26.37
N TYR C 61 23.31 8.88 -27.07
CA TYR C 61 22.38 9.21 -28.13
C TYR C 61 22.91 9.03 -29.56
N SER C 62 22.08 8.46 -30.42
CA SER C 62 22.20 8.51 -31.86
C SER C 62 20.87 8.07 -32.44
N ASN C 63 20.73 8.03 -33.76
CA ASN C 63 19.51 7.49 -34.35
C ASN C 63 19.55 5.96 -34.24
N ILE C 64 18.37 5.38 -34.31
CA ILE C 64 18.18 4.00 -33.87
C ILE C 64 17.84 3.08 -35.00
N HIS C 65 17.88 1.78 -34.70
CA HIS C 65 17.68 0.67 -35.65
C HIS C 65 18.89 0.59 -36.60
N ARG C 66 19.08 -0.55 -37.22
CA ARG C 66 20.25 -0.73 -38.14
C ARG C 66 21.52 -0.29 -37.42
N ALA C 67 21.68 -0.76 -36.19
CA ALA C 67 22.63 -0.13 -35.26
C ALA C 67 24.04 -0.76 -35.41
N VAL C 68 24.91 -0.19 -36.23
CA VAL C 68 26.23 -0.75 -36.49
C VAL C 68 27.37 0.03 -35.80
N HIS C 69 27.03 0.96 -34.91
CA HIS C 69 28.03 1.64 -34.14
C HIS C 69 27.53 1.74 -32.75
N THR C 70 28.43 2.06 -31.83
CA THR C 70 28.19 1.91 -30.43
C THR C 70 27.04 2.78 -29.87
N LEU C 71 27.10 4.07 -30.13
CA LEU C 71 26.01 5.00 -29.72
C LEU C 71 24.67 4.58 -30.32
N ALA C 72 24.66 4.21 -31.59
CA ALA C 72 23.43 3.72 -32.25
C ALA C 72 22.89 2.51 -31.55
N SER C 73 23.79 1.62 -31.15
CA SER C 73 23.37 0.41 -30.44
C SER C 73 22.85 0.69 -29.00
N GLU C 74 23.53 1.54 -28.24
CA GLU C 74 23.07 1.94 -26.93
C GLU C 74 21.64 2.58 -27.03
N ALA C 75 21.48 3.50 -27.97
CA ALA C 75 20.18 4.19 -28.15
C ALA C 75 19.10 3.20 -28.55
N THR C 76 19.40 2.30 -29.48
CA THR C 76 18.40 1.30 -29.93
C THR C 76 17.93 0.41 -28.79
N VAL C 77 18.87 -0.10 -28.00
CA VAL C 77 18.57 -0.97 -26.90
C VAL C 77 17.75 -0.21 -25.84
N ALA C 78 18.12 1.01 -25.53
CA ALA C 78 17.39 1.77 -24.54
C ALA C 78 15.92 2.03 -25.01
N TYR C 79 15.76 2.35 -26.30
CA TYR C 79 14.41 2.64 -26.87
C TYR C 79 13.55 1.38 -26.79
N GLU C 80 14.10 0.26 -27.24
CA GLU C 80 13.35 -1.00 -27.21
C GLU C 80 13.11 -1.49 -25.78
N GLN C 81 14.03 -1.19 -24.88
CA GLN C 81 13.77 -1.45 -23.48
C GLN C 81 12.61 -0.59 -22.91
N ALA C 82 12.56 0.68 -23.30
CA ALA C 82 11.39 1.55 -22.90
C ALA C 82 10.11 0.95 -23.41
N ARG C 83 10.11 0.48 -24.66
CA ARG C 83 8.89 -0.15 -25.21
C ARG C 83 8.43 -1.30 -24.31
N GLU C 84 9.38 -2.11 -23.85
CA GLU C 84 9.05 -3.24 -22.98
C GLU C 84 8.58 -2.77 -21.59
N LYS C 85 9.12 -1.66 -21.08
CA LYS C 85 8.65 -1.14 -19.82
C LYS C 85 7.19 -0.71 -19.93
N VAL C 86 6.83 -0.08 -21.06
CA VAL C 86 5.45 0.34 -21.29
C VAL C 86 4.52 -0.87 -21.44
N ALA C 87 4.97 -1.88 -22.19
CA ALA C 87 4.23 -3.13 -22.33
C ALA C 87 3.92 -3.82 -20.99
N ASN C 88 4.94 -3.93 -20.13
CA ASN C 88 4.75 -4.54 -18.84
C ASN C 88 3.81 -3.72 -17.97
N PHE C 89 3.88 -2.40 -18.09
CA PHE C 89 3.00 -1.51 -17.31
C PHE C 89 1.50 -1.72 -17.63
N LEU C 90 1.19 -2.03 -18.88
CA LEU C 90 -0.18 -2.22 -19.33
C LEU C 90 -0.58 -3.69 -19.46
N ASN C 91 0.36 -4.59 -19.20
CA ASN C 91 0.15 -6.08 -19.40
C ASN C 91 -0.07 -6.46 -20.86
N ALA C 92 0.70 -5.84 -21.72
CA ALA C 92 0.65 -6.06 -23.14
C ALA C 92 1.91 -6.72 -23.54
N SER C 93 1.95 -7.19 -24.76
CA SER C 93 3.19 -7.63 -25.30
C SER C 93 3.85 -6.46 -26.08
N SER C 94 5.17 -6.51 -26.23
CA SER C 94 5.94 -5.39 -26.71
C SER C 94 5.64 -5.03 -28.15
N GLU C 95 5.30 -6.00 -28.99
CA GLU C 95 5.01 -5.73 -30.41
C GLU C 95 3.60 -5.05 -30.59
N GLU C 96 2.84 -5.01 -29.52
CA GLU C 96 1.53 -4.33 -29.45
C GLU C 96 1.61 -2.87 -28.97
N ILE C 97 2.80 -2.41 -28.60
CA ILE C 97 3.07 -1.04 -28.16
C ILE C 97 3.70 -0.25 -29.28
N ILE C 98 2.99 0.82 -29.71
CA ILE C 98 3.42 1.75 -30.74
C ILE C 98 3.64 3.12 -30.06
N PHE C 99 4.81 3.70 -30.28
CA PHE C 99 5.07 5.05 -29.78
C PHE C 99 4.57 6.06 -30.81
N THR C 100 3.91 7.10 -30.30
CA THR C 100 3.33 8.16 -31.12
C THR C 100 3.78 9.53 -30.50
N SER C 101 3.24 10.66 -31.00
CA SER C 101 3.43 12.03 -30.45
C SER C 101 2.51 12.35 -29.27
N GLY C 102 1.50 11.52 -29.05
CA GLY C 102 0.44 11.80 -28.06
C GLY C 102 -0.88 11.04 -28.26
N THR C 103 -1.80 11.21 -27.32
CA THR C 103 -3.14 10.69 -27.46
C THR C 103 -3.82 11.15 -28.77
N THR C 104 -3.73 12.43 -29.05
CA THR C 104 -4.42 13.02 -30.21
C THR C 104 -3.96 12.34 -31.51
N MET C 105 -2.64 12.22 -31.72
CA MET C 105 -2.12 11.51 -32.91
C MET C 105 -2.67 10.05 -32.95
N GLY C 106 -2.70 9.40 -31.79
CA GLY C 106 -3.22 8.03 -31.70
C GLY C 106 -4.64 7.83 -32.19
N ILE C 107 -5.54 8.70 -31.76
CA ILE C 107 -6.91 8.69 -32.25
C ILE C 107 -6.96 8.95 -33.72
N ASN C 108 -6.23 9.96 -34.19
CA ASN C 108 -6.23 10.33 -35.63
C ASN C 108 -5.76 9.13 -36.45
N PHE C 109 -4.74 8.45 -35.92
CA PHE C 109 -4.21 7.25 -36.52
C PHE C 109 -5.31 6.20 -36.71
N LEU C 110 -6.07 5.94 -35.66
CA LEU C 110 -7.09 4.93 -35.69
C LEU C 110 -8.21 5.26 -36.67
N VAL C 111 -8.69 6.50 -36.63
CA VAL C 111 -9.72 6.93 -37.58
C VAL C 111 -9.34 6.73 -39.01
N ASN C 112 -8.19 7.24 -39.39
CA ASN C 112 -7.74 7.15 -40.78
C ASN C 112 -7.37 5.70 -41.17
N SER C 113 -6.79 4.98 -40.25
CA SER C 113 -6.37 3.65 -40.60
C SER C 113 -7.58 2.69 -40.61
N LEU C 114 -8.48 2.81 -39.64
CA LEU C 114 -9.67 2.01 -39.73
C LEU C 114 -10.48 2.22 -41.03
N ALA C 115 -10.51 3.45 -41.54
CA ALA C 115 -11.23 3.74 -42.80
C ALA C 115 -10.44 3.31 -44.04
N LYS C 116 -9.15 3.57 -44.05
CA LYS C 116 -8.31 3.10 -45.16
C LYS C 116 -8.26 1.56 -45.26
N SER C 117 -8.40 0.86 -44.15
CA SER C 117 -8.28 -0.58 -44.12
C SER C 117 -9.58 -1.33 -44.52
N GLY C 118 -10.66 -0.60 -44.71
CA GLY C 118 -11.96 -1.20 -45.00
C GLY C 118 -12.69 -1.74 -43.81
N ILE C 119 -12.37 -1.32 -42.59
CA ILE C 119 -13.04 -1.82 -41.41
C ILE C 119 -14.16 -0.86 -41.04
N LEU C 120 -13.89 0.45 -41.08
CA LEU C 120 -14.93 1.46 -40.84
C LEU C 120 -15.35 1.97 -42.22
N LYS C 121 -16.41 1.40 -42.77
CA LYS C 121 -16.83 1.70 -44.18
C LYS C 121 -18.00 2.66 -44.21
N THR C 122 -18.48 3.08 -45.41
CA THR C 122 -19.62 4.04 -45.45
C THR C 122 -20.84 3.68 -44.70
N GLU C 123 -21.23 2.43 -44.73
CA GLU C 123 -22.48 2.07 -44.05
C GLU C 123 -22.29 1.84 -42.52
N ASP C 124 -21.05 1.95 -42.04
CA ASP C 124 -20.77 1.67 -40.62
C ASP C 124 -20.98 2.86 -39.68
N THR C 125 -21.19 2.56 -38.41
CA THR C 125 -21.32 3.52 -37.38
C THR C 125 -20.17 3.40 -36.38
N VAL C 126 -19.65 4.57 -35.98
CA VAL C 126 -18.81 4.67 -34.80
C VAL C 126 -19.61 5.27 -33.69
N LEU C 127 -19.62 4.61 -32.56
CA LEU C 127 -20.32 5.10 -31.35
C LEU C 127 -19.32 5.68 -30.37
N ILE C 128 -19.50 6.96 -30.02
CA ILE C 128 -18.67 7.69 -29.09
C ILE C 128 -19.61 8.23 -28.01
N SER C 129 -19.10 8.96 -27.04
CA SER C 129 -19.99 9.50 -26.00
C SER C 129 -20.09 11.01 -26.08
N GLN C 130 -21.09 11.56 -25.44
CA GLN C 130 -21.28 12.98 -25.43
C GLN C 130 -20.23 13.73 -24.57
N VAL C 131 -19.52 13.03 -23.71
CA VAL C 131 -18.55 13.68 -22.84
C VAL C 131 -17.12 13.66 -23.40
N GLU C 132 -16.94 13.11 -24.57
CA GLU C 132 -15.59 13.06 -25.19
C GLU C 132 -14.86 14.45 -25.27
N HIS C 133 -13.55 14.37 -24.97
CA HIS C 133 -12.54 15.36 -25.33
C HIS C 133 -12.58 15.53 -26.80
N HIS C 134 -12.26 16.73 -27.26
CA HIS C 134 -12.16 16.97 -28.70
C HIS C 134 -11.27 15.97 -29.48
N ALA C 135 -10.16 15.54 -28.89
CA ALA C 135 -9.25 14.52 -29.51
C ALA C 135 -10.00 13.20 -29.91
N ASN C 136 -11.01 12.85 -29.15
CA ASN C 136 -11.76 11.64 -29.43
C ASN C 136 -13.18 11.96 -29.91
N LEU C 137 -13.34 13.13 -30.54
CA LEU C 137 -14.65 13.63 -31.05
C LEU C 137 -14.48 14.23 -32.44
N VAL C 138 -13.59 15.20 -32.56
CA VAL C 138 -13.41 15.91 -33.80
C VAL C 138 -12.92 15.08 -34.98
N PRO C 139 -11.94 14.20 -34.75
CA PRO C 139 -11.47 13.34 -35.87
C PRO C 139 -12.62 12.48 -36.45
N TRP C 140 -13.49 11.99 -35.58
CA TRP C 140 -14.60 11.17 -36.05
C TRP C 140 -15.65 12.06 -36.83
N VAL C 141 -16.04 13.17 -36.21
CA VAL C 141 -17.04 14.03 -36.83
C VAL C 141 -16.56 14.60 -38.17
N ARG C 142 -15.34 15.06 -38.22
CA ARG C 142 -14.86 15.62 -39.44
C ARG C 142 -14.56 14.61 -40.53
N LEU C 143 -13.90 13.53 -40.15
CA LEU C 143 -13.55 12.54 -41.15
C LEU C 143 -14.78 11.78 -41.64
N SER C 144 -15.86 11.76 -40.89
CA SER C 144 -17.16 11.26 -41.42
C SER C 144 -17.57 11.99 -42.72
N LYS C 145 -17.14 13.24 -42.88
CA LYS C 145 -17.56 14.05 -44.04
C LYS C 145 -16.72 13.74 -45.26
N PHE C 146 -15.62 13.01 -45.06
CA PHE C 146 -14.76 12.60 -46.14
C PHE C 146 -14.97 11.12 -46.49
N TYR C 147 -15.09 10.25 -45.47
CA TYR C 147 -15.25 8.82 -45.72
C TYR C 147 -16.69 8.34 -45.74
N GLY C 148 -17.58 9.07 -45.11
CA GLY C 148 -18.98 8.79 -45.14
C GLY C 148 -19.54 7.79 -44.15
N PHE C 149 -18.80 7.47 -43.06
CA PHE C 149 -19.36 6.65 -42.01
C PHE C 149 -20.22 7.52 -41.15
N LYS C 150 -20.96 6.90 -40.25
CA LYS C 150 -21.82 7.62 -39.34
C LYS C 150 -21.27 7.67 -37.93
N VAL C 151 -21.61 8.73 -37.24
CA VAL C 151 -21.26 8.92 -35.85
C VAL C 151 -22.53 8.94 -35.01
N ALA C 152 -22.56 8.21 -33.91
CA ALA C 152 -23.68 8.22 -32.96
C ALA C 152 -23.10 8.38 -31.56
N TYR C 153 -23.95 8.76 -30.60
CA TYR C 153 -23.51 9.13 -29.28
C TYR C 153 -24.28 8.41 -28.19
N ILE C 154 -23.57 7.95 -27.20
CA ILE C 154 -24.14 7.64 -25.91
C ILE C 154 -24.36 8.96 -25.18
N THR C 155 -25.55 9.16 -24.60
CA THR C 155 -25.95 10.45 -24.14
C THR C 155 -25.62 10.52 -22.66
N ALA C 156 -25.26 11.72 -22.22
CA ALA C 156 -24.95 12.00 -20.86
C ALA C 156 -26.18 12.70 -20.27
N ASP C 157 -26.37 12.59 -18.98
CA ASP C 157 -27.42 13.31 -18.28
C ASP C 157 -27.03 14.77 -18.03
N GLU C 158 -27.83 15.50 -17.27
CA GLU C 158 -27.61 16.92 -17.20
C GLU C 158 -26.52 17.38 -16.22
N LYS C 159 -25.93 16.46 -15.50
CA LYS C 159 -24.74 16.72 -14.74
C LYS C 159 -23.50 16.13 -15.49
N GLY C 160 -23.68 15.70 -16.72
CA GLY C 160 -22.65 15.09 -17.57
C GLY C 160 -22.29 13.63 -17.29
N VAL C 161 -23.13 12.93 -16.55
CA VAL C 161 -22.87 11.56 -16.20
C VAL C 161 -23.30 10.59 -17.29
N ILE C 162 -22.48 9.57 -17.54
CA ILE C 162 -22.86 8.51 -18.46
C ILE C 162 -23.35 7.36 -17.57
N THR C 163 -24.66 7.10 -17.49
CA THR C 163 -25.22 6.09 -16.54
C THR C 163 -25.16 4.73 -17.18
N ASN C 164 -25.18 3.67 -16.39
CA ASN C 164 -25.35 2.31 -16.94
C ASN C 164 -26.58 2.19 -17.86
N GLU C 165 -27.66 2.83 -17.47
CA GLU C 165 -28.92 2.81 -18.25
C GLU C 165 -28.79 3.41 -19.63
N SER C 166 -28.06 4.51 -19.73
CA SER C 166 -27.88 5.18 -21.02
C SER C 166 -27.10 4.30 -21.94
N ILE C 167 -26.13 3.60 -21.36
CA ILE C 167 -25.36 2.68 -22.17
C ILE C 167 -26.30 1.53 -22.72
N LEU C 168 -27.13 0.97 -21.86
CA LEU C 168 -27.98 -0.15 -22.32
C LEU C 168 -29.06 0.36 -23.23
N LYS C 169 -29.59 1.55 -22.96
CA LYS C 169 -30.47 2.22 -23.92
C LYS C 169 -29.87 2.39 -25.30
N THR C 170 -28.59 2.73 -25.40
CA THR C 170 -27.98 2.89 -26.68
C THR C 170 -27.87 1.54 -27.36
N LYS C 171 -27.51 0.52 -26.58
CA LYS C 171 -27.42 -0.85 -27.14
C LYS C 171 -28.78 -1.28 -27.80
N GLU C 172 -29.88 -0.93 -27.18
CA GLU C 172 -31.22 -1.15 -27.79
C GLU C 172 -31.34 -0.49 -29.12
N SER C 173 -30.93 0.79 -29.28
CA SER C 173 -31.05 1.50 -30.58
C SER C 173 -30.01 1.10 -31.56
N ILE C 174 -28.78 0.80 -31.12
CA ILE C 174 -27.69 0.61 -32.07
C ILE C 174 -26.98 -0.64 -31.56
N PRO C 175 -27.47 -1.81 -31.99
CA PRO C 175 -26.94 -3.05 -31.37
C PRO C 175 -25.59 -3.48 -31.83
N ASN C 176 -25.21 -3.08 -33.05
CA ASN C 176 -24.03 -3.58 -33.68
C ASN C 176 -23.18 -2.44 -34.28
N PRO C 177 -22.74 -1.46 -33.45
CA PRO C 177 -21.81 -0.46 -34.00
C PRO C 177 -20.51 -1.12 -34.38
N LYS C 178 -19.98 -0.79 -35.53
CA LYS C 178 -18.68 -1.33 -35.95
C LYS C 178 -17.51 -0.95 -35.01
N VAL C 179 -17.53 0.29 -34.47
CA VAL C 179 -16.45 0.84 -33.61
C VAL C 179 -17.09 1.56 -32.48
N VAL C 180 -16.57 1.39 -31.29
CA VAL C 180 -16.98 2.12 -30.11
C VAL C 180 -15.69 2.80 -29.63
N SER C 181 -15.74 4.12 -29.44
CA SER C 181 -14.58 4.84 -28.92
C SER C 181 -15.03 5.69 -27.77
N ILE C 182 -14.52 5.38 -26.60
CA ILE C 182 -15.00 6.01 -25.39
C ILE C 182 -13.84 6.40 -24.47
N THR C 183 -14.02 7.47 -23.71
CA THR C 183 -13.03 7.84 -22.75
C THR C 183 -12.99 6.80 -21.61
N GLY C 184 -11.79 6.56 -21.11
CA GLY C 184 -11.57 5.88 -19.85
C GLY C 184 -11.99 6.70 -18.65
N GLN C 185 -11.89 8.03 -18.77
CA GLN C 185 -12.18 8.95 -17.62
C GLN C 185 -12.25 10.35 -18.16
N SER C 186 -13.37 11.01 -17.95
CA SER C 186 -13.61 12.33 -18.52
C SER C 186 -12.67 13.30 -17.84
N ASN C 187 -12.10 14.17 -18.65
CA ASN C 187 -11.31 15.34 -18.21
C ASN C 187 -12.11 16.49 -17.64
N VAL C 188 -13.45 16.36 -17.63
CA VAL C 188 -14.31 17.40 -17.08
C VAL C 188 -15.16 16.89 -15.91
N THR C 189 -15.86 15.76 -16.12
CA THR C 189 -16.73 15.19 -15.08
C THR C 189 -15.96 14.39 -14.08
N GLY C 190 -14.76 13.95 -14.42
CA GLY C 190 -14.00 13.07 -13.51
C GLY C 190 -14.48 11.61 -13.51
N GLN C 191 -15.50 11.29 -14.30
CA GLN C 191 -16.10 9.94 -14.23
C GLN C 191 -15.20 8.91 -14.88
N GLU C 192 -14.70 7.98 -14.08
CA GLU C 192 -14.08 6.78 -14.62
C GLU C 192 -15.17 5.87 -15.26
N MET C 193 -15.08 5.64 -16.55
CA MET C 193 -16.14 5.00 -17.24
C MET C 193 -16.16 3.46 -16.92
N PRO C 194 -17.33 2.86 -16.96
CA PRO C 194 -17.49 1.40 -16.78
C PRO C 194 -17.01 0.61 -17.99
N ILE C 195 -15.71 0.44 -18.15
CA ILE C 195 -15.19 -0.08 -19.40
C ILE C 195 -15.62 -1.55 -19.59
N GLU C 196 -15.72 -2.29 -18.50
CA GLU C 196 -16.21 -3.67 -18.55
C GLU C 196 -17.66 -3.76 -19.07
N LEU C 197 -18.56 -2.98 -18.50
CA LEU C 197 -19.90 -2.86 -19.05
C LEU C 197 -19.90 -2.57 -20.55
N ILE C 198 -19.15 -1.57 -20.98
CA ILE C 198 -19.10 -1.21 -22.38
C ILE C 198 -18.59 -2.36 -23.24
N ARG C 199 -17.49 -2.98 -22.81
CA ARG C 199 -16.91 -4.08 -23.55
C ARG C 199 -17.88 -5.28 -23.73
N GLU C 200 -18.58 -5.60 -22.64
CA GLU C 200 -19.57 -6.73 -22.61
C GLU C 200 -20.90 -6.42 -23.31
N THR C 201 -21.23 -5.15 -23.40
CA THR C 201 -22.40 -4.71 -24.14
C THR C 201 -22.17 -4.59 -25.64
N PHE C 202 -20.95 -4.26 -26.05
CA PHE C 202 -20.63 -4.16 -27.42
C PHE C 202 -19.45 -5.08 -27.69
N LYS C 203 -19.68 -6.40 -27.48
CA LYS C 203 -18.57 -7.35 -27.49
C LYS C 203 -17.99 -7.61 -28.85
N ASN C 204 -18.77 -7.36 -29.91
CA ASN C 204 -18.28 -7.59 -31.26
C ASN C 204 -17.74 -6.30 -31.94
N ALA C 205 -17.91 -5.15 -31.30
CA ALA C 205 -17.29 -3.89 -31.77
C ALA C 205 -15.75 -3.84 -31.64
N THR C 206 -15.10 -3.09 -32.52
CA THR C 206 -13.73 -2.65 -32.27
C THR C 206 -13.76 -1.54 -31.20
N LEU C 207 -13.36 -1.90 -29.98
CA LEU C 207 -13.44 -0.99 -28.82
C LEU C 207 -12.10 -0.21 -28.54
N ILE C 208 -12.15 1.12 -28.62
CA ILE C 208 -10.97 2.04 -28.45
C ILE C 208 -11.19 2.79 -27.15
N VAL C 209 -10.19 2.82 -26.27
CA VAL C 209 -10.30 3.60 -25.07
C VAL C 209 -9.32 4.78 -25.07
N ASP C 210 -9.85 5.99 -24.86
CA ASP C 210 -9.04 7.18 -24.65
C ASP C 210 -8.67 7.24 -23.18
N GLY C 211 -7.45 6.77 -22.86
CA GLY C 211 -7.09 6.61 -21.48
C GLY C 211 -6.20 7.71 -20.95
N ALA C 212 -6.21 8.86 -21.61
CA ALA C 212 -5.25 9.97 -21.28
C ALA C 212 -5.37 10.44 -19.84
N GLN C 213 -6.58 10.53 -19.27
CA GLN C 213 -6.69 10.86 -17.84
C GLN C 213 -6.64 9.71 -16.91
N LEU C 214 -6.93 8.49 -17.41
CA LEU C 214 -7.04 7.32 -16.57
C LEU C 214 -5.66 6.66 -16.20
N VAL C 215 -4.90 6.38 -17.22
CA VAL C 215 -3.62 5.64 -17.12
C VAL C 215 -2.66 6.28 -16.11
N PRO C 216 -2.62 7.62 -16.01
CA PRO C 216 -1.73 8.23 -15.00
C PRO C 216 -1.96 7.83 -13.57
N HIS C 217 -3.15 7.41 -13.19
CA HIS C 217 -3.44 7.16 -11.74
C HIS C 217 -4.18 5.89 -11.38
N LYS C 218 -4.43 5.02 -12.35
CA LYS C 218 -5.16 3.79 -12.11
C LYS C 218 -4.58 2.70 -12.98
N LYS C 219 -4.34 1.57 -12.36
CA LYS C 219 -3.78 0.40 -13.04
C LYS C 219 -4.68 0.02 -14.22
N VAL C 220 -4.09 -0.18 -15.38
CA VAL C 220 -4.78 -0.60 -16.57
C VAL C 220 -4.13 -1.91 -17.07
N ASP C 221 -4.93 -2.96 -17.10
CA ASP C 221 -4.52 -4.27 -17.65
C ASP C 221 -5.33 -4.52 -18.92
N VAL C 222 -4.68 -4.37 -20.05
CA VAL C 222 -5.42 -4.37 -21.27
C VAL C 222 -5.98 -5.76 -21.62
N LYS C 223 -5.42 -6.82 -21.02
CA LYS C 223 -5.88 -8.18 -21.36
C LYS C 223 -7.09 -8.40 -20.59
N LYS C 224 -7.02 -8.10 -19.31
CA LYS C 224 -8.20 -8.13 -18.49
C LYS C 224 -9.36 -7.27 -19.05
N LEU C 225 -9.12 -6.00 -19.36
CA LEU C 225 -10.20 -5.12 -19.89
C LEU C 225 -10.72 -5.57 -21.28
N ASP C 226 -9.85 -6.25 -22.01
CA ASP C 226 -10.12 -6.80 -23.35
C ASP C 226 -10.46 -5.68 -24.35
N VAL C 227 -9.88 -4.49 -24.10
CA VAL C 227 -9.98 -3.42 -25.09
C VAL C 227 -9.19 -3.77 -26.35
N ASP C 228 -9.67 -3.31 -27.50
CA ASP C 228 -8.99 -3.51 -28.71
C ASP C 228 -7.85 -2.53 -28.97
N PHE C 229 -8.05 -1.28 -28.58
CA PHE C 229 -6.99 -0.24 -28.70
C PHE C 229 -7.06 0.62 -27.49
N LEU C 230 -5.91 1.14 -27.07
CA LEU C 230 -5.87 2.13 -25.94
C LEU C 230 -4.80 3.16 -26.26
N VAL C 231 -5.04 4.42 -25.91
CA VAL C 231 -4.12 5.52 -26.17
C VAL C 231 -3.93 6.40 -24.92
N PHE C 232 -2.72 6.93 -24.75
CA PHE C 232 -2.45 7.86 -23.63
C PHE C 232 -1.25 8.72 -23.99
N SER C 233 -0.99 9.72 -23.18
CA SER C 233 0.03 10.72 -23.46
C SER C 233 1.01 10.72 -22.31
N GLY C 234 2.29 10.80 -22.62
CA GLY C 234 3.28 10.73 -21.53
C GLY C 234 3.33 11.94 -20.59
N HIS C 235 3.02 13.12 -21.11
CA HIS C 235 3.12 14.35 -20.32
C HIS C 235 2.12 14.43 -19.17
N LYS C 236 1.08 13.59 -19.20
CA LYS C 236 0.14 13.47 -18.06
C LYS C 236 0.49 12.45 -17.01
N ILE C 237 1.56 11.71 -17.20
CA ILE C 237 2.05 10.77 -16.19
C ILE C 237 3.52 11.05 -15.83
N LEU C 238 3.80 12.33 -15.58
CA LEU C 238 5.11 12.82 -15.13
C LEU C 238 6.12 12.77 -16.25
N GLY C 239 5.66 12.48 -17.47
CA GLY C 239 6.56 12.18 -18.54
C GLY C 239 6.90 13.37 -19.40
N PRO C 240 7.79 13.14 -20.34
CA PRO C 240 8.19 14.11 -21.32
C PRO C 240 7.05 14.52 -22.23
N THR C 241 7.17 15.70 -22.88
CA THR C 241 6.22 16.07 -23.91
C THR C 241 6.63 15.41 -25.22
N GLY C 242 5.70 15.38 -26.16
CA GLY C 242 5.92 14.90 -27.53
C GLY C 242 5.89 13.38 -27.75
N ILE C 243 5.53 12.67 -26.70
CA ILE C 243 5.53 11.20 -26.69
C ILE C 243 4.17 10.68 -26.22
N GLY C 244 3.61 9.75 -26.98
CA GLY C 244 2.52 9.00 -26.44
C GLY C 244 2.58 7.53 -26.83
N VAL C 245 1.53 6.82 -26.49
CA VAL C 245 1.49 5.36 -26.68
C VAL C 245 0.17 5.01 -27.32
N LEU C 246 0.21 4.10 -28.29
CA LEU C 246 -0.99 3.42 -28.79
C LEU C 246 -0.78 1.91 -28.60
N TYR C 247 -1.70 1.28 -27.90
CA TYR C 247 -1.69 -0.17 -27.71
C TYR C 247 -2.73 -0.70 -28.65
N GLY C 248 -2.44 -1.73 -29.44
CA GLY C 248 -3.55 -2.52 -30.02
C GLY C 248 -3.29 -4.02 -30.01
N LYS C 249 -4.36 -4.80 -30.02
CA LYS C 249 -4.27 -6.27 -30.10
C LYS C 249 -3.54 -6.62 -31.33
N LYS C 250 -2.58 -7.52 -31.20
CA LYS C 250 -1.68 -7.90 -32.27
C LYS C 250 -2.48 -8.33 -33.50
N ALA C 251 -3.54 -9.10 -33.32
CA ALA C 251 -4.27 -9.62 -34.48
C ALA C 251 -5.00 -8.49 -35.22
N LEU C 252 -5.43 -7.46 -34.51
CA LEU C 252 -6.05 -6.27 -35.17
C LEU C 252 -5.02 -5.38 -35.82
N LEU C 253 -3.89 -5.15 -35.12
CA LEU C 253 -2.81 -4.35 -35.71
C LEU C 253 -2.28 -4.96 -36.99
N GLU C 254 -2.20 -6.28 -37.02
CA GLU C 254 -1.84 -6.93 -38.27
C GLU C 254 -2.76 -6.67 -39.48
N GLN C 255 -4.01 -6.29 -39.28
CA GLN C 255 -4.95 -5.99 -40.37
C GLN C 255 -4.93 -4.47 -40.83
N LEU C 256 -4.28 -3.58 -40.06
CA LEU C 256 -4.37 -2.17 -40.32
C LEU C 256 -3.43 -1.61 -41.34
N GLU C 257 -3.96 -0.82 -42.27
CA GLU C 257 -3.12 0.03 -43.08
C GLU C 257 -2.38 1.02 -42.16
N PRO C 258 -1.08 1.18 -42.35
CA PRO C 258 -0.36 2.20 -41.58
C PRO C 258 -0.91 3.63 -41.81
N PHE C 259 -0.87 4.49 -40.81
CA PHE C 259 -1.37 5.82 -40.98
C PHE C 259 -0.34 6.69 -41.71
N LEU C 260 0.87 6.77 -41.16
CA LEU C 260 1.96 7.52 -41.71
C LEU C 260 2.92 6.59 -42.43
N TYR C 261 3.56 7.09 -43.46
CA TYR C 261 4.57 6.38 -44.24
C TYR C 261 5.94 7.08 -44.27
N GLY C 262 6.97 6.25 -44.38
CA GLY C 262 8.34 6.75 -44.48
C GLY C 262 9.33 5.69 -44.09
N GLY C 263 10.48 6.12 -43.58
CA GLY C 263 11.54 5.23 -43.14
C GLY C 263 11.13 4.32 -42.00
N GLU C 264 11.84 3.19 -41.93
CA GLU C 264 11.73 2.16 -40.89
C GLU C 264 10.48 1.33 -40.98
N MET C 265 9.34 1.97 -41.31
CA MET C 265 8.12 1.26 -41.31
C MET C 265 7.98 0.41 -42.58
N ILE C 266 8.82 0.66 -43.56
CA ILE C 266 8.83 -0.13 -44.79
C ILE C 266 9.71 -1.41 -44.70
N ASP C 267 9.48 -2.33 -45.62
CA ASP C 267 10.32 -3.53 -45.87
C ASP C 267 11.00 -3.28 -47.20
N LYS C 268 10.25 -3.40 -48.28
CA LYS C 268 10.75 -3.12 -49.63
C LYS C 268 10.06 -1.91 -50.31
N VAL C 269 10.87 -1.01 -50.86
CA VAL C 269 10.40 0.15 -51.57
C VAL C 269 10.92 0.12 -53.01
N THR C 270 10.03 0.23 -54.00
CA THR C 270 10.46 0.55 -55.37
C THR C 270 9.80 1.84 -55.82
N PHE C 271 10.06 2.26 -57.06
CA PHE C 271 9.51 3.50 -57.51
C PHE C 271 8.01 3.44 -57.61
N GLU C 272 7.44 2.24 -57.64
CA GLU C 272 6.00 2.03 -57.88
C GLU C 272 5.21 1.34 -56.79
N ASP C 273 5.85 0.55 -55.90
CA ASP C 273 5.10 -0.22 -54.85
C ASP C 273 5.89 -0.30 -53.53
N VAL C 274 5.20 -0.50 -52.40
CA VAL C 274 5.95 -0.62 -51.14
C VAL C 274 5.34 -1.73 -50.35
N THR C 275 6.14 -2.43 -49.55
CA THR C 275 5.64 -3.37 -48.57
C THR C 275 6.11 -2.90 -47.19
N PHE C 276 5.54 -3.45 -46.13
CA PHE C 276 5.74 -2.94 -44.79
C PHE C 276 6.50 -3.87 -43.87
N ASN C 277 7.11 -3.28 -42.85
CA ASN C 277 7.86 -3.97 -41.84
C ASN C 277 6.89 -4.70 -40.91
N VAL C 278 7.45 -5.56 -40.04
CA VAL C 278 6.67 -6.26 -39.00
C VAL C 278 6.25 -5.32 -37.84
N LEU C 279 5.31 -5.72 -37.01
CA LEU C 279 4.95 -5.01 -35.82
C LEU C 279 6.15 -5.01 -34.90
N PRO C 280 6.41 -3.92 -34.15
CA PRO C 280 5.57 -2.70 -34.12
C PRO C 280 6.05 -1.66 -35.11
N TYR C 281 7.17 -1.91 -35.76
CA TYR C 281 7.83 -0.94 -36.63
C TYR C 281 6.99 -0.47 -37.81
N ARG C 282 6.13 -1.35 -38.31
CA ARG C 282 5.16 -1.00 -39.32
C ARG C 282 4.45 0.37 -39.05
N PHE C 283 4.28 0.72 -37.79
CA PHE C 283 3.47 1.90 -37.41
C PHE C 283 4.27 3.06 -36.78
N GLU C 284 5.61 2.98 -36.90
CA GLU C 284 6.55 4.05 -36.55
C GLU C 284 7.31 4.59 -37.80
N ALA C 285 6.75 5.64 -38.40
CA ALA C 285 7.26 6.22 -39.61
C ALA C 285 8.33 7.26 -39.27
N GLY C 286 9.60 7.05 -39.69
CA GLY C 286 10.66 8.01 -39.39
C GLY C 286 11.13 8.04 -37.97
N THR C 287 11.96 9.03 -37.67
CA THR C 287 12.62 9.05 -36.41
C THR C 287 11.57 9.46 -35.37
N GLN C 288 11.41 8.62 -34.36
CA GLN C 288 10.44 8.83 -33.32
C GLN C 288 11.03 9.73 -32.23
N HIS C 289 10.25 10.03 -31.20
CA HIS C 289 10.79 10.79 -30.11
C HIS C 289 11.60 9.84 -29.22
N ILE C 290 12.83 9.59 -29.64
CA ILE C 290 13.65 8.52 -29.00
C ILE C 290 13.85 8.75 -27.54
N THR C 291 14.27 9.98 -27.21
CA THR C 291 14.53 10.33 -25.87
C THR C 291 13.26 10.45 -25.05
N GLY C 292 12.14 10.87 -25.67
CA GLY C 292 10.85 10.85 -24.97
C GLY C 292 10.37 9.49 -24.59
N ALA C 293 10.54 8.52 -25.49
CA ALA C 293 10.20 7.14 -25.14
C ALA C 293 11.08 6.61 -24.00
N VAL C 294 12.39 6.81 -24.11
CA VAL C 294 13.31 6.44 -23.05
C VAL C 294 12.92 7.11 -21.75
N GLY C 295 12.65 8.40 -21.84
CA GLY C 295 12.20 9.12 -20.66
C GLY C 295 10.89 8.60 -20.08
N LEU C 296 9.94 8.22 -20.96
CA LEU C 296 8.65 7.70 -20.45
C LEU C 296 8.91 6.38 -19.71
N GLY C 297 9.83 5.57 -20.26
CA GLY C 297 10.31 4.38 -19.56
C GLY C 297 10.87 4.68 -18.17
N TYR C 298 11.73 5.67 -18.09
CA TYR C 298 12.26 6.04 -16.80
C TYR C 298 11.17 6.55 -15.82
N THR C 299 10.12 7.21 -16.36
CA THR C 299 9.04 7.69 -15.50
C THR C 299 8.27 6.54 -14.88
N ILE C 300 7.99 5.54 -15.72
CA ILE C 300 7.39 4.30 -15.26
C ILE C 300 8.32 3.63 -14.22
N ASP C 301 9.64 3.53 -14.48
CA ASP C 301 10.57 3.05 -13.40
C ASP C 301 10.35 3.81 -12.09
N TYR C 302 10.27 5.14 -12.16
CA TYR C 302 10.13 5.94 -10.97
C TYR C 302 8.83 5.62 -10.25
N LEU C 303 7.70 5.60 -10.97
CA LEU C 303 6.42 5.35 -10.30
C LEU C 303 6.39 3.98 -9.70
N GLU C 304 7.02 3.00 -10.36
CA GLU C 304 7.09 1.65 -9.82
C GLU C 304 8.01 1.50 -8.61
N SER C 305 9.04 2.30 -8.51
CA SER C 305 9.84 2.28 -7.31
C SER C 305 9.03 2.86 -6.14
N ILE C 306 8.19 3.85 -6.37
CA ILE C 306 7.31 4.34 -5.33
C ILE C 306 6.30 3.25 -4.99
N GLY C 307 5.80 2.59 -6.01
CA GLY C 307 4.75 1.61 -5.88
C GLY C 307 3.48 2.19 -6.55
N PHE C 308 3.08 1.67 -7.71
CA PHE C 308 1.96 2.29 -8.44
C PHE C 308 0.64 2.14 -7.74
N GLU C 309 0.49 1.03 -7.06
CA GLU C 309 -0.67 0.86 -6.17
C GLU C 309 -0.80 1.93 -5.05
N LYS C 310 0.31 2.36 -4.46
CA LYS C 310 0.31 3.51 -3.56
C LYS C 310 0.02 4.84 -4.22
N VAL C 311 0.49 5.04 -5.46
CA VAL C 311 0.14 6.22 -6.25
C VAL C 311 -1.35 6.24 -6.42
N GLU C 312 -1.90 5.12 -6.87
CA GLU C 312 -3.30 5.01 -7.13
C GLU C 312 -4.13 5.33 -5.86
N LYS C 313 -3.76 4.73 -4.75
CA LYS C 313 -4.48 4.91 -3.51
C LYS C 313 -4.35 6.35 -2.91
N HIS C 314 -3.16 6.95 -3.00
CA HIS C 314 -2.97 8.35 -2.65
C HIS C 314 -3.81 9.29 -3.47
N VAL C 315 -3.83 9.13 -4.81
CA VAL C 315 -4.75 9.90 -5.67
C VAL C 315 -6.21 9.71 -5.34
N GLU C 316 -6.63 8.48 -5.05
CA GLU C 316 -8.01 8.21 -4.63
C GLU C 316 -8.35 8.94 -3.33
N GLU C 317 -7.46 8.89 -2.36
CA GLU C 317 -7.62 9.62 -1.10
C GLU C 317 -7.78 11.14 -1.31
N LEU C 318 -6.90 11.72 -2.12
CA LEU C 318 -6.96 13.15 -2.44
C LEU C 318 -8.25 13.48 -3.18
N SER C 319 -8.66 12.59 -4.08
CA SER C 319 -9.87 12.83 -4.91
C SER C 319 -11.13 12.86 -4.04
N ASN C 320 -11.23 11.91 -3.12
CA ASN C 320 -12.35 11.86 -2.21
C ASN C 320 -12.37 13.09 -1.31
N TYR C 321 -11.22 13.53 -0.82
CA TYR C 321 -11.16 14.70 0.03
C TYR C 321 -11.60 15.97 -0.74
N LEU C 322 -11.06 16.13 -1.96
CA LEU C 322 -11.40 17.24 -2.80
C LEU C 322 -12.90 17.28 -3.09
N LEU C 323 -13.48 16.16 -3.52
CA LEU C 323 -14.87 16.16 -3.83
C LEU C 323 -15.71 16.47 -2.58
N GLU C 324 -15.38 15.88 -1.45
CA GLU C 324 -16.13 16.12 -0.22
C GLU C 324 -16.09 17.62 0.16
N LYS C 325 -14.91 18.23 0.09
CA LYS C 325 -14.79 19.66 0.48
C LYS C 325 -15.57 20.52 -0.50
N MET C 326 -15.53 20.18 -1.79
CA MET C 326 -16.15 21.03 -2.81
C MET C 326 -17.68 20.99 -2.59
N MET C 327 -18.19 19.81 -2.28
CA MET C 327 -19.63 19.60 -2.15
C MET C 327 -20.16 20.29 -0.91
N GLU C 328 -19.32 20.63 0.07
CA GLU C 328 -19.75 21.44 1.24
C GLU C 328 -19.91 22.91 0.94
N LEU C 329 -19.44 23.39 -0.19
CA LEU C 329 -19.57 24.81 -0.52
C LEU C 329 -20.98 25.12 -1.10
N ASP C 330 -21.79 25.94 -0.44
CA ASP C 330 -23.16 26.26 -0.94
C ASP C 330 -23.18 27.13 -2.17
N PHE C 331 -22.06 27.74 -2.50
CA PHE C 331 -22.00 28.73 -3.58
C PHE C 331 -21.33 28.22 -4.84
N VAL C 332 -21.04 26.94 -4.86
CA VAL C 332 -20.46 26.36 -6.09
C VAL C 332 -21.43 25.35 -6.71
N GLU C 333 -21.46 25.26 -8.03
CA GLU C 333 -22.18 24.19 -8.74
C GLU C 333 -21.06 23.24 -9.25
N VAL C 334 -21.14 21.95 -8.96
CA VAL C 334 -20.14 20.94 -9.31
C VAL C 334 -20.73 20.05 -10.40
N TYR C 335 -19.93 19.72 -11.42
CA TYR C 335 -20.40 18.86 -12.48
C TYR C 335 -19.89 17.45 -12.29
N GLY C 336 -20.51 16.50 -12.96
CA GLY C 336 -20.09 15.12 -12.82
C GLY C 336 -20.83 14.31 -11.75
N PRO C 337 -20.52 13.01 -11.65
CA PRO C 337 -21.18 12.10 -10.68
C PRO C 337 -20.75 12.36 -9.27
N ILE C 338 -21.65 12.21 -8.31
CA ILE C 338 -21.29 12.38 -6.90
C ILE C 338 -21.27 10.99 -6.27
N ASP C 339 -20.27 10.20 -6.63
CA ASP C 339 -20.17 8.79 -6.20
C ASP C 339 -18.73 8.41 -6.44
N SER C 340 -18.40 7.15 -6.18
CA SER C 340 -17.02 6.73 -6.19
C SER C 340 -16.46 6.58 -7.61
N SER C 341 -17.22 6.76 -8.69
CA SER C 341 -16.64 6.79 -10.05
C SER C 341 -15.97 8.15 -10.30
N HIS C 342 -16.19 9.13 -9.43
CA HIS C 342 -15.61 10.51 -9.62
C HIS C 342 -14.20 10.52 -9.02
N LYS C 343 -13.18 10.59 -9.88
CA LYS C 343 -11.79 10.67 -9.47
C LYS C 343 -11.03 11.83 -10.12
N SER C 344 -9.88 12.20 -9.51
CA SER C 344 -8.82 13.05 -10.07
C SER C 344 -9.09 14.53 -10.08
N LEU C 345 -10.32 14.89 -10.46
CA LEU C 345 -10.59 16.24 -10.77
C LEU C 345 -12.05 16.64 -10.49
N VAL C 346 -12.26 17.93 -10.19
CA VAL C 346 -13.58 18.52 -10.01
C VAL C 346 -13.69 19.75 -10.88
N SER C 347 -14.66 19.71 -11.79
CA SER C 347 -15.10 20.90 -12.54
C SER C 347 -16.30 21.56 -11.86
N PHE C 348 -16.29 22.91 -11.82
CA PHE C 348 -17.26 23.62 -11.02
C PHE C 348 -17.31 25.08 -11.46
N ASN C 349 -18.38 25.78 -11.02
CA ASN C 349 -18.51 27.22 -11.19
C ASN C 349 -18.80 27.89 -9.83
N VAL C 350 -18.29 29.11 -9.70
CA VAL C 350 -18.51 29.93 -8.52
C VAL C 350 -19.63 30.91 -8.89
N LYS C 351 -20.69 30.93 -8.09
CA LYS C 351 -21.83 31.78 -8.41
C LYS C 351 -21.37 33.27 -8.54
N GLY C 352 -21.72 33.93 -9.65
CA GLY C 352 -21.34 35.35 -9.87
C GLY C 352 -19.94 35.71 -10.36
N VAL C 353 -19.05 34.73 -10.48
CA VAL C 353 -17.71 35.00 -10.92
C VAL C 353 -17.39 34.10 -12.10
N HIS C 354 -17.01 34.69 -13.22
CA HIS C 354 -16.69 33.92 -14.39
C HIS C 354 -15.51 33.05 -14.05
N PRO C 355 -15.49 31.82 -14.56
CA PRO C 355 -14.40 30.90 -14.25
C PRO C 355 -12.99 31.40 -14.58
N HIS C 356 -12.87 32.12 -15.68
CA HIS C 356 -11.62 32.80 -16.00
C HIS C 356 -11.14 33.70 -14.86
N ASP C 357 -12.04 34.42 -14.22
CA ASP C 357 -11.66 35.32 -13.09
C ASP C 357 -11.38 34.51 -11.86
N VAL C 358 -12.08 33.39 -11.70
CA VAL C 358 -11.78 32.55 -10.55
C VAL C 358 -10.35 32.00 -10.70
N SER C 359 -10.02 31.53 -11.89
CA SER C 359 -8.66 30.96 -12.07
C SER C 359 -7.57 32.02 -11.96
N HIS C 360 -7.88 33.21 -12.48
CA HIS C 360 -6.92 34.31 -12.44
C HIS C 360 -6.59 34.69 -10.99
N ILE C 361 -7.63 34.81 -10.18
CA ILE C 361 -7.46 35.22 -8.77
C ILE C 361 -6.79 34.16 -7.96
N LEU C 362 -7.20 32.90 -8.16
CA LEU C 362 -6.60 31.83 -7.39
C LEU C 362 -5.08 31.79 -7.65
N ASP C 363 -4.69 32.01 -8.87
CA ASP C 363 -3.27 32.03 -9.19
C ASP C 363 -2.53 33.26 -8.56
N GLU C 364 -2.93 34.43 -8.96
CA GLU C 364 -2.31 35.70 -8.50
C GLU C 364 -2.38 35.93 -6.97
N ASN C 365 -3.47 35.52 -6.32
CA ASN C 365 -3.65 35.86 -4.89
C ASN C 365 -3.55 34.70 -3.93
N PHE C 366 -3.62 33.46 -4.44
CA PHE C 366 -3.49 32.35 -3.57
C PHE C 366 -2.46 31.33 -3.99
N GLY C 367 -1.77 31.58 -5.10
CA GLY C 367 -0.73 30.69 -5.59
C GLY C 367 -1.29 29.40 -6.22
N VAL C 368 -2.60 29.32 -6.46
CA VAL C 368 -3.26 28.06 -6.86
C VAL C 368 -3.41 28.02 -8.37
N ALA C 369 -2.91 26.95 -8.97
CA ALA C 369 -3.06 26.72 -10.41
C ALA C 369 -4.25 25.81 -10.69
N THR C 370 -5.16 26.37 -11.49
CA THR C 370 -6.31 25.72 -11.96
C THR C 370 -6.49 26.15 -13.38
N ARG C 371 -7.37 25.44 -14.10
CA ARG C 371 -7.69 25.79 -15.45
C ARG C 371 -9.15 26.20 -15.60
N SER C 372 -9.43 27.11 -16.50
CA SER C 372 -10.79 27.48 -16.81
C SER C 372 -11.05 27.31 -18.31
N GLY C 373 -12.27 27.48 -18.76
CA GLY C 373 -12.60 27.38 -20.19
C GLY C 373 -13.43 26.10 -20.41
N HIS C 374 -13.48 25.65 -21.65
CA HIS C 374 -14.35 24.53 -22.03
C HIS C 374 -13.61 23.17 -21.98
N HIS C 375 -12.32 23.23 -21.72
CA HIS C 375 -11.47 22.03 -21.50
C HIS C 375 -11.54 21.07 -22.66
N ALA C 377 -13.97 20.30 -24.53
CA ALA C 377 -15.18 19.51 -24.52
C ALA C 377 -16.37 20.45 -24.69
N GLN C 378 -16.35 21.19 -25.77
CA GLN C 378 -17.39 22.17 -26.05
C GLN C 378 -18.78 21.54 -26.11
N PRO C 379 -18.96 20.39 -26.81
CA PRO C 379 -20.32 19.83 -26.78
C PRO C 379 -20.83 19.44 -25.41
N LEU C 380 -19.95 18.90 -24.57
CA LEU C 380 -20.28 18.68 -23.20
C LEU C 380 -20.77 19.91 -22.49
N MET C 381 -20.15 21.07 -22.77
CA MET C 381 -20.59 22.27 -22.06
C MET C 381 -22.09 22.55 -22.31
N GLY C 382 -22.52 22.32 -23.54
CA GLY C 382 -23.93 22.52 -23.90
C GLY C 382 -24.87 21.56 -23.18
N VAL C 383 -24.38 20.37 -22.85
CA VAL C 383 -25.13 19.41 -22.06
C VAL C 383 -25.22 19.89 -20.60
N LEU C 384 -24.09 20.32 -20.06
CA LEU C 384 -24.04 20.83 -18.72
C LEU C 384 -24.91 22.07 -18.54
N ALA C 385 -24.95 22.92 -19.55
CA ALA C 385 -25.80 24.12 -19.51
C ALA C 385 -27.27 23.79 -19.20
N LYS C 386 -27.83 22.74 -19.78
CA LYS C 386 -29.23 22.38 -19.47
C LYS C 386 -29.46 22.00 -18.01
N GLY C 387 -28.45 21.51 -17.32
CA GLY C 387 -28.60 21.18 -15.93
C GLY C 387 -28.21 22.28 -14.98
N SER C 388 -27.64 23.37 -15.49
CA SER C 388 -27.13 24.38 -14.57
C SER C 388 -28.27 25.15 -13.89
N LYS C 389 -28.12 25.47 -12.61
CA LYS C 389 -29.05 26.37 -11.92
C LYS C 389 -28.54 27.81 -11.80
N ILE C 390 -27.52 28.23 -12.56
CA ILE C 390 -26.95 29.59 -12.47
C ILE C 390 -26.89 30.07 -13.89
N ASP C 391 -26.27 31.22 -14.17
CA ASP C 391 -26.07 31.62 -15.58
C ASP C 391 -24.77 30.99 -16.10
N PHE C 392 -24.94 29.75 -16.54
CA PHE C 392 -23.84 28.93 -16.97
C PHE C 392 -23.07 29.61 -18.11
N PRO C 393 -21.76 29.85 -17.90
CA PRO C 393 -20.91 30.54 -18.93
C PRO C 393 -20.29 29.63 -20.02
N ASN C 394 -20.83 28.45 -20.23
CA ASN C 394 -20.29 27.50 -21.21
C ASN C 394 -18.79 27.26 -20.97
N SER C 395 -18.43 27.21 -19.70
CA SER C 395 -17.06 27.14 -19.28
C SER C 395 -17.13 26.80 -17.82
N THR C 396 -16.05 26.23 -17.30
CA THR C 396 -15.90 25.89 -15.93
C THR C 396 -14.45 26.11 -15.40
N VAL C 397 -14.34 26.15 -14.08
CA VAL C 397 -13.02 26.00 -13.41
C VAL C 397 -12.78 24.52 -13.21
N ARG C 398 -11.51 24.09 -13.20
CA ARG C 398 -11.20 22.72 -12.90
C ARG C 398 -9.93 22.61 -12.06
N ALA C 399 -10.08 21.94 -10.91
CA ALA C 399 -9.04 21.57 -10.04
C ALA C 399 -8.82 20.06 -10.15
N SER C 400 -7.55 19.68 -10.25
CA SER C 400 -7.15 18.28 -10.44
C SER C 400 -5.90 17.93 -9.62
N VAL C 401 -5.85 16.72 -9.07
CA VAL C 401 -4.85 16.32 -8.14
C VAL C 401 -3.98 15.17 -8.66
N TYR C 402 -2.75 15.07 -8.16
CA TYR C 402 -1.86 13.99 -8.59
C TYR C 402 -0.89 13.66 -7.46
N LEU C 403 0.18 12.90 -7.76
CA LEU C 403 1.00 12.25 -6.74
C LEU C 403 1.59 13.21 -5.72
N TYR C 404 2.07 14.34 -6.19
CA TYR C 404 2.77 15.33 -5.33
C TYR C 404 1.83 16.31 -4.64
N ASN C 405 0.51 16.08 -4.74
CA ASN C 405 -0.41 16.89 -4.01
C ASN C 405 -0.73 16.37 -2.60
N THR C 406 -1.23 17.29 -1.77
CA THR C 406 -1.58 17.03 -0.35
C THR C 406 -2.97 17.56 0.02
N LYS C 407 -3.52 17.11 1.15
CA LYS C 407 -4.76 17.64 1.62
C LYS C 407 -4.64 19.12 1.93
N GLU C 408 -3.46 19.55 2.40
CA GLU C 408 -3.22 20.95 2.61
C GLU C 408 -3.39 21.75 1.33
N ASP C 409 -2.90 21.22 0.19
CA ASP C 409 -3.10 21.89 -1.09
C ASP C 409 -4.58 22.14 -1.31
N ILE C 410 -5.36 21.12 -1.04
CA ILE C 410 -6.79 21.20 -1.32
C ILE C 410 -7.42 22.23 -0.41
N ASP C 411 -6.98 22.29 0.85
CA ASP C 411 -7.47 23.28 1.84
C ASP C 411 -7.18 24.70 1.38
N VAL C 412 -6.01 24.92 0.78
CA VAL C 412 -5.69 26.26 0.20
C VAL C 412 -6.65 26.61 -0.94
N LEU C 413 -6.92 25.66 -1.85
CA LEU C 413 -7.94 25.90 -2.83
C LEU C 413 -9.26 26.32 -2.18
N ILE C 414 -9.70 25.55 -1.19
CA ILE C 414 -11.01 25.75 -0.61
C ILE C 414 -11.09 27.16 0.01
N GLU C 415 -10.02 27.53 0.70
CA GLU C 415 -10.00 28.86 1.33
C GLU C 415 -10.02 29.99 0.28
N GLY C 416 -9.22 29.84 -0.77
CA GLY C 416 -9.31 30.75 -1.94
C GLY C 416 -10.71 30.93 -2.47
N LEU C 417 -11.43 29.82 -2.62
CA LEU C 417 -12.76 29.87 -3.19
C LEU C 417 -13.76 30.67 -2.30
N LYS C 418 -13.68 30.48 -1.00
CA LYS C 418 -14.50 31.18 -0.07
C LYS C 418 -14.23 32.70 -0.08
N TYR C 419 -12.96 33.08 -0.16
CA TYR C 419 -12.59 34.46 -0.34
C TYR C 419 -13.10 35.02 -1.61
N ILE C 420 -12.94 34.28 -2.70
CA ILE C 420 -13.32 34.87 -3.97
C ILE C 420 -14.86 35.08 -3.96
N ARG C 421 -15.59 34.11 -3.45
CA ARG C 421 -17.04 34.28 -3.38
C ARG C 421 -17.41 35.56 -2.54
N ARG C 422 -16.85 35.65 -1.39
CA ARG C 422 -17.09 36.78 -0.52
C ARG C 422 -16.71 38.14 -1.11
N TRP C 423 -15.56 38.19 -1.78
CA TRP C 423 -15.15 39.44 -2.41
C TRP C 423 -16.12 39.92 -3.47
N PHE C 424 -16.80 38.99 -4.15
CA PHE C 424 -17.68 39.36 -5.20
C PHE C 424 -19.15 39.10 -4.86
N GLU C 425 -19.53 39.38 -3.64
CA GLU C 425 -20.91 39.43 -3.37
C GLU C 425 -21.24 40.75 -2.58
N HIS D 4 47.25 23.84 -34.82
CA HIS D 4 46.62 22.79 -33.99
C HIS D 4 45.46 22.13 -34.80
N MET D 5 44.28 22.74 -34.81
CA MET D 5 43.03 22.08 -35.29
C MET D 5 42.77 22.20 -36.81
N ARG D 6 43.58 23.05 -37.45
CA ARG D 6 43.56 23.23 -38.88
C ARG D 6 42.21 23.70 -39.41
N SER D 7 41.57 24.61 -38.68
CA SER D 7 40.42 25.35 -39.21
C SER D 7 40.83 26.74 -39.72
N THR D 8 40.47 27.09 -40.97
CA THR D 8 40.50 28.49 -41.41
C THR D 8 39.27 29.32 -40.96
N VAL D 9 38.34 28.75 -40.17
CA VAL D 9 37.06 29.43 -39.75
C VAL D 9 37.07 29.80 -38.27
N PHE D 10 37.44 28.85 -37.41
CA PHE D 10 37.54 29.11 -35.96
C PHE D 10 39.00 29.12 -35.52
N SER D 11 39.29 29.94 -34.52
CA SER D 11 40.57 29.91 -33.88
C SER D 11 40.64 28.70 -32.97
N ASP D 12 41.86 28.26 -32.62
CA ASP D 12 42.02 27.05 -31.82
C ASP D 12 41.16 27.21 -30.58
N GLU D 13 41.07 28.42 -30.03
CA GLU D 13 40.37 28.56 -28.76
C GLU D 13 38.82 28.52 -28.90
N GLU D 14 38.28 29.07 -29.98
CA GLU D 14 36.84 29.07 -30.17
C GLU D 14 36.39 27.64 -30.46
N PHE D 15 37.09 26.98 -31.39
CA PHE D 15 36.85 25.58 -31.82
C PHE D 15 36.89 24.65 -30.61
N SER D 16 37.91 24.84 -29.79
CA SER D 16 38.02 24.14 -28.56
C SER D 16 36.88 24.34 -27.52
N ASN D 17 36.40 25.57 -27.39
CA ASN D 17 35.18 25.80 -26.60
C ASN D 17 33.92 25.13 -27.22
N ILE D 18 33.84 25.13 -28.54
CA ILE D 18 32.73 24.43 -29.22
C ILE D 18 32.79 22.92 -28.95
N LEU D 19 33.96 22.30 -29.09
CA LEU D 19 34.10 20.86 -28.82
C LEU D 19 33.72 20.52 -27.39
N ASN D 20 34.12 21.37 -26.45
CA ASN D 20 33.79 21.17 -25.06
C ASN D 20 32.25 21.27 -24.80
N ASP D 21 31.46 21.86 -25.71
CA ASP D 21 29.96 21.88 -25.58
C ASP D 21 29.31 20.50 -25.74
N PHE D 22 30.02 19.51 -26.30
CA PHE D 22 29.41 18.18 -26.61
C PHE D 22 30.07 17.05 -25.82
N PRO D 23 29.51 16.69 -24.65
CA PRO D 23 30.15 15.74 -23.79
C PRO D 23 30.33 14.36 -24.40
N ALA D 24 29.57 13.99 -25.42
CA ALA D 24 29.71 12.67 -25.99
C ALA D 24 31.15 12.51 -26.55
N LEU D 25 31.77 13.61 -26.88
CA LEU D 25 33.06 13.61 -27.51
C LEU D 25 34.18 13.13 -26.60
N LYS D 26 33.87 13.04 -25.32
CA LYS D 26 34.79 12.49 -24.34
C LYS D 26 34.63 11.00 -24.10
N ARG D 27 33.66 10.35 -24.71
CA ARG D 27 33.54 8.90 -24.65
C ARG D 27 34.76 8.23 -25.36
N ASN D 28 35.18 7.06 -24.87
CA ASN D 28 36.10 6.19 -25.60
C ASN D 28 35.36 4.93 -25.94
N ILE D 29 35.50 4.47 -27.16
CA ILE D 29 34.94 3.19 -27.59
C ILE D 29 36.13 2.17 -27.67
N ASN D 30 36.15 1.19 -26.76
CA ASN D 30 37.14 0.13 -26.67
C ASN D 30 38.50 0.81 -26.70
N GLY D 31 38.65 1.86 -25.89
CA GLY D 31 39.88 2.64 -25.83
C GLY D 31 40.17 3.69 -26.87
N LYS D 32 39.38 3.82 -27.93
CA LYS D 32 39.57 4.83 -28.95
C LYS D 32 38.60 6.03 -28.75
N ARG D 33 39.08 7.26 -28.87
CA ARG D 33 38.17 8.39 -28.80
C ARG D 33 37.02 8.31 -29.85
N LEU D 34 35.84 8.79 -29.43
CA LEU D 34 34.71 8.83 -30.33
C LEU D 34 35.00 9.78 -31.45
N VAL D 35 34.86 9.25 -32.65
CA VAL D 35 34.97 9.99 -33.87
C VAL D 35 33.58 9.84 -34.51
N TYR D 36 32.72 10.84 -34.29
CA TYR D 36 31.30 10.69 -34.71
C TYR D 36 31.09 11.21 -36.09
N LEU D 37 30.93 10.30 -37.02
CA LEU D 37 30.70 10.68 -38.43
C LEU D 37 29.36 10.18 -38.95
N ASP D 38 28.39 10.20 -38.04
CA ASP D 38 27.03 9.77 -38.45
C ASP D 38 25.98 10.86 -38.28
N ASN D 39 26.42 12.06 -38.62
CA ASN D 39 25.62 13.23 -38.41
C ASN D 39 24.44 13.31 -39.35
N ALA D 40 24.47 12.58 -40.46
CA ALA D 40 23.35 12.61 -41.36
C ALA D 40 22.19 11.72 -40.89
N ALA D 41 22.46 10.83 -39.90
CA ALA D 41 21.46 10.04 -39.20
C ALA D 41 20.85 10.86 -38.07
N SER D 42 21.72 11.39 -37.23
CA SER D 42 21.33 12.32 -36.17
C SER D 42 22.61 12.98 -35.59
N THR D 43 22.42 14.06 -34.85
CA THR D 43 23.50 14.87 -34.33
C THR D 43 23.58 14.81 -32.83
N LEU D 44 24.80 15.00 -32.32
CA LEU D 44 25.06 15.05 -30.90
C LEU D 44 24.46 16.34 -30.27
N LYS D 45 24.34 16.34 -28.95
CA LYS D 45 23.64 17.38 -28.23
C LYS D 45 24.62 18.21 -27.39
N CYS D 46 24.32 19.49 -27.31
CA CYS D 46 25.06 20.53 -26.59
C CYS D 46 24.55 20.58 -25.16
N LYS D 47 25.49 20.55 -24.21
CA LYS D 47 25.17 20.57 -22.81
C LYS D 47 24.39 21.80 -22.38
N SER D 48 24.78 22.97 -22.86
CA SER D 48 24.14 24.17 -22.37
C SER D 48 22.65 24.24 -22.88
N VAL D 49 22.43 23.86 -24.13
CA VAL D 49 21.10 23.73 -24.66
C VAL D 49 20.25 22.73 -23.86
N ILE D 50 20.75 21.52 -23.61
CA ILE D 50 20.02 20.54 -22.84
C ILE D 50 19.76 21.02 -21.40
N GLU D 51 20.70 21.75 -20.81
CA GLU D 51 20.49 22.34 -19.47
C GLU D 51 19.33 23.35 -19.42
N LYS D 52 19.18 24.12 -20.48
CA LYS D 52 18.04 25.02 -20.62
C LYS D 52 16.70 24.31 -20.74
N MET D 53 16.68 23.18 -21.46
CA MET D 53 15.48 22.32 -21.51
C MET D 53 15.12 21.78 -20.17
N THR D 54 16.14 21.39 -19.42
CA THR D 54 15.99 20.80 -18.13
C THR D 54 15.35 21.81 -17.17
N ASP D 55 15.87 23.03 -17.21
CA ASP D 55 15.35 24.14 -16.39
C ASP D 55 13.89 24.46 -16.78
N PHE D 56 13.58 24.44 -18.07
CA PHE D 56 12.21 24.60 -18.54
C PHE D 56 11.31 23.52 -17.97
N TYR D 57 11.70 22.24 -18.15
CA TYR D 57 10.92 21.12 -17.62
C TYR D 57 10.66 21.18 -16.15
N LEU D 58 11.67 21.56 -15.38
CA LEU D 58 11.57 21.48 -13.93
C LEU D 58 10.94 22.73 -13.26
N TYR D 59 11.09 23.91 -13.87
CA TYR D 59 10.68 25.14 -13.20
C TYR D 59 9.65 25.99 -13.97
N HIS D 60 9.52 25.81 -15.29
CA HIS D 60 8.65 26.70 -16.11
C HIS D 60 7.60 25.95 -16.96
N TYR D 61 7.20 24.78 -16.51
CA TYR D 61 6.48 23.85 -17.34
C TYR D 61 5.00 23.75 -16.92
N SER D 62 4.12 23.83 -17.92
CA SER D 62 2.71 23.45 -17.85
C SER D 62 2.16 23.30 -19.27
N ASN D 63 0.94 22.80 -19.42
CA ASN D 63 0.32 22.88 -20.75
C ASN D 63 -0.02 24.31 -21.15
N ILE D 64 -0.07 24.52 -22.43
CA ILE D 64 -0.01 25.85 -23.04
C ILE D 64 -1.33 26.27 -23.71
N HIS D 65 -1.40 27.55 -24.03
CA HIS D 65 -2.54 28.26 -24.65
C HIS D 65 -3.64 28.45 -23.58
N ARG D 66 -4.54 29.44 -23.77
CA ARG D 66 -5.56 29.74 -22.72
C ARG D 66 -4.92 29.79 -21.35
N ALA D 67 -3.80 30.50 -21.28
CA ALA D 67 -2.96 30.38 -20.09
C ALA D 67 -3.51 31.34 -19.07
N VAL D 68 -3.94 30.85 -17.92
CA VAL D 68 -4.44 31.73 -16.88
C VAL D 68 -3.40 31.76 -15.79
N HIS D 69 -2.94 30.60 -15.38
CA HIS D 69 -2.00 30.56 -14.28
C HIS D 69 -0.54 30.74 -14.71
N THR D 70 0.31 30.93 -13.70
CA THR D 70 1.67 31.46 -13.88
C THR D 70 2.55 30.52 -14.74
N LEU D 71 2.63 29.27 -14.35
CA LEU D 71 3.41 28.28 -15.14
C LEU D 71 2.84 28.15 -16.53
N ALA D 72 1.50 28.14 -16.68
CA ALA D 72 0.95 28.04 -18.01
C ALA D 72 1.34 29.21 -18.89
N SER D 73 1.35 30.37 -18.28
CA SER D 73 1.64 31.55 -19.01
C SER D 73 3.13 31.56 -19.43
N GLU D 74 4.01 31.19 -18.52
CA GLU D 74 5.46 31.10 -18.84
C GLU D 74 5.77 30.11 -19.95
N ALA D 75 5.18 28.92 -19.84
CA ALA D 75 5.28 27.90 -20.90
C ALA D 75 4.78 28.35 -22.21
N THR D 76 3.60 28.97 -22.22
CA THR D 76 3.04 29.51 -23.46
C THR D 76 3.89 30.56 -24.14
N VAL D 77 4.42 31.48 -23.38
CA VAL D 77 5.21 32.54 -23.93
C VAL D 77 6.53 31.96 -24.48
N ALA D 78 7.16 31.05 -23.73
CA ALA D 78 8.39 30.38 -24.22
C ALA D 78 8.19 29.63 -25.53
N TYR D 79 7.08 28.91 -25.61
CA TYR D 79 6.77 28.17 -26.86
C TYR D 79 6.58 29.10 -28.03
N GLU D 80 5.79 30.17 -27.83
CA GLU D 80 5.59 31.11 -28.93
C GLU D 80 6.85 31.87 -29.29
N GLN D 81 7.69 32.17 -28.32
CA GLN D 81 9.01 32.74 -28.59
C GLN D 81 9.87 31.77 -29.43
N ALA D 82 9.76 30.46 -29.17
CA ALA D 82 10.44 29.47 -29.98
C ALA D 82 9.97 29.45 -31.41
N ARG D 83 8.67 29.62 -31.63
CA ARG D 83 8.17 29.67 -32.99
C ARG D 83 8.79 30.90 -33.69
N GLU D 84 8.93 32.03 -32.99
CA GLU D 84 9.49 33.23 -33.65
CA GLU D 84 9.49 33.24 -33.59
C GLU D 84 10.98 33.02 -33.96
N LYS D 85 11.70 32.30 -33.09
CA LYS D 85 13.12 32.00 -33.39
C LYS D 85 13.26 31.19 -34.65
N VAL D 86 12.39 30.18 -34.84
CA VAL D 86 12.38 29.38 -36.03
C VAL D 86 11.99 30.23 -37.23
N ALA D 87 10.94 31.04 -37.10
CA ALA D 87 10.58 31.94 -38.19
C ALA D 87 11.74 32.89 -38.65
N ASN D 88 12.38 33.56 -37.70
CA ASN D 88 13.52 34.42 -38.03
C ASN D 88 14.68 33.62 -38.71
N PHE D 89 14.89 32.38 -38.29
CA PHE D 89 15.95 31.54 -38.83
C PHE D 89 15.70 31.27 -40.31
N LEU D 90 14.45 31.11 -40.70
CA LEU D 90 14.08 30.83 -42.10
C LEU D 90 13.63 32.07 -42.94
N ASN D 91 13.64 33.25 -42.33
CA ASN D 91 13.04 34.49 -42.93
C ASN D 91 11.53 34.30 -43.27
N ALA D 92 10.77 33.69 -42.34
CA ALA D 92 9.30 33.53 -42.49
C ALA D 92 8.53 34.35 -41.46
N SER D 93 7.21 34.49 -41.59
CA SER D 93 6.40 34.97 -40.43
C SER D 93 6.14 33.87 -39.45
N SER D 94 5.97 34.22 -38.18
CA SER D 94 5.65 33.23 -37.18
C SER D 94 4.40 32.39 -37.50
N GLU D 95 3.40 32.93 -38.16
CA GLU D 95 2.22 32.18 -38.40
C GLU D 95 2.37 31.24 -39.59
N GLU D 96 3.52 31.29 -40.25
CA GLU D 96 3.86 30.32 -41.31
C GLU D 96 4.64 29.10 -40.82
N ILE D 97 5.02 29.10 -39.55
CA ILE D 97 5.77 28.02 -38.87
C ILE D 97 4.83 27.11 -38.04
N ILE D 98 4.68 25.86 -38.51
CA ILE D 98 3.93 24.82 -37.82
C ILE D 98 4.91 23.84 -37.13
N PHE D 99 4.75 23.61 -35.84
CA PHE D 99 5.52 22.55 -35.17
C PHE D 99 4.88 21.20 -35.42
N THR D 100 5.74 20.25 -35.82
CA THR D 100 5.35 18.85 -36.11
C THR D 100 6.27 17.91 -35.29
N SER D 101 6.10 16.61 -35.47
CA SER D 101 6.98 15.58 -34.85
C SER D 101 8.30 15.35 -35.62
N GLY D 102 8.45 15.93 -36.81
CA GLY D 102 9.65 15.70 -37.66
C GLY D 102 9.32 15.90 -39.13
N THR D 103 10.34 15.74 -39.97
CA THR D 103 10.20 15.83 -41.40
C THR D 103 9.15 14.86 -41.95
N THR D 104 9.18 13.63 -41.43
CA THR D 104 8.31 12.60 -41.94
C THR D 104 6.82 13.00 -41.79
N MET D 105 6.48 13.41 -40.60
CA MET D 105 5.10 13.81 -40.32
C MET D 105 4.73 15.00 -41.23
N GLY D 106 5.60 15.98 -41.34
CA GLY D 106 5.50 17.05 -42.34
C GLY D 106 5.12 16.62 -43.78
N ILE D 107 5.88 15.71 -44.38
CA ILE D 107 5.52 15.26 -45.72
C ILE D 107 4.15 14.57 -45.70
N ASN D 108 3.89 13.74 -44.72
CA ASN D 108 2.61 13.05 -44.66
C ASN D 108 1.41 14.02 -44.61
N PHE D 109 1.56 15.04 -43.78
CA PHE D 109 0.66 16.16 -43.62
C PHE D 109 0.32 16.71 -45.00
N LEU D 110 1.35 17.04 -45.78
CA LEU D 110 1.16 17.65 -47.06
C LEU D 110 0.45 16.76 -48.04
N VAL D 111 0.82 15.47 -48.09
CA VAL D 111 0.19 14.60 -49.08
C VAL D 111 -1.31 14.55 -48.75
N ASN D 112 -1.65 14.25 -47.49
CA ASN D 112 -3.05 14.08 -47.10
C ASN D 112 -3.84 15.39 -47.25
N SER D 113 -3.28 16.50 -46.79
CA SER D 113 -3.95 17.77 -46.79
C SER D 113 -4.07 18.34 -48.21
N LEU D 114 -3.07 18.15 -49.06
CA LEU D 114 -3.19 18.57 -50.41
C LEU D 114 -4.26 17.81 -51.15
N ALA D 115 -4.40 16.53 -50.84
CA ALA D 115 -5.42 15.73 -51.42
C ALA D 115 -6.85 16.06 -50.88
N LYS D 116 -6.99 16.19 -49.57
CA LYS D 116 -8.31 16.46 -48.97
C LYS D 116 -8.77 17.89 -49.35
N SER D 117 -7.83 18.78 -49.57
CA SER D 117 -8.09 20.17 -49.93
C SER D 117 -8.52 20.29 -51.41
N GLY D 118 -8.48 19.22 -52.18
CA GLY D 118 -8.83 19.33 -53.60
C GLY D 118 -7.73 19.84 -54.51
N ILE D 119 -6.52 20.01 -53.98
CA ILE D 119 -5.44 20.66 -54.74
C ILE D 119 -4.67 19.71 -55.62
N LEU D 120 -4.44 18.53 -55.07
CA LEU D 120 -3.84 17.41 -55.73
C LEU D 120 -4.94 16.41 -55.91
N LYS D 121 -5.35 16.20 -57.16
CA LYS D 121 -6.50 15.32 -57.39
C LYS D 121 -6.16 14.21 -58.32
N THR D 122 -7.11 13.30 -58.49
CA THR D 122 -7.01 12.22 -59.43
C THR D 122 -6.56 12.75 -60.77
N GLU D 123 -5.54 12.15 -61.35
CA GLU D 123 -5.03 12.63 -62.63
C GLU D 123 -4.19 13.92 -62.56
N ASP D 124 -4.00 14.59 -61.41
CA ASP D 124 -2.87 15.50 -61.28
C ASP D 124 -1.60 14.63 -61.08
N THR D 125 -0.45 15.24 -61.33
CA THR D 125 0.84 14.58 -61.17
C THR D 125 1.64 15.30 -60.12
N VAL D 126 2.23 14.52 -59.22
CA VAL D 126 3.29 15.00 -58.34
C VAL D 126 4.65 14.51 -58.88
N LEU D 127 5.57 15.43 -58.95
CA LEU D 127 6.86 15.19 -59.51
C LEU D 127 7.85 15.22 -58.33
N ILE D 128 8.51 14.09 -58.13
CA ILE D 128 9.62 13.97 -57.17
C ILE D 128 10.87 13.52 -57.93
N SER D 129 11.98 13.29 -57.23
CA SER D 129 13.24 12.77 -57.84
C SER D 129 13.54 11.35 -57.45
N GLN D 130 14.42 10.72 -58.21
CA GLN D 130 14.78 9.31 -57.98
C GLN D 130 15.65 9.14 -56.71
N VAL D 131 16.20 10.24 -56.21
CA VAL D 131 17.09 10.19 -55.06
C VAL D 131 16.41 10.45 -53.71
N GLU D 132 15.07 10.57 -53.70
CA GLU D 132 14.42 10.94 -52.45
C GLU D 132 14.62 9.85 -51.35
N HIS D 133 14.82 10.34 -50.16
CA HIS D 133 14.61 9.56 -48.92
C HIS D 133 13.16 9.02 -48.92
N HIS D 134 12.96 7.85 -48.30
CA HIS D 134 11.65 7.30 -48.17
C HIS D 134 10.60 8.28 -47.56
N ALA D 135 11.01 9.21 -46.71
CA ALA D 135 10.06 10.15 -46.12
C ALA D 135 9.40 11.01 -47.20
N ASN D 136 10.11 11.28 -48.29
CA ASN D 136 9.61 12.03 -49.40
C ASN D 136 9.39 11.19 -50.64
N LEU D 137 9.02 9.94 -50.46
CA LEU D 137 8.77 9.04 -51.58
C LEU D 137 7.63 8.11 -51.29
N VAL D 138 7.70 7.38 -50.17
CA VAL D 138 6.73 6.36 -49.85
C VAL D 138 5.32 6.99 -49.60
N PRO D 139 5.24 8.14 -48.91
CA PRO D 139 3.85 8.71 -48.82
C PRO D 139 3.13 8.96 -50.17
N TRP D 140 3.86 9.53 -51.12
CA TRP D 140 3.34 9.77 -52.48
C TRP D 140 2.98 8.49 -53.18
N VAL D 141 3.87 7.50 -53.14
CA VAL D 141 3.61 6.23 -53.84
C VAL D 141 2.43 5.49 -53.24
N ARG D 142 2.44 5.31 -51.92
CA ARG D 142 1.37 4.58 -51.35
C ARG D 142 0.04 5.36 -51.46
N LEU D 143 0.04 6.66 -51.15
CA LEU D 143 -1.23 7.41 -51.09
C LEU D 143 -1.77 7.69 -52.52
N SER D 144 -0.92 7.62 -53.54
CA SER D 144 -1.41 7.67 -54.92
C SER D 144 -2.44 6.58 -55.18
N LYS D 145 -2.32 5.44 -54.51
CA LYS D 145 -3.26 4.37 -54.67
C LYS D 145 -4.59 4.60 -53.96
N PHE D 146 -4.65 5.50 -53.00
CA PHE D 146 -5.91 5.81 -52.34
C PHE D 146 -6.58 7.06 -52.97
N TYR D 147 -5.82 8.06 -53.38
CA TYR D 147 -6.39 9.31 -53.85
C TYR D 147 -6.31 9.42 -55.38
N GLY D 148 -5.52 8.58 -56.01
CA GLY D 148 -5.56 8.45 -57.46
C GLY D 148 -4.76 9.47 -58.22
N PHE D 149 -3.98 10.34 -57.60
CA PHE D 149 -3.02 11.15 -58.35
C PHE D 149 -1.87 10.28 -58.95
N LYS D 150 -1.02 10.84 -59.79
CA LYS D 150 0.09 10.07 -60.42
C LYS D 150 1.42 10.57 -59.86
N VAL D 151 2.42 9.69 -59.84
CA VAL D 151 3.77 10.05 -59.38
C VAL D 151 4.74 9.99 -60.55
N ALA D 152 5.53 11.03 -60.76
CA ALA D 152 6.55 11.00 -61.80
C ALA D 152 7.87 11.29 -61.17
N TYR D 153 8.95 10.94 -61.87
CA TYR D 153 10.33 11.12 -61.35
C TYR D 153 11.27 11.91 -62.21
N ILE D 154 11.99 12.83 -61.60
CA ILE D 154 13.19 13.42 -62.24
C ILE D 154 14.30 12.35 -62.08
N THR D 155 14.95 12.01 -63.18
CA THR D 155 15.90 10.91 -63.16
C THR D 155 17.29 11.31 -62.72
N ALA D 156 17.96 10.33 -62.12
CA ALA D 156 19.33 10.52 -61.61
C ALA D 156 20.31 9.77 -62.52
N ASP D 157 21.53 10.28 -62.67
CA ASP D 157 22.51 9.63 -63.52
C ASP D 157 23.10 8.43 -62.73
N GLU D 158 24.14 7.77 -63.28
CA GLU D 158 24.55 6.47 -62.71
C GLU D 158 25.37 6.58 -61.42
N LYS D 159 25.88 7.78 -61.13
CA LYS D 159 26.42 8.12 -59.82
C LYS D 159 25.43 8.74 -58.76
N GLY D 160 24.14 8.78 -59.11
CA GLY D 160 23.09 9.35 -58.28
C GLY D 160 22.87 10.85 -58.40
N VAL D 161 23.44 11.48 -59.42
CA VAL D 161 23.40 12.93 -59.54
C VAL D 161 22.14 13.37 -60.34
N ILE D 162 21.56 14.48 -59.90
CA ILE D 162 20.43 15.14 -60.59
C ILE D 162 21.05 16.29 -61.30
N THR D 163 21.20 16.18 -62.61
CA THR D 163 21.86 17.22 -63.41
C THR D 163 20.82 18.27 -63.83
N ASN D 164 21.30 19.50 -64.08
CA ASN D 164 20.45 20.56 -64.63
C ASN D 164 19.72 20.11 -65.89
N GLU D 165 20.42 19.34 -66.72
CA GLU D 165 19.85 18.75 -67.94
C GLU D 165 18.68 17.83 -67.71
N SER D 166 18.76 17.03 -66.65
CA SER D 166 17.69 16.08 -66.32
C SER D 166 16.40 16.81 -65.97
N ILE D 167 16.58 17.92 -65.28
CA ILE D 167 15.50 18.69 -64.79
C ILE D 167 14.80 19.35 -65.99
N LEU D 168 15.59 19.84 -66.94
CA LEU D 168 15.06 20.53 -68.12
C LEU D 168 14.40 19.48 -69.02
N LYS D 169 15.05 18.35 -69.18
CA LYS D 169 14.45 17.25 -69.89
C LYS D 169 13.07 16.88 -69.32
N THR D 170 12.98 16.88 -67.98
CA THR D 170 11.75 16.48 -67.35
C THR D 170 10.66 17.51 -67.64
N LYS D 171 11.01 18.79 -67.58
CA LYS D 171 10.10 19.88 -67.99
C LYS D 171 9.46 19.65 -69.40
N GLU D 172 10.24 19.11 -70.33
CA GLU D 172 9.75 18.83 -71.67
C GLU D 172 8.69 17.77 -71.65
N SER D 173 8.86 16.72 -70.87
CA SER D 173 7.82 15.69 -70.74
C SER D 173 6.66 16.07 -69.80
N ILE D 174 6.89 16.94 -68.84
CA ILE D 174 5.88 17.19 -67.81
C ILE D 174 5.95 18.64 -67.51
N PRO D 175 5.37 19.45 -68.40
CA PRO D 175 5.54 20.91 -68.27
C PRO D 175 4.78 21.46 -67.06
N ASN D 176 3.72 20.78 -66.69
CA ASN D 176 2.77 21.38 -65.79
C ASN D 176 2.41 20.40 -64.63
N PRO D 177 3.41 19.95 -63.83
CA PRO D 177 3.03 19.08 -62.71
C PRO D 177 2.32 19.92 -61.63
N LYS D 178 1.32 19.36 -60.98
CA LYS D 178 0.63 20.10 -59.93
C LYS D 178 1.54 20.34 -58.73
N VAL D 179 2.25 19.29 -58.33
CA VAL D 179 3.14 19.38 -57.15
C VAL D 179 4.55 18.89 -57.56
N VAL D 180 5.54 19.64 -57.12
CA VAL D 180 6.92 19.22 -57.16
C VAL D 180 7.42 19.16 -55.70
N SER D 181 7.89 17.97 -55.34
CA SER D 181 8.47 17.71 -54.04
C SER D 181 9.88 17.11 -54.24
N ILE D 182 10.87 17.86 -53.80
CA ILE D 182 12.25 17.54 -54.00
C ILE D 182 13.12 17.84 -52.78
N THR D 183 14.18 17.03 -52.62
CA THR D 183 15.13 17.17 -51.52
C THR D 183 15.90 18.41 -51.72
N GLY D 184 16.15 19.09 -50.62
CA GLY D 184 17.07 20.21 -50.65
C GLY D 184 18.52 19.68 -50.76
N GLN D 185 18.73 18.43 -50.32
CA GLN D 185 20.12 17.82 -50.28
C GLN D 185 19.96 16.36 -49.96
N SER D 186 20.44 15.51 -50.83
CA SER D 186 20.37 14.06 -50.68
C SER D 186 21.14 13.59 -49.43
N ASN D 187 20.51 12.66 -48.68
CA ASN D 187 21.18 12.02 -47.50
C ASN D 187 22.18 10.91 -47.94
N VAL D 188 22.32 10.67 -49.25
CA VAL D 188 23.21 9.62 -49.81
C VAL D 188 24.29 10.21 -50.72
N THR D 189 23.89 11.02 -51.71
CA THR D 189 24.85 11.59 -52.65
C THR D 189 25.52 12.79 -52.13
N GLY D 190 24.91 13.44 -51.13
CA GLY D 190 25.36 14.74 -50.66
C GLY D 190 25.11 15.97 -51.56
N GLN D 191 24.49 15.73 -52.71
CA GLN D 191 24.20 16.83 -53.66
C GLN D 191 23.12 17.78 -53.10
N GLU D 192 23.53 19.02 -52.86
CA GLU D 192 22.65 20.16 -52.65
C GLU D 192 21.92 20.54 -53.94
N MET D 193 20.60 20.45 -53.94
CA MET D 193 19.87 20.60 -55.18
C MET D 193 19.81 22.08 -55.62
N PRO D 194 19.62 22.32 -56.92
CA PRO D 194 19.51 23.70 -57.43
C PRO D 194 18.06 24.21 -57.28
N ILE D 195 17.71 24.66 -56.10
CA ILE D 195 16.31 24.94 -55.81
C ILE D 195 15.78 26.07 -56.71
N GLU D 196 16.57 27.11 -56.89
CA GLU D 196 16.21 28.25 -57.75
C GLU D 196 15.87 27.81 -59.15
N LEU D 197 16.74 26.99 -59.71
CA LEU D 197 16.47 26.46 -61.01
C LEU D 197 15.12 25.76 -61.02
N ILE D 198 14.88 24.88 -60.05
CA ILE D 198 13.66 24.08 -60.02
C ILE D 198 12.41 24.99 -59.87
N ARG D 199 12.52 25.99 -59.02
CA ARG D 199 11.45 26.99 -58.84
C ARG D 199 11.10 27.69 -60.18
N GLU D 200 12.12 28.15 -60.91
CA GLU D 200 11.94 28.85 -62.21
C GLU D 200 11.49 27.91 -63.30
N THR D 201 11.88 26.65 -63.24
CA THR D 201 11.45 25.70 -64.24
C THR D 201 9.98 25.26 -64.11
N PHE D 202 9.48 25.12 -62.87
CA PHE D 202 8.09 24.66 -62.64
C PHE D 202 7.39 25.74 -61.81
N LYS D 203 7.29 26.90 -62.48
CA LYS D 203 6.77 28.13 -61.96
C LYS D 203 5.41 27.98 -61.37
N ASN D 204 4.56 27.17 -61.99
CA ASN D 204 3.21 27.04 -61.51
C ASN D 204 2.97 25.88 -60.59
N ALA D 205 3.98 25.14 -60.15
CA ALA D 205 3.73 23.98 -59.32
C ALA D 205 3.72 24.42 -57.89
N THR D 206 3.04 23.65 -57.04
CA THR D 206 3.25 23.79 -55.61
C THR D 206 4.58 23.10 -55.32
N LEU D 207 5.53 23.88 -54.85
CA LEU D 207 6.88 23.45 -54.60
C LEU D 207 7.24 23.15 -53.13
N ILE D 208 7.46 21.89 -52.85
CA ILE D 208 7.83 21.42 -51.49
C ILE D 208 9.30 21.04 -51.50
N VAL D 209 10.04 21.53 -50.51
CA VAL D 209 11.44 21.09 -50.31
C VAL D 209 11.60 20.30 -49.00
N ASP D 210 12.12 19.09 -49.17
CA ASP D 210 12.62 18.29 -48.03
C ASP D 210 13.96 18.79 -47.60
N GLY D 211 13.97 19.59 -46.54
CA GLY D 211 15.16 20.22 -46.08
C GLY D 211 15.94 19.57 -44.95
N ALA D 212 15.61 18.32 -44.63
CA ALA D 212 16.17 17.67 -43.47
C ALA D 212 17.70 17.62 -43.40
N GLN D 213 18.37 17.40 -44.54
CA GLN D 213 19.88 17.38 -44.55
C GLN D 213 20.45 18.76 -44.76
N LEU D 214 19.66 19.62 -45.39
CA LEU D 214 20.12 20.96 -45.81
C LEU D 214 20.16 21.99 -44.74
N VAL D 215 19.03 22.16 -44.06
CA VAL D 215 18.85 23.20 -43.07
C VAL D 215 19.87 23.23 -41.96
N PRO D 216 20.32 22.05 -41.48
CA PRO D 216 21.34 22.06 -40.46
C PRO D 216 22.67 22.74 -40.76
N HIS D 217 23.07 22.89 -42.01
CA HIS D 217 24.40 23.48 -42.30
C HIS D 217 24.47 24.55 -43.38
N LYS D 218 23.33 24.92 -43.98
CA LYS D 218 23.27 25.96 -44.96
C LYS D 218 22.09 26.93 -44.71
N LYS D 219 22.36 28.23 -44.77
CA LYS D 219 21.30 29.26 -44.66
C LYS D 219 20.16 29.02 -45.63
N VAL D 220 18.92 29.07 -45.15
CA VAL D 220 17.72 28.89 -46.02
C VAL D 220 16.84 30.13 -45.79
N ASP D 221 16.56 30.86 -46.86
CA ASP D 221 15.71 32.04 -46.82
C ASP D 221 14.48 31.68 -47.63
N VAL D 222 13.38 31.33 -46.96
CA VAL D 222 12.25 30.78 -47.73
C VAL D 222 11.62 31.81 -48.69
N LYS D 223 11.71 33.11 -48.40
CA LYS D 223 11.15 34.15 -49.32
C LYS D 223 11.96 34.27 -50.60
N LYS D 224 13.28 34.34 -50.46
CA LYS D 224 14.17 34.39 -51.61
C LYS D 224 14.05 33.14 -52.44
N LEU D 225 14.02 31.97 -51.82
CA LEU D 225 13.86 30.75 -52.60
C LEU D 225 12.50 30.62 -53.21
N ASP D 226 11.49 31.20 -52.56
CA ASP D 226 10.09 31.21 -53.04
C ASP D 226 9.43 29.84 -53.07
N VAL D 227 9.88 29.01 -52.12
CA VAL D 227 9.30 27.68 -51.98
C VAL D 227 7.95 27.86 -51.33
N ASP D 228 7.04 27.01 -51.70
CA ASP D 228 5.73 26.95 -51.15
C ASP D 228 5.67 26.28 -49.74
N PHE D 229 6.45 25.21 -49.53
CA PHE D 229 6.50 24.43 -48.27
C PHE D 229 7.95 23.93 -48.10
N LEU D 230 8.39 23.87 -46.85
CA LEU D 230 9.71 23.32 -46.44
C LEU D 230 9.53 22.60 -45.11
N VAL D 231 10.21 21.47 -44.98
CA VAL D 231 10.20 20.62 -43.81
C VAL D 231 11.61 20.30 -43.38
N PHE D 232 11.80 20.23 -42.06
CA PHE D 232 13.06 19.71 -41.46
C PHE D 232 12.83 19.17 -40.06
N SER D 233 13.87 18.54 -39.53
CA SER D 233 13.80 17.89 -38.26
C SER D 233 14.79 18.49 -37.27
N GLY D 234 14.31 18.66 -36.06
CA GLY D 234 15.10 19.17 -34.97
C GLY D 234 16.36 18.35 -34.64
N HIS D 235 16.26 17.01 -34.69
CA HIS D 235 17.33 16.18 -34.12
C HIS D 235 18.59 16.24 -34.99
N LYS D 236 18.45 16.68 -36.26
CA LYS D 236 19.59 16.82 -37.19
C LYS D 236 20.30 18.15 -37.15
N ILE D 237 19.80 19.08 -36.33
CA ILE D 237 20.40 20.38 -36.15
C ILE D 237 20.70 20.61 -34.65
N LEU D 238 21.28 19.60 -34.00
CA LEU D 238 21.66 19.61 -32.57
C LEU D 238 20.47 19.60 -31.63
N GLY D 239 19.29 19.48 -32.20
CA GLY D 239 18.08 19.69 -31.39
C GLY D 239 17.54 18.43 -30.74
N PRO D 240 16.48 18.60 -29.96
CA PRO D 240 15.71 17.50 -29.38
C PRO D 240 15.13 16.53 -30.39
N THR D 241 14.82 15.32 -29.92
CA THR D 241 14.05 14.43 -30.71
C THR D 241 12.54 14.83 -30.57
N GLY D 242 11.77 14.26 -31.46
CA GLY D 242 10.32 14.43 -31.45
C GLY D 242 9.75 15.75 -31.99
N ILE D 243 10.61 16.62 -32.55
CA ILE D 243 10.17 17.93 -32.98
C ILE D 243 10.66 18.20 -34.37
N GLY D 244 9.77 18.66 -35.22
CA GLY D 244 10.08 19.11 -36.56
C GLY D 244 9.38 20.41 -36.89
N VAL D 245 9.58 20.88 -38.11
CA VAL D 245 9.03 22.13 -38.60
C VAL D 245 8.47 21.93 -39.97
N LEU D 246 7.33 22.57 -40.20
CA LEU D 246 6.72 22.72 -41.50
C LEU D 246 6.44 24.22 -41.68
N TYR D 247 7.09 24.75 -42.71
CA TYR D 247 6.86 26.10 -43.17
C TYR D 247 5.93 26.00 -44.36
N GLY D 248 4.98 26.91 -44.43
CA GLY D 248 4.18 27.11 -45.67
C GLY D 248 3.86 28.61 -45.88
N LYS D 249 3.76 29.01 -47.15
CA LYS D 249 3.29 30.37 -47.48
C LYS D 249 1.92 30.58 -46.85
N LYS D 250 1.74 31.66 -46.16
CA LYS D 250 0.44 31.97 -45.52
C LYS D 250 -0.77 31.75 -46.43
N ALA D 251 -0.69 32.19 -47.69
CA ALA D 251 -1.85 32.16 -48.57
C ALA D 251 -2.23 30.73 -48.92
N LEU D 252 -1.22 29.86 -49.00
CA LEU D 252 -1.46 28.44 -49.23
C LEU D 252 -1.98 27.73 -47.96
N LEU D 253 -1.41 28.06 -46.79
CA LEU D 253 -1.82 27.45 -45.52
C LEU D 253 -3.25 27.74 -45.18
N GLU D 254 -3.66 28.96 -45.46
CA GLU D 254 -5.07 29.36 -45.19
C GLU D 254 -6.09 28.53 -45.96
N GLN D 255 -5.72 27.94 -47.08
CA GLN D 255 -6.65 27.13 -47.85
C GLN D 255 -6.60 25.61 -47.55
N LEU D 256 -5.69 25.17 -46.68
CA LEU D 256 -5.45 23.71 -46.55
C LEU D 256 -6.38 23.10 -45.54
N GLU D 257 -7.02 22.02 -45.88
CA GLU D 257 -7.64 21.18 -44.83
C GLU D 257 -6.58 20.70 -43.77
N PRO D 258 -6.91 20.81 -42.49
CA PRO D 258 -5.99 20.27 -41.49
C PRO D 258 -5.73 18.80 -41.65
N PHE D 259 -4.52 18.38 -41.37
CA PHE D 259 -4.19 16.95 -41.45
C PHE D 259 -4.77 16.22 -40.25
N LEU D 260 -4.38 16.62 -39.05
CA LEU D 260 -4.86 16.03 -37.80
C LEU D 260 -5.87 16.91 -37.12
N TYR D 261 -6.74 16.29 -36.29
CA TYR D 261 -7.81 17.01 -35.64
C TYR D 261 -7.78 16.77 -34.19
N GLY D 262 -8.20 17.77 -33.42
CA GLY D 262 -8.42 17.67 -31.99
C GLY D 262 -8.46 19.00 -31.30
N GLY D 263 -7.96 19.04 -30.08
CA GLY D 263 -7.92 20.26 -29.30
C GLY D 263 -6.98 21.31 -29.86
N GLU D 264 -7.27 22.55 -29.47
CA GLU D 264 -6.54 23.74 -29.87
C GLU D 264 -6.68 24.14 -31.29
N MET D 265 -6.75 23.18 -32.18
CA MET D 265 -6.84 23.54 -33.59
C MET D 265 -8.24 23.96 -34.05
N ILE D 266 -9.21 23.76 -33.21
CA ILE D 266 -10.62 24.06 -33.51
C ILE D 266 -10.97 25.50 -33.01
N ASP D 267 -12.16 26.01 -33.39
CA ASP D 267 -12.67 27.27 -32.89
C ASP D 267 -14.03 26.90 -32.28
N LYS D 268 -15.01 26.48 -33.09
CA LYS D 268 -16.23 25.88 -32.49
C LYS D 268 -16.44 24.42 -32.88
N VAL D 269 -16.89 23.65 -31.93
CA VAL D 269 -17.23 22.26 -32.11
C VAL D 269 -18.63 22.00 -31.59
N THR D 270 -19.44 21.34 -32.40
CA THR D 270 -20.69 20.83 -31.90
C THR D 270 -20.60 19.33 -32.14
N PHE D 271 -21.63 18.60 -31.72
CA PHE D 271 -21.76 17.16 -32.03
C PHE D 271 -21.68 16.77 -33.47
N GLU D 272 -22.03 17.70 -34.38
CA GLU D 272 -22.15 17.42 -35.77
C GLU D 272 -21.21 18.22 -36.66
N ASP D 273 -20.60 19.32 -36.20
CA ASP D 273 -19.80 20.17 -37.10
C ASP D 273 -18.65 20.80 -36.37
N VAL D 274 -17.59 21.15 -37.10
CA VAL D 274 -16.50 21.92 -36.52
C VAL D 274 -16.02 23.08 -37.38
N THR D 275 -15.44 24.09 -36.76
CA THR D 275 -14.71 25.11 -37.46
C THR D 275 -13.30 25.21 -36.81
N PHE D 276 -12.36 25.88 -37.51
CA PHE D 276 -10.93 25.79 -37.16
C PHE D 276 -10.40 27.09 -36.62
N ASN D 277 -9.36 27.00 -35.78
CA ASN D 277 -8.63 28.14 -35.25
C ASN D 277 -7.86 28.84 -36.42
N VAL D 278 -7.27 29.97 -36.13
CA VAL D 278 -6.44 30.70 -37.12
C VAL D 278 -5.06 30.04 -37.18
N LEU D 279 -4.27 30.43 -38.19
CA LEU D 279 -2.85 30.05 -38.32
C LEU D 279 -2.10 30.62 -37.19
N PRO D 280 -1.08 29.91 -36.67
CA PRO D 280 -0.69 28.59 -37.08
C PRO D 280 -1.45 27.45 -36.35
N TYR D 281 -2.26 27.82 -35.36
CA TYR D 281 -2.84 26.86 -34.41
C TYR D 281 -3.76 25.80 -35.08
N ARG D 282 -4.33 26.19 -36.20
CA ARG D 282 -5.09 25.36 -37.10
C ARG D 282 -4.45 24.03 -37.45
N PHE D 283 -3.12 24.05 -37.53
CA PHE D 283 -2.38 22.85 -37.88
C PHE D 283 -1.64 22.16 -36.74
N GLU D 284 -1.94 22.54 -35.51
CA GLU D 284 -1.36 21.95 -34.29
C GLU D 284 -2.44 21.32 -33.43
N ALA D 285 -2.65 20.03 -33.64
CA ALA D 285 -3.70 19.31 -32.93
C ALA D 285 -3.25 18.66 -31.64
N GLY D 286 -3.90 18.99 -30.54
CA GLY D 286 -3.49 18.57 -29.22
C GLY D 286 -2.14 19.09 -28.74
N THR D 287 -1.64 18.54 -27.65
CA THR D 287 -0.41 19.04 -27.01
C THR D 287 0.79 18.66 -27.87
N GLN D 288 1.49 19.70 -28.25
CA GLN D 288 2.62 19.54 -29.11
C GLN D 288 3.85 19.18 -28.29
N HIS D 289 5.01 19.01 -28.95
CA HIS D 289 6.20 18.72 -28.16
C HIS D 289 6.73 20.08 -27.61
N ILE D 290 6.12 20.51 -26.50
CA ILE D 290 6.34 21.85 -25.99
C ILE D 290 7.79 22.09 -25.69
N THR D 291 8.39 21.25 -24.86
CA THR D 291 9.76 21.40 -24.50
C THR D 291 10.73 21.16 -25.70
N GLY D 292 10.28 20.36 -26.63
CA GLY D 292 10.99 20.16 -27.88
C GLY D 292 11.14 21.39 -28.72
N ALA D 293 10.05 22.13 -28.88
CA ALA D 293 10.07 23.36 -29.59
C ALA D 293 10.93 24.39 -28.84
N VAL D 294 10.77 24.52 -27.55
CA VAL D 294 11.54 25.46 -26.77
C VAL D 294 13.06 25.13 -26.90
N GLY D 295 13.35 23.84 -26.91
CA GLY D 295 14.73 23.36 -27.08
C GLY D 295 15.30 23.63 -28.45
N LEU D 296 14.51 23.43 -29.50
CA LEU D 296 14.91 23.79 -30.80
C LEU D 296 15.23 25.30 -30.91
N GLY D 297 14.42 26.11 -30.26
CA GLY D 297 14.73 27.52 -30.24
C GLY D 297 16.04 27.85 -29.53
N TYR D 298 16.33 27.24 -28.40
CA TYR D 298 17.61 27.36 -27.74
C TYR D 298 18.79 26.85 -28.57
N THR D 299 18.52 25.87 -29.40
CA THR D 299 19.49 25.34 -30.30
C THR D 299 19.80 26.33 -31.44
N ILE D 300 18.78 26.97 -31.97
CA ILE D 300 18.96 28.00 -32.97
C ILE D 300 19.72 29.18 -32.32
N ASP D 301 19.36 29.61 -31.13
CA ASP D 301 20.14 30.65 -30.42
C ASP D 301 21.69 30.24 -30.31
N TYR D 302 21.95 28.99 -29.95
CA TYR D 302 23.34 28.50 -29.74
C TYR D 302 24.08 28.61 -31.08
N LEU D 303 23.44 28.22 -32.19
CA LEU D 303 24.09 28.25 -33.43
C LEU D 303 24.29 29.69 -33.87
N GLU D 304 23.27 30.54 -33.67
CA GLU D 304 23.43 31.97 -33.98
C GLU D 304 24.54 32.60 -33.14
N SER D 305 24.71 32.20 -31.89
CA SER D 305 25.74 32.75 -31.04
C SER D 305 27.14 32.37 -31.56
N ILE D 306 27.31 31.19 -32.19
CA ILE D 306 28.56 30.85 -32.86
C ILE D 306 28.70 31.67 -34.11
N GLY D 307 27.61 31.77 -34.86
CA GLY D 307 27.59 32.47 -36.14
C GLY D 307 27.31 31.46 -37.20
N PHE D 308 26.10 31.46 -37.75
CA PHE D 308 25.69 30.33 -38.56
C PHE D 308 26.46 30.32 -39.87
N GLU D 309 26.98 31.47 -40.25
CA GLU D 309 27.79 31.55 -41.45
C GLU D 309 29.12 30.76 -41.27
N LYS D 310 29.72 30.89 -40.11
CA LYS D 310 30.90 30.10 -39.75
C LYS D 310 30.60 28.60 -39.66
N VAL D 311 29.37 28.25 -39.24
CA VAL D 311 28.95 26.84 -39.21
C VAL D 311 28.99 26.31 -40.60
N GLU D 312 28.32 27.02 -41.50
CA GLU D 312 28.24 26.66 -42.89
C GLU D 312 29.64 26.51 -43.55
N LYS D 313 30.50 27.49 -43.31
CA LYS D 313 31.86 27.47 -43.84
C LYS D 313 32.74 26.34 -43.28
N HIS D 314 32.67 26.10 -41.98
CA HIS D 314 33.35 24.97 -41.35
C HIS D 314 32.92 23.64 -41.97
N VAL D 315 31.60 23.40 -42.09
CA VAL D 315 31.10 22.18 -42.71
C VAL D 315 31.57 22.07 -44.14
N GLU D 316 31.62 23.19 -44.88
CA GLU D 316 32.16 23.17 -46.27
C GLU D 316 33.62 22.70 -46.29
N GLU D 317 34.41 23.24 -45.39
CA GLU D 317 35.86 22.95 -45.28
C GLU D 317 36.09 21.47 -44.93
N LEU D 318 35.36 20.98 -43.95
CA LEU D 318 35.43 19.59 -43.59
C LEU D 318 34.97 18.72 -44.72
N SER D 319 33.95 19.14 -45.47
CA SER D 319 33.36 18.35 -46.56
C SER D 319 34.37 18.16 -47.71
N ASN D 320 35.01 19.24 -48.07
CA ASN D 320 35.96 19.24 -49.18
C ASN D 320 37.16 18.38 -48.80
N TYR D 321 37.53 18.40 -47.53
CA TYR D 321 38.62 17.54 -47.07
C TYR D 321 38.28 16.06 -47.04
N LEU D 322 37.10 15.70 -46.54
CA LEU D 322 36.59 14.33 -46.61
C LEU D 322 36.54 13.79 -48.03
N LEU D 323 36.02 14.60 -48.94
CA LEU D 323 35.85 14.14 -50.32
C LEU D 323 37.26 13.97 -50.99
N GLU D 324 38.17 14.87 -50.70
CA GLU D 324 39.50 14.81 -51.29
C GLU D 324 40.20 13.54 -50.79
N LYS D 325 40.25 13.34 -49.47
CA LYS D 325 40.84 12.13 -48.92
C LYS D 325 40.21 10.85 -49.44
N MET D 326 38.91 10.79 -49.53
CA MET D 326 38.25 9.59 -49.99
C MET D 326 38.53 9.28 -51.48
N MET D 327 38.61 10.32 -52.30
CA MET D 327 38.90 10.16 -53.72
C MET D 327 40.34 9.66 -53.98
N GLU D 328 41.29 9.97 -53.11
CA GLU D 328 42.63 9.37 -53.17
C GLU D 328 42.69 7.86 -52.93
N LEU D 329 41.70 7.28 -52.29
CA LEU D 329 41.75 5.82 -52.01
C LEU D 329 41.42 5.00 -53.26
N ASP D 330 42.31 4.08 -53.68
CA ASP D 330 42.11 3.36 -54.94
C ASP D 330 41.25 2.13 -54.74
N PHE D 331 41.01 1.74 -53.48
CA PHE D 331 40.16 0.59 -53.21
C PHE D 331 38.68 0.91 -52.82
N VAL D 332 38.25 2.16 -53.02
CA VAL D 332 36.82 2.56 -52.73
C VAL D 332 36.07 2.98 -53.99
N GLU D 333 34.76 2.83 -53.99
CA GLU D 333 33.90 3.44 -54.99
C GLU D 333 33.02 4.47 -54.25
N VAL D 334 33.07 5.72 -54.74
CA VAL D 334 32.41 6.87 -54.16
C VAL D 334 31.20 7.31 -55.01
N TYR D 335 30.09 7.66 -54.36
CA TYR D 335 28.87 8.02 -55.07
C TYR D 335 28.59 9.53 -54.95
N GLY D 336 27.72 10.01 -55.84
CA GLY D 336 27.37 11.41 -55.87
C GLY D 336 28.23 12.24 -56.80
N PRO D 337 27.95 13.54 -56.86
CA PRO D 337 28.69 14.36 -57.79
C PRO D 337 30.03 14.64 -57.25
N ILE D 338 30.97 14.95 -58.13
CA ILE D 338 32.30 15.30 -57.68
C ILE D 338 32.59 16.74 -57.95
N ASP D 339 31.70 17.62 -57.52
CA ASP D 339 31.85 19.05 -57.78
C ASP D 339 31.41 19.80 -56.53
N SER D 340 31.27 21.11 -56.63
CA SER D 340 31.06 21.88 -55.41
C SER D 340 29.60 21.74 -54.87
N SER D 341 28.69 21.07 -55.59
CA SER D 341 27.35 20.73 -55.05
C SER D 341 27.38 19.61 -53.98
N HIS D 342 28.52 18.90 -53.85
CA HIS D 342 28.64 17.76 -52.92
C HIS D 342 29.01 18.31 -51.56
N LYS D 343 28.14 18.16 -50.56
CA LYS D 343 28.41 18.71 -49.22
C LYS D 343 28.08 17.68 -48.16
N SER D 344 28.63 17.84 -46.95
CA SER D 344 28.18 17.14 -45.75
C SER D 344 28.56 15.69 -45.54
N LEU D 345 28.47 14.90 -46.59
CA LEU D 345 28.55 13.48 -46.41
C LEU D 345 29.08 12.78 -47.66
N VAL D 346 29.63 11.59 -47.48
CA VAL D 346 30.12 10.78 -48.60
C VAL D 346 29.70 9.37 -48.39
N SER D 347 28.99 8.84 -49.35
CA SER D 347 28.56 7.50 -49.36
C SER D 347 29.54 6.75 -50.28
N PHE D 348 29.87 5.50 -49.90
CA PHE D 348 30.94 4.75 -50.60
C PHE D 348 30.90 3.29 -50.25
N ASN D 349 31.64 2.51 -51.05
CA ASN D 349 31.81 1.12 -50.76
C ASN D 349 33.35 0.80 -50.83
N VAL D 350 33.80 -0.06 -49.92
CA VAL D 350 35.14 -0.64 -49.95
C VAL D 350 35.06 -1.93 -50.78
N LYS D 351 35.86 -1.96 -51.84
CA LYS D 351 35.90 -3.10 -52.77
C LYS D 351 36.15 -4.40 -52.04
N GLY D 352 35.24 -5.34 -52.07
CA GLY D 352 35.46 -6.65 -51.47
C GLY D 352 34.91 -6.83 -50.07
N VAL D 353 34.39 -5.77 -49.47
CA VAL D 353 33.91 -5.82 -48.09
C VAL D 353 32.44 -5.30 -48.03
N HIS D 354 31.53 -6.11 -47.51
CA HIS D 354 30.15 -5.68 -47.23
C HIS D 354 30.12 -4.38 -46.34
N PRO D 355 29.24 -3.41 -46.70
CA PRO D 355 29.24 -2.15 -45.95
C PRO D 355 29.02 -2.36 -44.45
N HIS D 356 28.18 -3.28 -44.04
CA HIS D 356 27.98 -3.50 -42.60
C HIS D 356 29.25 -3.91 -41.84
N ASP D 357 30.08 -4.74 -42.49
CA ASP D 357 31.44 -5.08 -41.94
C ASP D 357 32.29 -3.87 -41.87
N VAL D 358 32.27 -3.05 -42.91
CA VAL D 358 33.10 -1.85 -42.88
C VAL D 358 32.74 -1.02 -41.62
N SER D 359 31.45 -0.81 -41.41
CA SER D 359 31.04 0.07 -40.33
C SER D 359 31.33 -0.56 -38.97
N HIS D 360 31.06 -1.85 -38.84
CA HIS D 360 31.32 -2.57 -37.59
C HIS D 360 32.81 -2.49 -37.22
N ILE D 361 33.66 -2.60 -38.21
CA ILE D 361 35.11 -2.64 -37.93
C ILE D 361 35.59 -1.24 -37.54
N LEU D 362 35.12 -0.23 -38.28
CA LEU D 362 35.45 1.17 -37.93
C LEU D 362 35.04 1.49 -36.48
N ASP D 363 33.87 1.06 -36.08
CA ASP D 363 33.41 1.33 -34.71
C ASP D 363 34.22 0.55 -33.65
N GLU D 364 34.28 -0.75 -33.83
CA GLU D 364 34.93 -1.71 -32.92
C GLU D 364 36.46 -1.43 -32.75
N ASN D 365 37.13 -0.89 -33.77
CA ASN D 365 38.61 -0.74 -33.77
C ASN D 365 39.15 0.66 -33.81
N PHE D 366 38.37 1.63 -34.32
CA PHE D 366 38.86 3.00 -34.53
C PHE D 366 37.97 4.09 -33.85
N GLY D 367 36.96 3.65 -33.15
CA GLY D 367 35.99 4.53 -32.45
C GLY D 367 35.07 5.29 -33.42
N VAL D 368 35.03 4.87 -34.69
CA VAL D 368 34.46 5.65 -35.76
C VAL D 368 33.00 5.21 -36.01
N ALA D 369 32.09 6.19 -35.92
CA ALA D 369 30.67 5.97 -36.15
C ALA D 369 30.30 6.41 -37.56
N THR D 370 29.84 5.42 -38.35
CA THR D 370 29.38 5.58 -39.71
C THR D 370 28.15 4.71 -39.83
N ARG D 371 27.40 4.86 -40.91
CA ARG D 371 26.23 4.08 -41.13
C ARG D 371 26.35 3.34 -42.44
N SER D 372 25.84 2.13 -42.47
CA SER D 372 25.78 1.31 -43.65
C SER D 372 24.32 0.97 -43.93
N GLY D 373 24.02 0.49 -45.14
CA GLY D 373 22.69 0.08 -45.51
C GLY D 373 22.16 0.95 -46.66
N HIS D 374 20.84 0.90 -46.82
CA HIS D 374 20.13 1.59 -47.92
C HIS D 374 19.91 3.07 -47.63
N HIS D 375 20.10 3.51 -46.39
CA HIS D 375 19.94 4.95 -46.00
C HIS D 375 18.51 5.47 -46.30
N ALA D 377 16.75 4.75 -48.78
CA ALA D 377 16.67 5.18 -50.17
C ALA D 377 16.90 4.03 -51.15
N GLN D 378 16.10 2.99 -51.02
CA GLN D 378 16.17 1.81 -51.83
C GLN D 378 16.10 2.08 -53.33
N PRO D 379 15.09 2.83 -53.78
CA PRO D 379 15.10 3.04 -55.21
C PRO D 379 16.43 3.57 -55.74
N LEU D 380 17.02 4.55 -55.06
CA LEU D 380 18.31 5.10 -55.43
C LEU D 380 19.46 4.06 -55.45
N MET D 381 19.47 3.13 -54.51
CA MET D 381 20.47 2.06 -54.53
C MET D 381 20.40 1.30 -55.85
N GLY D 382 19.23 1.11 -56.39
CA GLY D 382 19.08 0.40 -57.67
C GLY D 382 19.67 1.18 -58.81
N VAL D 383 19.65 2.51 -58.72
CA VAL D 383 20.28 3.39 -59.71
C VAL D 383 21.80 3.36 -59.55
N LEU D 384 22.23 3.34 -58.31
CA LEU D 384 23.65 3.22 -58.04
C LEU D 384 24.21 1.88 -58.54
N ALA D 385 23.42 0.83 -58.41
CA ALA D 385 23.80 -0.51 -58.82
C ALA D 385 24.16 -0.53 -60.30
N LYS D 386 23.25 0.03 -61.12
CA LYS D 386 23.49 0.13 -62.57
C LYS D 386 24.78 0.82 -62.88
N GLY D 387 25.19 1.81 -62.11
CA GLY D 387 26.46 2.50 -62.37
C GLY D 387 27.70 1.91 -61.70
N SER D 388 27.53 0.86 -60.91
CA SER D 388 28.64 0.40 -60.10
C SER D 388 29.62 -0.35 -60.97
N LYS D 389 30.90 -0.24 -60.64
CA LYS D 389 31.91 -1.07 -61.29
C LYS D 389 32.49 -2.14 -60.35
N ILE D 390 31.78 -2.44 -59.27
CA ILE D 390 32.11 -3.56 -58.40
C ILE D 390 30.86 -4.37 -58.22
N ASP D 391 30.96 -5.42 -57.43
CA ASP D 391 29.82 -6.24 -57.13
C ASP D 391 29.01 -5.49 -56.08
N PHE D 392 27.99 -4.78 -56.53
CA PHE D 392 27.32 -3.83 -55.70
C PHE D 392 26.49 -4.49 -54.61
N PRO D 393 26.72 -4.10 -53.35
CA PRO D 393 25.98 -4.79 -52.29
C PRO D 393 24.57 -4.25 -52.01
N ASN D 394 24.06 -3.40 -52.90
CA ASN D 394 22.79 -2.70 -52.71
C ASN D 394 22.72 -1.88 -51.43
N SER D 395 23.86 -1.31 -51.02
CA SER D 395 24.01 -0.55 -49.77
C SER D 395 25.28 0.23 -49.91
N THR D 396 25.51 1.15 -49.00
CA THR D 396 26.77 1.86 -49.00
C THR D 396 27.10 2.10 -47.58
N VAL D 397 28.35 2.48 -47.35
CA VAL D 397 28.76 3.06 -46.10
C VAL D 397 28.63 4.55 -46.30
N ARG D 398 28.41 5.28 -45.22
CA ARG D 398 28.36 6.73 -45.34
C ARG D 398 29.01 7.40 -44.18
N ALA D 399 29.88 8.38 -44.44
CA ALA D 399 30.47 9.17 -43.40
C ALA D 399 29.96 10.59 -43.56
N SER D 400 29.67 11.27 -42.45
CA SER D 400 28.99 12.59 -42.55
C SER D 400 29.50 13.50 -41.45
N VAL D 401 29.76 14.76 -41.80
CA VAL D 401 30.45 15.70 -40.90
C VAL D 401 29.54 16.84 -40.43
N TYR D 402 29.78 17.34 -39.25
CA TYR D 402 29.03 18.48 -38.81
C TYR D 402 29.97 19.30 -37.97
N LEU D 403 29.36 20.16 -37.15
CA LEU D 403 30.02 21.33 -36.54
C LEU D 403 31.20 20.94 -35.71
N TYR D 404 31.01 19.92 -34.86
CA TYR D 404 32.01 19.46 -33.86
C TYR D 404 33.09 18.48 -34.40
N ASN D 405 33.13 18.30 -35.71
CA ASN D 405 34.08 17.40 -36.32
C ASN D 405 35.30 18.21 -36.76
N THR D 406 36.41 17.49 -36.91
CA THR D 406 37.73 18.01 -37.29
C THR D 406 38.39 17.23 -38.47
N LYS D 407 39.39 17.83 -39.07
CA LYS D 407 40.18 17.09 -40.07
C LYS D 407 40.79 15.85 -39.43
N GLU D 408 41.22 15.96 -38.19
CA GLU D 408 41.77 14.79 -37.54
C GLU D 408 40.77 13.60 -37.50
N ASP D 409 39.48 13.92 -37.30
CA ASP D 409 38.46 12.92 -37.30
C ASP D 409 38.45 12.19 -38.63
N ILE D 410 38.55 12.94 -39.72
CA ILE D 410 38.54 12.40 -41.03
C ILE D 410 39.83 11.53 -41.25
N ASP D 411 40.96 12.00 -40.75
CA ASP D 411 42.23 11.22 -40.80
C ASP D 411 42.08 9.89 -40.07
N VAL D 412 41.35 9.82 -38.94
CA VAL D 412 41.11 8.56 -38.30
C VAL D 412 40.26 7.59 -39.15
N LEU D 413 39.21 8.12 -39.76
CA LEU D 413 38.44 7.32 -40.72
C LEU D 413 39.33 6.69 -41.83
N ILE D 414 40.18 7.51 -42.44
CA ILE D 414 41.04 7.03 -43.54
C ILE D 414 41.98 5.93 -43.01
N GLU D 415 42.53 6.09 -41.80
CA GLU D 415 43.35 5.02 -41.18
C GLU D 415 42.57 3.74 -41.05
N GLY D 416 41.34 3.85 -40.57
CA GLY D 416 40.49 2.67 -40.36
C GLY D 416 40.19 1.96 -41.66
N LEU D 417 39.94 2.75 -42.71
CA LEU D 417 39.68 2.14 -44.01
C LEU D 417 40.98 1.41 -44.57
N LYS D 418 42.14 1.95 -44.29
CA LYS D 418 43.43 1.32 -44.76
C LYS D 418 43.67 0.01 -44.01
N TYR D 419 43.25 -0.02 -42.73
CA TYR D 419 43.24 -1.25 -41.93
C TYR D 419 42.35 -2.33 -42.51
N ILE D 420 41.16 -1.92 -42.90
CA ILE D 420 40.25 -2.84 -43.53
C ILE D 420 40.82 -3.37 -44.85
N ARG D 421 41.39 -2.48 -45.65
CA ARG D 421 41.98 -2.87 -46.92
C ARG D 421 43.13 -3.89 -46.68
N ARG D 422 44.04 -3.54 -45.80
CA ARG D 422 45.16 -4.43 -45.46
C ARG D 422 44.79 -5.82 -44.94
N TRP D 423 43.78 -5.99 -44.10
CA TRP D 423 43.58 -7.23 -43.37
C TRP D 423 42.29 -7.93 -43.62
N PHE D 424 41.33 -7.26 -44.27
CA PHE D 424 40.00 -7.83 -44.41
C PHE D 424 39.54 -7.89 -45.86
N GLU D 425 40.45 -7.69 -46.81
CA GLU D 425 40.20 -8.06 -48.21
C GLU D 425 40.32 -9.55 -48.52
#